data_5DQ9
#
_entry.id   5DQ9
#
_cell.length_a   338.121
_cell.length_b   52.865
_cell.length_c   75.391
_cell.angle_alpha   90.000
_cell.angle_beta   100.950
_cell.angle_gamma   90.000
#
_symmetry.space_group_name_H-M   'C 1 2 1'
#
loop_
_entity.id
_entity.type
_entity.pdbx_description
1 polymer 'S55-3 Fab (IgG2b) heavy chain'
2 polymer 'MAb 44B1 light chain'
3 branched 2-acetamido-2-deoxy-4-O-phosphono-beta-D-glucopyranose-(1-6)-2-acetamido-2-deoxy-1-O-phosphono-alpha-D-glucopyranose
4 non-polymer 'CHLORIDE ION'
5 water water
#
loop_
_entity_poly.entity_id
_entity_poly.type
_entity_poly.pdbx_seq_one_letter_code
_entity_poly.pdbx_strand_id
1 'polypeptide(L)'
;EVQLVESGGDLVKPGGSLKLSCAGSGITFSGYGMSWVRQTPDKSLEWVALISNGGSYAYYSDSVKGRFTISRDNAKNTLY
LQMSSLRSDDTAIYYCARHKGLRGGTNAMDYWGQGTSVTVSSAKTTPPSVYPLAPGCGDTTGSSVTLGCLVKGYFPESVT
VTWNSGSLSSSVHTFPALLQSGLYTMSSSVTVPSSTWPSETVTCSVAHPASSTTVDKKLEPS
;
A,C,H
2 'polypeptide(L)'
;DIVLTQSPASLAVSLGQRATIFCRASETVDSYGNSFMHWYQQKPGQPPKLLIYRASNLESGIPARFSGSGSRTDFTLTIN
PVEADDVATYYCQQSNEDPRTFGGGTKLEIKRADAAPTVSIFPPSSEQLTSGGASVVCFLNNFYPKDINVKWKIDGSERQ
NGVLNSWTDQNSKDSTYSMSSTLTLTKDEYERHNSYTCEATHKTSTSPIVKSFNRNEC
;
B,D,L
#
loop_
_chem_comp.id
_chem_comp.type
_chem_comp.name
_chem_comp.formula
CL non-polymer 'CHLORIDE ION' 'Cl -1'
GN1 D-saccharide 2-acetamido-2-deoxy-1-O-phosphono-alpha-D-glucopyranose 'C8 H16 N O9 P'
GN4 D-saccharide, beta linking 2-acetamido-2-deoxy-4-O-phosphono-beta-D-glucopyranose 'C8 H16 N O9 P'
#
# COMPACT_ATOMS: atom_id res chain seq x y z
N GLU A 1 46.35 3.36 -15.77
CA GLU A 1 46.18 2.30 -14.74
C GLU A 1 45.40 2.86 -13.54
N VAL A 2 44.65 3.96 -13.71
CA VAL A 2 43.91 4.58 -12.58
C VAL A 2 42.44 4.21 -12.61
N GLN A 3 41.92 3.71 -11.49
CA GLN A 3 40.50 3.41 -11.37
C GLN A 3 40.06 3.48 -9.92
N LEU A 4 38.92 4.13 -9.67
CA LEU A 4 38.32 4.15 -8.33
C LEU A 4 37.15 3.16 -8.30
N VAL A 5 37.33 2.10 -7.52
CA VAL A 5 36.45 0.94 -7.53
C VAL A 5 35.41 1.07 -6.41
N GLU A 6 34.15 1.20 -6.78
CA GLU A 6 33.08 1.40 -5.80
C GLU A 6 32.30 0.14 -5.64
N SER A 7 31.76 -0.07 -4.44
CA SER A 7 30.85 -1.19 -4.17
C SER A 7 29.89 -0.84 -3.08
N GLY A 8 28.86 -1.69 -2.94
CA GLY A 8 27.91 -1.62 -1.82
C GLY A 8 26.51 -1.15 -2.18
N GLY A 9 26.34 -0.61 -3.38
CA GLY A 9 25.04 -0.12 -3.81
C GLY A 9 24.03 -1.26 -3.86
N ASP A 10 22.78 -0.95 -3.50
CA ASP A 10 21.77 -2.02 -3.38
C ASP A 10 20.40 -1.41 -3.17
N LEU A 11 19.40 -2.28 -3.17
CA LEU A 11 18.05 -1.92 -2.81
C LEU A 11 17.96 -1.97 -1.31
N VAL A 12 17.39 -0.93 -0.70
CA VAL A 12 17.26 -0.85 0.74
C VAL A 12 15.90 -0.28 1.12
N LYS A 13 15.33 -0.80 2.19
CA LYS A 13 14.03 -0.31 2.67
C LYS A 13 14.15 1.06 3.31
N PRO A 14 13.11 1.90 3.18
CA PRO A 14 13.10 3.19 3.85
C PRO A 14 13.39 3.03 5.33
N GLY A 15 14.19 3.93 5.88
CA GLY A 15 14.68 3.82 7.25
C GLY A 15 15.86 2.87 7.41
N GLY A 16 16.24 2.16 6.35
CA GLY A 16 17.36 1.23 6.43
C GLY A 16 18.73 1.91 6.37
N SER A 17 19.78 1.08 6.39
CA SER A 17 21.16 1.51 6.37
C SER A 17 21.94 0.78 5.28
N LEU A 18 23.07 1.37 4.86
CA LEU A 18 23.90 0.79 3.82
C LEU A 18 25.26 1.45 3.84
N LYS A 19 26.32 0.68 3.58
CA LYS A 19 27.68 1.23 3.54
C LYS A 19 28.32 1.12 2.14
N LEU A 20 28.73 2.24 1.58
CA LEU A 20 29.42 2.24 0.29
C LEU A 20 30.91 2.33 0.54
N SER A 21 31.68 1.75 -0.37
CA SER A 21 33.14 1.70 -0.32
C SER A 21 33.69 2.19 -1.64
N CYS A 22 34.87 2.78 -1.59
CA CYS A 22 35.55 3.26 -2.79
C CYS A 22 37.05 3.09 -2.58
N ALA A 23 37.65 2.20 -3.35
CA ALA A 23 39.08 1.89 -3.20
C ALA A 23 39.87 2.27 -4.46
N GLY A 24 41.00 2.92 -4.27
CA GLY A 24 41.79 3.44 -5.34
C GLY A 24 42.73 2.40 -5.94
N SER A 25 42.59 2.16 -7.24
CA SER A 25 43.49 1.28 -7.98
C SER A 25 44.43 2.09 -8.84
N GLY A 26 45.73 1.91 -8.64
CA GLY A 26 46.76 2.66 -9.39
C GLY A 26 46.77 4.16 -9.07
N ILE A 27 46.23 4.51 -7.91
CA ILE A 27 46.20 5.90 -7.49
C ILE A 27 46.16 5.89 -5.98
N THR A 28 46.86 6.86 -5.35
CA THR A 28 46.85 7.01 -3.89
C THR A 28 45.86 8.11 -3.45
N PHE A 29 45.11 7.82 -2.40
CA PHE A 29 44.20 8.77 -1.80
C PHE A 29 44.92 9.53 -0.71
N SER A 30 45.97 8.94 -0.18
CA SER A 30 46.75 9.59 0.86
C SER A 30 47.33 10.89 0.30
N GLY A 31 47.20 11.97 1.09
CA GLY A 31 47.56 13.31 0.66
C GLY A 31 46.45 14.19 0.06
N TYR A 32 45.26 13.62 -0.11
CA TYR A 32 44.20 14.30 -0.82
C TYR A 32 42.88 14.21 -0.09
N GLY A 33 42.11 15.30 -0.17
CA GLY A 33 40.73 15.26 0.25
C GLY A 33 39.92 14.40 -0.68
N MET A 34 38.72 14.01 -0.22
CA MET A 34 37.81 13.23 -1.03
C MET A 34 36.38 13.65 -0.78
N SER A 35 35.53 13.40 -1.75
CA SER A 35 34.10 13.70 -1.66
C SER A 35 33.27 12.53 -2.13
N TRP A 36 31.98 12.55 -1.75
CA TRP A 36 30.95 11.75 -2.38
C TRP A 36 30.01 12.73 -3.04
N VAL A 37 29.54 12.37 -4.23
CA VAL A 37 28.51 13.15 -4.92
C VAL A 37 27.53 12.17 -5.54
N ARG A 38 26.28 12.57 -5.65
CA ARG A 38 25.29 11.65 -6.20
C ARG A 38 24.54 12.28 -7.39
N GLN A 39 24.08 11.39 -8.25
CA GLN A 39 23.24 11.78 -9.36
C GLN A 39 21.89 11.13 -9.18
N THR A 40 20.88 11.95 -8.95
CA THR A 40 19.52 11.48 -8.73
C THR A 40 18.89 11.14 -10.08
N PRO A 41 17.69 10.51 -10.07
CA PRO A 41 17.14 10.00 -11.34
C PRO A 41 16.84 11.07 -12.38
N ASP A 42 16.69 12.31 -11.95
CA ASP A 42 16.52 13.41 -12.91
C ASP A 42 17.82 13.81 -13.56
N LYS A 43 18.93 13.22 -13.12
CA LYS A 43 20.25 13.41 -13.71
C LYS A 43 20.97 14.64 -13.18
N SER A 44 20.50 15.26 -12.12
CA SER A 44 21.19 16.41 -11.55
C SER A 44 22.33 15.86 -10.68
N LEU A 45 23.42 16.63 -10.56
CA LEU A 45 24.49 16.28 -9.65
C LEU A 45 24.33 17.04 -8.35
N GLU A 46 24.56 16.33 -7.24
CA GLU A 46 24.43 16.90 -5.90
C GLU A 46 25.62 16.47 -5.03
N TRP A 47 26.30 17.45 -4.45
CA TRP A 47 27.45 17.19 -3.59
C TRP A 47 26.89 16.65 -2.29
N VAL A 48 27.49 15.58 -1.75
CA VAL A 48 26.99 14.91 -0.54
C VAL A 48 27.84 15.19 0.70
N ALA A 49 29.16 15.00 0.60
CA ALA A 49 30.07 15.15 1.74
C ALA A 49 31.52 15.17 1.29
N LEU A 50 32.38 15.71 2.16
CA LEU A 50 33.83 15.61 1.97
C LEU A 50 34.54 15.29 3.26
N ILE A 51 35.79 14.89 3.08
CA ILE A 51 36.67 14.54 4.17
C ILE A 51 38.12 14.89 3.78
N SER A 52 38.83 15.52 4.69
CA SER A 52 40.22 15.91 4.49
C SER A 52 41.15 14.70 4.45
N ASN A 53 42.35 14.94 3.92
CA ASN A 53 43.44 13.93 3.84
C ASN A 53 43.49 12.88 4.94
N GLY A 54 43.77 13.31 6.18
CA GLY A 54 43.91 12.38 7.28
C GLY A 54 42.62 12.12 8.06
N GLY A 55 41.52 12.75 7.62
CA GLY A 55 40.23 12.57 8.27
C GLY A 55 39.94 13.53 9.43
N SER A 56 40.75 14.56 9.62
CA SER A 56 40.48 15.55 10.69
C SER A 56 39.21 16.36 10.49
N TYR A 57 38.87 16.65 9.23
CA TYR A 57 37.82 17.58 8.85
C TYR A 57 36.80 16.84 7.99
N ALA A 58 35.52 16.90 8.36
CA ALA A 58 34.43 16.34 7.57
C ALA A 58 33.32 17.38 7.46
N TYR A 59 32.66 17.44 6.30
CA TYR A 59 31.54 18.34 6.08
C TYR A 59 30.45 17.63 5.27
N TYR A 60 29.17 17.89 5.62
CA TYR A 60 28.01 17.21 5.05
C TYR A 60 27.03 18.20 4.44
N SER A 61 26.37 17.81 3.35
CA SER A 61 25.34 18.66 2.75
C SER A 61 24.15 18.71 3.69
N ASP A 62 23.30 19.71 3.51
CA ASP A 62 22.11 19.82 4.36
C ASP A 62 21.18 18.62 4.23
N SER A 63 21.13 17.99 3.05
CA SER A 63 20.21 16.89 2.83
C SER A 63 20.62 15.60 3.54
N VAL A 64 21.90 15.46 3.90
CA VAL A 64 22.35 14.22 4.53
C VAL A 64 22.91 14.35 5.95
N LYS A 65 23.11 15.57 6.45
CA LYS A 65 23.66 15.76 7.78
C LYS A 65 22.79 15.07 8.83
N GLY A 66 23.44 14.39 9.77
CA GLY A 66 22.74 13.63 10.81
C GLY A 66 22.35 12.21 10.40
N ARG A 67 22.57 11.86 9.12
CA ARG A 67 22.19 10.55 8.66
C ARG A 67 23.30 9.77 8.01
N PHE A 68 24.24 10.47 7.39
CA PHE A 68 25.34 9.85 6.66
C PHE A 68 26.65 10.14 7.38
N THR A 69 27.60 9.23 7.24
CA THR A 69 28.95 9.40 7.79
C THR A 69 29.99 9.07 6.73
N ILE A 70 30.84 10.04 6.44
CA ILE A 70 31.98 9.84 5.57
C ILE A 70 33.19 9.49 6.40
N SER A 71 33.97 8.51 5.96
CA SER A 71 35.20 8.14 6.65
C SER A 71 36.16 7.58 5.66
N ARG A 72 37.39 7.39 6.11
CA ARG A 72 38.39 6.83 5.24
C ARG A 72 39.41 6.03 6.02
N ASP A 73 40.12 5.19 5.28
CA ASP A 73 41.21 4.41 5.84
C ASP A 73 42.35 4.44 4.83
N ASN A 74 43.29 5.34 5.05
CA ASN A 74 44.36 5.53 4.06
C ASN A 74 45.29 4.32 3.94
N ALA A 75 45.48 3.58 5.02
CA ALA A 75 46.30 2.37 4.95
C ALA A 75 45.69 1.35 3.97
N LYS A 76 44.35 1.35 3.83
CA LYS A 76 43.66 0.50 2.85
C LYS A 76 43.25 1.21 1.56
N ASN A 77 43.73 2.44 1.42
CA ASN A 77 43.44 3.28 0.29
C ASN A 77 41.94 3.29 -0.05
N THR A 78 41.11 3.42 0.98
CA THR A 78 39.67 3.30 0.83
C THR A 78 38.90 4.48 1.48
N LEU A 79 37.83 4.89 0.84
CA LEU A 79 36.86 5.86 1.32
C LEU A 79 35.52 5.16 1.53
N TYR A 80 34.80 5.57 2.58
CA TYR A 80 33.53 4.99 2.89
C TYR A 80 32.44 6.05 3.02
N LEU A 81 31.22 5.65 2.77
CA LEU A 81 30.05 6.41 3.10
C LEU A 81 29.08 5.48 3.82
N GLN A 82 28.82 5.74 5.09
CA GLN A 82 27.81 4.99 5.85
C GLN A 82 26.51 5.77 5.75
N MET A 83 25.48 5.09 5.28
CA MET A 83 24.18 5.72 5.13
C MET A 83 23.21 5.12 6.15
N SER A 84 22.39 5.95 6.77
CA SER A 84 21.35 5.49 7.71
C SER A 84 20.09 6.34 7.54
N SER A 85 19.01 5.93 8.18
CA SER A 85 17.71 6.60 8.05
C SER A 85 17.39 6.94 6.61
N LEU A 86 17.61 5.98 5.72
CA LEU A 86 17.47 6.22 4.30
C LEU A 86 16.03 6.53 3.93
N ARG A 87 15.86 7.42 2.96
CA ARG A 87 14.55 7.76 2.47
C ARG A 87 14.52 7.67 0.96
N SER A 88 13.31 7.76 0.42
CA SER A 88 13.09 7.63 -1.01
C SER A 88 14.00 8.53 -1.83
N ASP A 89 14.13 9.79 -1.42
CA ASP A 89 14.89 10.73 -2.22
C ASP A 89 16.42 10.61 -2.05
N ASP A 90 16.89 9.59 -1.32
CA ASP A 90 18.32 9.23 -1.36
C ASP A 90 18.64 8.31 -2.54
N THR A 91 17.59 7.87 -3.24
CA THR A 91 17.76 7.03 -4.44
C THR A 91 18.59 7.80 -5.49
N ALA A 92 19.72 7.21 -5.87
CA ALA A 92 20.69 7.89 -6.72
C ALA A 92 21.87 7.00 -7.07
N ILE A 93 22.67 7.43 -8.05
CA ILE A 93 23.97 6.85 -8.31
C ILE A 93 24.98 7.66 -7.49
N TYR A 94 25.80 6.97 -6.69
CA TYR A 94 26.75 7.60 -5.80
C TYR A 94 28.15 7.45 -6.36
N TYR A 95 28.82 8.57 -6.55
CA TYR A 95 30.21 8.57 -7.02
C TYR A 95 31.13 9.00 -5.91
N CYS A 96 32.27 8.33 -5.77
CA CYS A 96 33.36 8.89 -5.01
C CYS A 96 34.29 9.65 -5.94
N ALA A 97 34.97 10.66 -5.40
CA ALA A 97 35.91 11.45 -6.17
C ALA A 97 37.02 11.89 -5.30
N ARG A 98 38.23 11.71 -5.79
CA ARG A 98 39.39 12.30 -5.15
C ARG A 98 39.54 13.77 -5.56
N HIS A 99 40.03 14.57 -4.63
CA HIS A 99 40.32 15.98 -4.90
C HIS A 99 41.74 16.08 -5.44
N LYS A 100 42.02 17.12 -6.24
CA LYS A 100 43.40 17.56 -6.49
C LYS A 100 44.03 17.97 -5.17
N GLY A 101 45.36 18.05 -5.12
CA GLY A 101 46.06 18.36 -3.87
C GLY A 101 46.83 19.67 -3.90
N LEU A 102 46.36 20.65 -4.67
CA LEU A 102 47.13 21.89 -4.78
C LEU A 102 47.07 22.71 -3.48
N ARG A 103 48.19 23.38 -3.21
CA ARG A 103 48.29 24.45 -2.19
C ARG A 103 47.49 25.67 -2.62
N GLY A 104 47.36 26.63 -1.70
CA GLY A 104 46.72 27.91 -1.99
C GLY A 104 45.19 27.88 -2.01
N GLY A 105 44.59 26.97 -1.23
CA GLY A 105 43.14 26.90 -1.15
C GLY A 105 42.57 25.51 -1.42
N THR A 106 41.31 25.50 -1.84
CA THR A 106 40.56 24.27 -2.08
C THR A 106 40.76 23.76 -3.51
N ASN A 107 40.19 22.58 -3.80
CA ASN A 107 40.52 21.85 -5.02
C ASN A 107 39.32 21.22 -5.69
N ALA A 108 39.44 21.05 -7.01
CA ALA A 108 38.48 20.35 -7.82
C ALA A 108 38.60 18.85 -7.60
N MET A 109 37.64 18.11 -8.14
CA MET A 109 37.59 16.63 -7.99
C MET A 109 38.16 16.03 -9.28
N ASP A 110 39.36 15.48 -9.22
CA ASP A 110 40.07 15.08 -10.42
C ASP A 110 39.88 13.63 -10.87
N TYR A 111 39.67 12.70 -9.93
CA TYR A 111 39.44 11.29 -10.27
C TYR A 111 38.12 10.84 -9.68
N TRP A 112 37.31 10.15 -10.48
CA TRP A 112 35.97 9.77 -10.09
C TRP A 112 35.76 8.29 -10.27
N GLY A 113 35.06 7.66 -9.34
CA GLY A 113 34.62 6.27 -9.49
C GLY A 113 33.48 6.10 -10.46
N GLN A 114 33.23 4.86 -10.85
CA GLN A 114 32.21 4.50 -11.84
C GLN A 114 30.78 4.71 -11.39
N GLY A 115 30.56 4.88 -10.10
CA GLY A 115 29.22 5.00 -9.57
C GLY A 115 28.66 3.67 -9.10
N THR A 116 28.01 3.70 -7.95
CA THR A 116 27.29 2.52 -7.43
C THR A 116 25.85 2.98 -7.16
N SER A 117 24.88 2.16 -7.54
CA SER A 117 23.47 2.56 -7.52
C SER A 117 22.76 2.17 -6.22
N VAL A 118 22.08 3.13 -5.61
CA VAL A 118 21.33 2.90 -4.37
C VAL A 118 19.84 3.18 -4.64
N THR A 119 18.98 2.25 -4.28
CA THR A 119 17.54 2.46 -4.39
C THR A 119 16.91 2.23 -3.03
N VAL A 120 16.12 3.22 -2.61
CA VAL A 120 15.41 3.16 -1.33
C VAL A 120 13.93 2.94 -1.65
N SER A 121 13.42 1.76 -1.31
CA SER A 121 12.04 1.37 -1.66
C SER A 121 11.54 0.19 -0.82
N SER A 122 10.22 0.11 -0.64
CA SER A 122 9.59 -1.07 -0.03
C SER A 122 9.44 -2.22 -1.02
N ALA A 123 9.46 -1.92 -2.33
CA ALA A 123 9.32 -2.98 -3.37
C ALA A 123 10.44 -4.01 -3.28
N LYS A 124 10.18 -5.22 -3.80
CA LYS A 124 11.14 -6.33 -3.72
C LYS A 124 11.95 -6.49 -5.03
N THR A 125 13.12 -7.08 -4.88
CA THR A 125 13.99 -7.43 -6.00
C THR A 125 13.34 -8.49 -6.90
N THR A 126 13.22 -8.14 -8.18
CA THR A 126 12.66 -9.02 -9.21
C THR A 126 13.66 -9.10 -10.36
N PRO A 127 14.11 -10.31 -10.73
CA PRO A 127 15.04 -10.39 -11.86
C PRO A 127 14.35 -10.08 -13.18
N PRO A 128 15.13 -9.74 -14.21
CA PRO A 128 14.55 -9.43 -15.51
C PRO A 128 14.26 -10.68 -16.31
N SER A 129 13.29 -10.59 -17.19
CA SER A 129 13.14 -11.54 -18.30
C SER A 129 13.76 -10.89 -19.53
N VAL A 130 14.47 -11.69 -20.33
CA VAL A 130 15.16 -11.19 -21.53
C VAL A 130 14.65 -11.91 -22.76
N TYR A 131 14.21 -11.14 -23.75
CA TYR A 131 13.66 -11.68 -25.00
C TYR A 131 14.43 -11.15 -26.21
N PRO A 132 14.74 -12.03 -27.17
CA PRO A 132 15.49 -11.62 -28.33
C PRO A 132 14.59 -10.86 -29.31
N LEU A 133 15.17 -9.91 -30.03
CA LEU A 133 14.48 -9.21 -31.10
C LEU A 133 15.27 -9.40 -32.39
N ALA A 134 14.79 -10.32 -33.24
CA ALA A 134 15.48 -10.68 -34.48
C ALA A 134 14.44 -10.77 -35.60
N PRO A 135 14.83 -10.40 -36.83
CA PRO A 135 13.88 -10.53 -37.94
C PRO A 135 13.61 -11.99 -38.27
N GLY A 136 12.54 -12.22 -39.05
CA GLY A 136 12.11 -13.57 -39.37
C GLY A 136 13.06 -14.20 -40.34
N CYS A 137 13.12 -15.52 -40.27
CA CYS A 137 14.04 -16.38 -41.04
C CYS A 137 13.98 -16.13 -42.55
N GLY A 138 12.79 -15.92 -43.09
CA GLY A 138 12.64 -15.60 -44.51
C GLY A 138 12.93 -14.16 -44.87
N ASP A 139 12.54 -13.26 -43.97
CA ASP A 139 12.54 -11.81 -44.22
C ASP A 139 13.71 -11.30 -45.05
N THR A 140 13.39 -10.45 -46.02
CA THR A 140 14.42 -9.75 -46.80
C THR A 140 15.04 -8.66 -45.92
N THR A 141 16.30 -8.35 -46.22
CA THR A 141 17.06 -7.37 -45.45
C THR A 141 17.95 -6.57 -46.36
N GLY A 142 18.57 -5.55 -45.78
CA GLY A 142 19.90 -5.08 -46.20
C GLY A 142 19.96 -3.58 -46.18
N SER A 143 21.15 -2.97 -46.24
CA SER A 143 22.47 -3.62 -46.18
C SER A 143 22.87 -4.06 -44.78
N SER A 144 22.21 -3.48 -43.78
CA SER A 144 22.46 -3.81 -42.40
C SER A 144 21.20 -4.41 -41.80
N VAL A 145 21.37 -5.12 -40.69
CA VAL A 145 20.26 -5.73 -39.99
C VAL A 145 20.27 -5.21 -38.56
N THR A 146 19.10 -4.85 -38.04
CA THR A 146 18.97 -4.37 -36.68
C THR A 146 18.45 -5.49 -35.81
N LEU A 147 19.12 -5.70 -34.67
CA LEU A 147 18.80 -6.73 -33.72
C LEU A 147 18.68 -6.08 -32.36
N GLY A 148 18.05 -6.75 -31.41
CA GLY A 148 17.95 -6.19 -30.07
C GLY A 148 17.56 -7.18 -29.01
N CYS A 149 17.54 -6.68 -27.77
CA CYS A 149 17.08 -7.46 -26.62
C CYS A 149 16.14 -6.61 -25.79
N LEU A 150 15.03 -7.23 -25.39
CA LEU A 150 14.00 -6.60 -24.59
C LEU A 150 14.17 -7.11 -23.20
N VAL A 151 14.34 -6.20 -22.25
CA VAL A 151 14.57 -6.58 -20.87
C VAL A 151 13.39 -6.09 -20.06
N LYS A 152 12.67 -7.03 -19.44
CA LYS A 152 11.33 -6.74 -18.92
C LYS A 152 11.13 -7.28 -17.50
N GLY A 153 10.34 -6.56 -16.72
CA GLY A 153 9.88 -7.00 -15.40
C GLY A 153 10.91 -7.07 -14.27
N TYR A 154 11.78 -6.06 -14.20
CA TYR A 154 12.82 -6.06 -13.15
C TYR A 154 12.73 -4.86 -12.20
N PHE A 155 13.30 -5.04 -11.02
CA PHE A 155 13.40 -3.99 -10.01
C PHE A 155 14.51 -4.38 -9.07
N PRO A 156 15.32 -3.40 -8.64
CA PRO A 156 15.36 -1.98 -8.97
C PRO A 156 16.01 -1.75 -10.31
N GLU A 157 16.19 -0.48 -10.66
CA GLU A 157 16.57 -0.07 -12.00
C GLU A 157 17.89 -0.52 -12.62
N SER A 158 18.95 -0.67 -11.86
CA SER A 158 20.26 -0.77 -12.48
C SER A 158 20.45 -2.09 -13.24
N VAL A 159 20.40 -2.09 -14.58
CA VAL A 159 20.86 -3.24 -15.39
C VAL A 159 21.83 -2.73 -16.44
N THR A 160 22.74 -3.61 -16.85
CA THR A 160 23.67 -3.30 -17.92
C THR A 160 23.49 -4.30 -19.04
N VAL A 161 23.40 -3.81 -20.27
CA VAL A 161 23.35 -4.66 -21.46
C VAL A 161 24.65 -4.53 -22.25
N THR A 162 25.27 -5.66 -22.59
CA THR A 162 26.49 -5.68 -23.38
C THR A 162 26.32 -6.59 -24.60
N TRP A 163 26.76 -6.13 -25.75
CA TRP A 163 26.68 -6.92 -26.96
C TRP A 163 28.03 -7.55 -27.31
N ASN A 164 28.01 -8.79 -27.77
CA ASN A 164 29.20 -9.42 -28.36
C ASN A 164 28.93 -9.86 -29.77
N SER A 165 29.76 -9.42 -30.71
CA SER A 165 29.73 -9.93 -32.08
C SER A 165 31.13 -10.01 -32.70
N SER A 170 29.76 -1.91 -35.49
CA SER A 170 28.49 -2.13 -34.80
C SER A 170 28.12 -0.91 -33.94
N SER A 171 26.94 -0.35 -34.22
CA SER A 171 26.40 0.75 -33.43
C SER A 171 25.37 0.22 -32.44
N VAL A 172 25.69 0.41 -31.16
CA VAL A 172 24.80 0.03 -30.05
C VAL A 172 23.97 1.22 -29.61
N HIS A 173 22.67 1.02 -29.46
CA HIS A 173 21.79 2.04 -28.89
C HIS A 173 21.18 1.54 -27.59
N THR A 174 21.27 2.40 -26.56
CA THR A 174 20.79 2.13 -25.24
C THR A 174 19.60 3.03 -24.92
N PHE A 175 18.45 2.42 -24.64
CA PHE A 175 17.22 3.16 -24.41
C PHE A 175 16.90 3.12 -22.91
N PRO A 176 16.79 4.30 -22.27
CA PRO A 176 16.52 4.36 -20.81
C PRO A 176 15.29 3.57 -20.38
N ALA A 177 15.37 2.98 -19.19
CA ALA A 177 14.31 2.11 -18.68
C ALA A 177 13.08 2.93 -18.31
N LEU A 178 11.91 2.30 -18.40
CA LEU A 178 10.68 2.96 -17.96
C LEU A 178 9.90 2.04 -17.04
N LEU A 179 9.16 2.67 -16.14
CA LEU A 179 8.40 1.97 -15.12
C LEU A 179 7.04 1.57 -15.70
N GLN A 180 6.76 0.27 -15.71
CA GLN A 180 5.46 -0.27 -16.12
C GLN A 180 4.87 -1.06 -14.95
N SER A 181 3.71 -0.63 -14.46
CA SER A 181 3.18 -1.20 -13.22
C SER A 181 4.26 -0.86 -12.17
N GLY A 182 4.69 -1.86 -11.39
CA GLY A 182 5.80 -1.67 -10.45
C GLY A 182 7.21 -1.98 -10.94
N LEU A 183 7.35 -2.36 -12.21
CA LEU A 183 8.58 -2.94 -12.71
C LEU A 183 9.16 -2.18 -13.89
N TYR A 184 10.45 -2.39 -14.15
CA TYR A 184 11.13 -1.67 -15.20
C TYR A 184 11.18 -2.47 -16.50
N THR A 185 11.11 -1.75 -17.61
CA THR A 185 11.33 -2.32 -18.95
C THR A 185 12.30 -1.45 -19.76
N MET A 186 13.26 -2.10 -20.40
CA MET A 186 14.24 -1.42 -21.24
C MET A 186 14.56 -2.27 -22.46
N SER A 187 15.03 -1.63 -23.52
CA SER A 187 15.53 -2.35 -24.67
C SER A 187 16.90 -1.80 -25.11
N SER A 188 17.61 -2.63 -25.86
CA SER A 188 18.89 -2.26 -26.43
C SER A 188 18.93 -2.80 -27.85
N SER A 189 19.56 -2.07 -28.75
CA SER A 189 19.67 -2.50 -30.14
C SER A 189 21.10 -2.40 -30.65
N VAL A 190 21.39 -3.22 -31.66
CA VAL A 190 22.68 -3.20 -32.33
C VAL A 190 22.44 -3.42 -33.81
N THR A 191 23.25 -2.78 -34.64
CA THR A 191 23.13 -2.91 -36.09
C THR A 191 24.42 -3.52 -36.67
N VAL A 192 24.22 -4.55 -37.49
CA VAL A 192 25.29 -5.35 -38.02
C VAL A 192 25.09 -5.51 -39.54
N PRO A 193 26.19 -5.69 -40.32
CA PRO A 193 25.99 -5.89 -41.77
C PRO A 193 25.18 -7.12 -42.10
N SER A 194 24.33 -7.02 -43.11
CA SER A 194 23.49 -8.12 -43.54
C SER A 194 24.26 -9.40 -43.79
N SER A 195 25.43 -9.27 -44.38
CA SER A 195 26.23 -10.42 -44.79
C SER A 195 26.73 -11.27 -43.61
N THR A 196 26.84 -10.65 -42.44
CA THR A 196 27.46 -11.27 -41.26
C THR A 196 26.43 -11.94 -40.35
N TRP A 197 25.15 -11.86 -40.68
CA TRP A 197 24.13 -12.44 -39.81
C TRP A 197 23.11 -13.18 -40.67
N PRO A 198 22.64 -14.36 -40.22
CA PRO A 198 22.90 -15.04 -38.94
C PRO A 198 24.15 -15.92 -38.89
N SER A 199 24.97 -15.90 -39.94
CA SER A 199 26.15 -16.76 -40.00
C SER A 199 27.11 -16.55 -38.83
N GLU A 200 27.37 -15.29 -38.47
CA GLU A 200 28.22 -14.97 -37.32
C GLU A 200 27.37 -14.71 -36.07
N THR A 201 27.91 -15.10 -34.93
CA THR A 201 27.22 -15.01 -33.65
C THR A 201 27.04 -13.58 -33.17
N VAL A 202 25.83 -13.28 -32.67
CA VAL A 202 25.55 -12.04 -31.97
C VAL A 202 24.81 -12.39 -30.67
N THR A 203 25.29 -11.85 -29.56
CA THR A 203 24.76 -12.16 -28.24
C THR A 203 24.60 -10.91 -27.41
N CYS A 204 23.49 -10.77 -26.70
CA CYS A 204 23.33 -9.70 -25.72
C CYS A 204 23.45 -10.28 -24.33
N SER A 205 24.24 -9.62 -23.51
CA SER A 205 24.50 -10.06 -22.16
C SER A 205 23.91 -9.05 -21.19
N VAL A 206 22.98 -9.50 -20.34
CA VAL A 206 22.18 -8.63 -19.50
C VAL A 206 22.47 -8.94 -18.05
N ALA A 207 22.89 -7.93 -17.29
CA ALA A 207 23.24 -8.11 -15.91
C ALA A 207 22.37 -7.21 -15.03
N HIS A 208 21.86 -7.78 -13.94
CA HIS A 208 21.04 -7.07 -12.99
C HIS A 208 21.58 -7.42 -11.62
N PRO A 209 22.60 -6.68 -11.15
CA PRO A 209 23.34 -7.02 -9.92
C PRO A 209 22.46 -7.24 -8.69
N ALA A 210 21.39 -6.48 -8.57
CA ALA A 210 20.51 -6.59 -7.41
C ALA A 210 19.97 -8.01 -7.21
N SER A 211 19.73 -8.73 -8.31
CA SER A 211 19.27 -10.11 -8.23
C SER A 211 20.34 -11.13 -8.58
N SER A 212 21.57 -10.67 -8.72
CA SER A 212 22.68 -11.56 -9.06
C SER A 212 22.42 -12.30 -10.39
N THR A 213 21.64 -11.67 -11.27
CA THR A 213 21.25 -12.27 -12.52
C THR A 213 22.19 -11.85 -13.63
N THR A 214 22.65 -12.81 -14.42
CA THR A 214 23.34 -12.51 -15.67
C THR A 214 22.81 -13.44 -16.74
N VAL A 215 22.23 -12.85 -17.79
CA VAL A 215 21.59 -13.60 -18.87
C VAL A 215 22.28 -13.33 -20.20
N ASP A 216 22.65 -14.39 -20.92
CA ASP A 216 23.17 -14.28 -22.28
C ASP A 216 22.15 -14.81 -23.26
N LYS A 217 21.68 -13.96 -24.17
CA LYS A 217 20.74 -14.37 -25.22
C LYS A 217 21.44 -14.35 -26.56
N LYS A 218 21.49 -15.51 -27.22
CA LYS A 218 22.02 -15.59 -28.58
C LYS A 218 20.91 -15.24 -29.56
N LEU A 219 21.20 -14.35 -30.49
CA LEU A 219 20.20 -13.87 -31.45
C LEU A 219 20.16 -14.76 -32.67
N GLU A 220 18.99 -15.37 -32.91
CA GLU A 220 18.80 -16.26 -34.05
C GLU A 220 17.54 -15.82 -34.78
N PRO A 221 17.47 -16.08 -36.10
CA PRO A 221 16.29 -15.62 -36.84
C PRO A 221 14.97 -16.26 -36.37
N SER A 222 13.89 -15.50 -36.52
CA SER A 222 12.50 -15.95 -36.34
C SER A 222 12.01 -15.55 -34.95
N ASP B 1 24.99 29.65 1.89
CA ASP B 1 25.31 28.68 0.80
C ASP B 1 25.44 29.41 -0.54
N ILE B 2 26.48 29.08 -1.29
CA ILE B 2 26.71 29.69 -2.60
C ILE B 2 25.87 28.92 -3.62
N VAL B 3 24.99 29.65 -4.30
CA VAL B 3 24.09 29.07 -5.27
C VAL B 3 24.65 29.36 -6.64
N LEU B 4 24.70 28.32 -7.48
CA LEU B 4 25.23 28.48 -8.84
C LEU B 4 24.12 28.39 -9.87
N THR B 5 24.12 29.32 -10.83
CA THR B 5 23.12 29.34 -11.88
C THR B 5 23.80 29.30 -13.23
N GLN B 6 23.45 28.30 -14.01
CA GLN B 6 24.09 28.12 -15.32
C GLN B 6 23.19 28.64 -16.40
N SER B 7 23.80 29.09 -17.47
CA SER B 7 23.05 29.59 -18.61
C SER B 7 23.81 29.26 -19.88
N PRO B 8 23.07 28.89 -20.94
CA PRO B 8 21.67 28.52 -20.96
C PRO B 8 21.49 27.11 -20.41
N ALA B 9 20.24 26.65 -20.28
CA ALA B 9 19.98 25.28 -19.83
C ALA B 9 20.39 24.27 -20.91
N SER B 10 20.17 24.63 -22.16
CA SER B 10 20.57 23.78 -23.29
C SER B 10 21.12 24.70 -24.35
N LEU B 11 22.17 24.27 -25.04
CA LEU B 11 22.63 25.05 -26.16
C LEU B 11 22.98 24.16 -27.33
N ALA B 12 22.44 24.55 -28.48
CA ALA B 12 22.66 23.85 -29.73
C ALA B 12 23.72 24.61 -30.50
N VAL B 13 24.68 23.88 -31.07
CA VAL B 13 25.79 24.48 -31.76
C VAL B 13 26.17 23.58 -32.94
N SER B 14 26.57 24.19 -34.04
CA SER B 14 27.05 23.46 -35.21
C SER B 14 28.47 22.99 -35.02
N LEU B 15 28.81 21.86 -35.64
CA LEU B 15 30.17 21.34 -35.58
C LEU B 15 31.16 22.40 -36.06
N GLY B 16 32.26 22.53 -35.35
CA GLY B 16 33.29 23.51 -35.69
C GLY B 16 33.09 24.89 -35.09
N GLN B 17 31.90 25.18 -34.55
CA GLN B 17 31.63 26.47 -33.95
C GLN B 17 32.12 26.53 -32.49
N ARG B 18 32.12 27.74 -31.95
CA ARG B 18 32.50 28.03 -30.56
C ARG B 18 31.26 27.91 -29.70
N ALA B 19 31.34 27.11 -28.64
CA ALA B 19 30.26 27.02 -27.66
C ALA B 19 30.70 27.69 -26.35
N THR B 20 29.83 28.50 -25.79
CA THR B 20 30.13 29.23 -24.58
C THR B 20 29.02 29.00 -23.56
N ILE B 21 29.41 28.56 -22.38
CA ILE B 21 28.49 28.22 -21.31
C ILE B 21 28.79 29.10 -20.10
N PHE B 22 27.75 29.59 -19.45
CA PHE B 22 27.91 30.59 -18.41
C PHE B 22 27.54 30.05 -17.02
N CYS B 23 28.25 30.48 -15.99
CA CYS B 23 27.94 30.09 -14.62
C CYS B 23 28.06 31.32 -13.74
N ARG B 24 26.98 31.64 -13.02
CA ARG B 24 26.93 32.81 -12.12
C ARG B 24 26.79 32.29 -10.69
N ALA B 25 27.64 32.77 -9.81
CA ALA B 25 27.56 32.41 -8.41
C ALA B 25 26.84 33.53 -7.66
N SER B 26 26.12 33.16 -6.60
CA SER B 26 25.34 34.11 -5.81
C SER B 26 26.24 35.04 -4.96
N GLU B 27 27.48 34.62 -4.75
CA GLU B 27 28.47 35.43 -4.06
C GLU B 27 29.86 35.03 -4.56
N THR B 28 30.88 35.81 -4.20
CA THR B 28 32.20 35.59 -4.76
C THR B 28 32.76 34.21 -4.38
N VAL B 29 33.43 33.58 -5.33
CA VAL B 29 34.14 32.32 -5.07
C VAL B 29 35.64 32.52 -5.10
N ASP B 30 36.08 33.78 -4.98
CA ASP B 30 37.48 34.10 -4.92
C ASP B 30 38.01 34.14 -3.51
N SER B 31 39.21 33.62 -3.32
CA SER B 31 39.98 33.85 -2.11
C SER B 31 41.45 33.52 -2.38
N TYR B 32 42.35 34.09 -1.59
CA TYR B 32 43.81 33.86 -1.75
C TYR B 32 44.35 34.18 -3.15
N GLY B 33 43.70 35.11 -3.85
CA GLY B 33 44.08 35.45 -5.23
C GLY B 33 43.72 34.41 -6.29
N ASN B 34 42.82 33.48 -5.97
CA ASN B 34 42.33 32.48 -6.90
C ASN B 34 40.82 32.45 -6.91
N SER B 35 40.25 31.77 -7.91
CA SER B 35 38.81 31.63 -8.08
C SER B 35 38.48 30.17 -8.04
N PHE B 36 37.63 29.77 -7.11
CA PHE B 36 37.40 28.35 -6.85
C PHE B 36 36.14 27.87 -7.49
N MET B 37 36.12 27.97 -8.82
CA MET B 37 35.06 27.42 -9.66
C MET B 37 35.70 26.40 -10.57
N HIS B 38 35.04 25.25 -10.69
CA HIS B 38 35.56 24.11 -11.44
C HIS B 38 34.48 23.66 -12.41
N TRP B 39 34.89 23.09 -13.53
CA TRP B 39 33.93 22.65 -14.52
C TRP B 39 34.09 21.16 -14.80
N TYR B 40 32.97 20.47 -14.99
CA TYR B 40 32.96 19.02 -15.23
C TYR B 40 32.14 18.72 -16.47
N GLN B 41 32.53 17.66 -17.16
CA GLN B 41 31.74 17.11 -18.24
C GLN B 41 31.11 15.79 -17.82
N GLN B 42 29.83 15.59 -18.14
CA GLN B 42 29.20 14.29 -17.93
C GLN B 42 28.49 13.78 -19.17
N LYS B 43 28.98 12.66 -19.69
CA LYS B 43 28.34 11.95 -20.79
C LYS B 43 27.50 10.80 -20.26
N PRO B 44 26.40 10.46 -20.95
CA PRO B 44 25.53 9.42 -20.39
C PRO B 44 26.25 8.11 -20.21
N GLY B 45 25.93 7.41 -19.13
CA GLY B 45 26.58 6.16 -18.79
C GLY B 45 28.04 6.29 -18.37
N GLN B 46 28.48 7.50 -18.07
CA GLN B 46 29.84 7.72 -17.62
C GLN B 46 29.82 8.61 -16.38
N PRO B 47 30.84 8.48 -15.54
CA PRO B 47 30.94 9.41 -14.43
C PRO B 47 31.35 10.80 -14.91
N PRO B 48 31.07 11.84 -14.10
CA PRO B 48 31.63 13.16 -14.38
C PRO B 48 33.13 13.13 -14.55
N LYS B 49 33.64 14.04 -15.36
CA LYS B 49 35.05 14.19 -15.59
C LYS B 49 35.46 15.66 -15.44
N LEU B 50 36.55 15.88 -14.73
CA LEU B 50 37.09 17.24 -14.56
C LEU B 50 37.65 17.83 -15.86
N LEU B 51 37.16 19.00 -16.26
CA LEU B 51 37.69 19.76 -17.39
C LEU B 51 38.64 20.90 -16.99
N ILE B 52 38.19 21.77 -16.10
CA ILE B 52 38.88 22.99 -15.71
C ILE B 52 38.85 23.10 -14.20
N TYR B 53 39.99 23.37 -13.58
CA TYR B 53 40.02 23.63 -12.16
C TYR B 53 40.45 25.08 -11.90
N ARG B 54 39.97 25.61 -10.79
CA ARG B 54 40.25 26.95 -10.34
C ARG B 54 40.05 27.99 -11.46
N ALA B 55 38.89 27.89 -12.11
CA ALA B 55 38.36 28.82 -13.10
C ALA B 55 39.02 28.78 -14.49
N SER B 56 40.34 28.66 -14.53
CA SER B 56 41.06 28.87 -15.79
C SER B 56 42.13 27.85 -16.14
N ASN B 57 42.28 26.81 -15.34
CA ASN B 57 43.34 25.82 -15.57
C ASN B 57 42.80 24.53 -16.22
N LEU B 58 43.32 24.21 -17.40
CA LEU B 58 42.97 22.96 -18.09
C LEU B 58 43.50 21.77 -17.33
N GLU B 59 42.67 20.76 -17.11
CA GLU B 59 43.13 19.54 -16.42
C GLU B 59 43.94 18.67 -17.38
N SER B 60 45.06 18.13 -16.89
CA SER B 60 45.91 17.24 -17.72
C SER B 60 45.06 16.11 -18.28
N GLY B 61 45.22 15.84 -19.58
CA GLY B 61 44.48 14.78 -20.24
C GLY B 61 43.28 15.26 -21.00
N ILE B 62 42.87 16.50 -20.75
CA ILE B 62 41.68 17.03 -21.39
C ILE B 62 42.06 17.75 -22.71
N PRO B 63 41.25 17.55 -23.76
CA PRO B 63 41.55 18.20 -25.06
C PRO B 63 41.65 19.73 -24.99
N ALA B 64 42.52 20.29 -25.83
CA ALA B 64 42.85 21.71 -25.79
C ALA B 64 41.67 22.60 -26.21
N ARG B 65 40.71 22.06 -26.94
CA ARG B 65 39.54 22.83 -27.30
C ARG B 65 38.72 23.32 -26.09
N PHE B 66 38.98 22.78 -24.90
CA PHE B 66 38.34 23.28 -23.68
C PHE B 66 39.19 24.38 -23.05
N SER B 67 38.51 25.44 -22.60
CA SER B 67 39.14 26.44 -21.77
C SER B 67 38.11 27.11 -20.87
N GLY B 68 38.58 27.76 -19.84
CA GLY B 68 37.68 28.50 -18.93
C GLY B 68 38.26 29.83 -18.49
N SER B 69 37.37 30.76 -18.12
CA SER B 69 37.81 32.03 -17.57
C SER B 69 36.77 32.61 -16.65
N GLY B 70 37.19 33.63 -15.90
CA GLY B 70 36.27 34.43 -15.10
C GLY B 70 36.84 34.71 -13.73
N SER B 71 36.09 35.46 -12.94
CA SER B 71 36.43 35.66 -11.54
C SER B 71 35.20 36.14 -10.79
N ARG B 72 35.33 36.15 -9.46
CA ARG B 72 34.34 36.67 -8.55
C ARG B 72 33.05 35.88 -8.65
N THR B 73 32.09 36.36 -9.44
CA THR B 73 30.82 35.67 -9.59
C THR B 73 30.49 35.21 -11.02
N ASP B 74 31.31 35.58 -12.01
CA ASP B 74 31.02 35.22 -13.40
C ASP B 74 32.07 34.34 -14.01
N PHE B 75 31.65 33.23 -14.59
CA PHE B 75 32.58 32.25 -15.11
C PHE B 75 32.06 31.72 -16.44
N THR B 76 33.00 31.38 -17.31
CA THR B 76 32.66 30.91 -18.61
C THR B 76 33.47 29.67 -18.94
N LEU B 77 32.81 28.70 -19.59
CA LEU B 77 33.53 27.56 -20.17
C LEU B 77 33.37 27.69 -21.67
N THR B 78 34.46 27.52 -22.39
CA THR B 78 34.42 27.61 -23.85
C THR B 78 34.93 26.31 -24.47
N ILE B 79 34.18 25.83 -25.46
CA ILE B 79 34.54 24.67 -26.24
C ILE B 79 34.69 25.19 -27.65
N ASN B 80 35.90 25.08 -28.18
CA ASN B 80 36.18 25.62 -29.48
C ASN B 80 37.38 24.98 -30.13
N PRO B 81 37.18 24.29 -31.27
CA PRO B 81 35.93 23.99 -31.97
C PRO B 81 35.14 22.84 -31.36
N VAL B 82 33.82 22.96 -31.34
CA VAL B 82 32.95 21.88 -30.91
C VAL B 82 33.04 20.67 -31.87
N GLU B 83 33.11 19.49 -31.28
CA GLU B 83 33.10 18.22 -32.00
C GLU B 83 31.86 17.43 -31.64
N ALA B 84 31.54 16.45 -32.48
CA ALA B 84 30.35 15.61 -32.26
C ALA B 84 30.40 14.91 -30.91
N ASP B 85 31.64 14.59 -30.52
CA ASP B 85 32.05 13.94 -29.29
C ASP B 85 31.76 14.72 -28.01
N ASP B 86 31.46 16.00 -28.15
CA ASP B 86 31.26 16.87 -27.00
C ASP B 86 29.84 16.92 -26.46
N VAL B 87 28.92 16.19 -27.08
CA VAL B 87 27.57 16.08 -26.55
C VAL B 87 27.64 15.49 -25.14
N ALA B 88 27.04 16.21 -24.21
CA ALA B 88 27.22 15.99 -22.79
C ALA B 88 26.46 17.04 -22.02
N THR B 89 26.32 16.82 -20.72
CA THR B 89 25.97 17.89 -19.79
C THR B 89 27.22 18.42 -19.06
N TYR B 90 27.32 19.74 -18.98
CA TYR B 90 28.47 20.43 -18.40
C TYR B 90 28.04 21.13 -17.12
N TYR B 91 28.81 20.93 -16.05
CA TYR B 91 28.53 21.48 -14.74
C TYR B 91 29.64 22.36 -14.20
N CYS B 92 29.25 23.49 -13.60
CA CYS B 92 30.15 24.26 -12.74
C CYS B 92 29.92 23.85 -11.29
N GLN B 93 30.96 24.03 -10.49
CA GLN B 93 30.95 23.66 -9.07
C GLN B 93 31.90 24.59 -8.34
N GLN B 94 31.50 25.05 -7.16
CA GLN B 94 32.35 25.91 -6.36
C GLN B 94 32.87 25.20 -5.13
N SER B 95 34.09 25.55 -4.73
CA SER B 95 34.64 25.03 -3.47
C SER B 95 35.13 26.11 -2.52
N ASN B 96 34.73 27.35 -2.77
CA ASN B 96 35.19 28.46 -1.89
C ASN B 96 34.56 28.33 -0.52
N GLU B 97 33.38 27.73 -0.43
CA GLU B 97 32.73 27.59 0.84
C GLU B 97 32.09 26.22 0.93
N ASP B 98 32.18 25.59 2.10
CA ASP B 98 31.42 24.39 2.36
C ASP B 98 30.07 24.79 2.95
N PRO B 99 28.96 24.15 2.55
CA PRO B 99 28.89 23.04 1.64
C PRO B 99 29.16 23.39 0.17
N ARG B 100 29.85 22.50 -0.53
CA ARG B 100 30.19 22.72 -1.93
C ARG B 100 28.92 22.47 -2.74
N THR B 101 28.78 23.16 -3.86
CA THR B 101 27.55 23.10 -4.61
C THR B 101 27.87 23.04 -6.09
N PHE B 102 26.99 22.37 -6.84
CA PHE B 102 27.01 22.40 -8.30
C PHE B 102 25.94 23.33 -8.87
N GLY B 103 26.17 23.81 -10.09
CA GLY B 103 25.12 24.37 -10.92
C GLY B 103 24.19 23.29 -11.44
N GLY B 104 23.09 23.72 -12.07
CA GLY B 104 22.08 22.79 -12.56
C GLY B 104 22.45 22.06 -13.83
N GLY B 105 23.54 22.45 -14.48
CA GLY B 105 23.95 21.77 -15.71
C GLY B 105 23.49 22.48 -16.97
N THR B 106 24.28 22.35 -18.02
CA THR B 106 23.94 22.81 -19.37
C THR B 106 24.19 21.66 -20.34
N LYS B 107 23.14 21.27 -21.07
CA LYS B 107 23.24 20.22 -22.09
C LYS B 107 23.73 20.82 -23.39
N LEU B 108 24.78 20.24 -23.96
CA LEU B 108 25.29 20.64 -25.26
C LEU B 108 24.70 19.70 -26.30
N GLU B 109 24.11 20.27 -27.35
CA GLU B 109 23.56 19.45 -28.43
C GLU B 109 24.11 19.97 -29.72
N ILE B 110 24.20 19.08 -30.70
CA ILE B 110 24.76 19.43 -32.02
C ILE B 110 23.63 19.72 -33.00
N LYS B 111 23.74 20.86 -33.68
CA LYS B 111 22.85 21.21 -34.80
C LYS B 111 23.35 20.52 -36.06
N ARG B 112 22.42 19.94 -36.83
CA ARG B 112 22.77 18.98 -37.88
C ARG B 112 21.67 18.95 -38.97
N ALA B 113 21.96 18.39 -40.15
CA ALA B 113 20.94 18.22 -41.20
C ALA B 113 19.84 17.24 -40.80
N ASP B 114 18.62 17.50 -41.26
CA ASP B 114 17.49 16.60 -41.02
C ASP B 114 17.82 15.20 -41.54
N ALA B 115 17.27 14.19 -40.87
CA ALA B 115 17.46 12.81 -41.28
C ALA B 115 16.24 11.99 -40.89
N ALA B 116 15.80 11.15 -41.81
CA ALA B 116 14.65 10.30 -41.56
C ALA B 116 15.10 9.06 -40.81
N PRO B 117 14.25 8.51 -39.94
CA PRO B 117 14.59 7.29 -39.22
C PRO B 117 14.64 6.04 -40.10
N THR B 118 15.45 5.06 -39.70
CA THR B 118 15.36 3.70 -40.19
C THR B 118 14.52 2.97 -39.16
N VAL B 119 13.44 2.35 -39.59
CA VAL B 119 12.53 1.72 -38.62
C VAL B 119 12.51 0.18 -38.73
N SER B 120 12.53 -0.47 -37.58
CA SER B 120 12.52 -1.91 -37.48
C SER B 120 11.38 -2.31 -36.54
N ILE B 121 10.65 -3.36 -36.90
CA ILE B 121 9.55 -3.83 -36.07
C ILE B 121 9.71 -5.30 -35.77
N PHE B 122 9.35 -5.67 -34.55
CA PHE B 122 9.55 -7.03 -34.05
C PHE B 122 8.28 -7.54 -33.40
N PRO B 123 7.71 -8.64 -33.91
CA PRO B 123 6.62 -9.28 -33.20
C PRO B 123 7.10 -9.90 -31.88
N PRO B 124 6.19 -10.30 -31.00
CA PRO B 124 6.56 -10.99 -29.78
C PRO B 124 7.35 -12.25 -30.07
N SER B 125 8.43 -12.44 -29.33
CA SER B 125 9.24 -13.65 -29.44
C SER B 125 8.42 -14.84 -28.93
N SER B 126 8.70 -16.02 -29.45
CA SER B 126 8.01 -17.23 -28.98
C SER B 126 8.27 -17.42 -27.50
N GLU B 127 9.47 -17.11 -27.05
CA GLU B 127 9.81 -17.17 -25.64
C GLU B 127 8.81 -16.42 -24.79
N GLN B 128 8.48 -15.20 -25.20
CA GLN B 128 7.56 -14.38 -24.42
C GLN B 128 6.12 -14.88 -24.52
N LEU B 129 5.73 -15.32 -25.72
CA LEU B 129 4.42 -15.95 -25.92
C LEU B 129 4.30 -17.20 -25.06
N THR B 130 5.34 -18.03 -25.09
CA THR B 130 5.45 -19.20 -24.21
C THR B 130 5.23 -18.82 -22.73
N SER B 131 5.78 -17.67 -22.33
CA SER B 131 5.66 -17.17 -20.94
C SER B 131 4.25 -16.67 -20.62
N GLY B 132 3.56 -16.13 -21.61
CA GLY B 132 2.18 -15.63 -21.43
C GLY B 132 1.98 -14.15 -21.72
N GLY B 133 3.05 -13.45 -22.07
CA GLY B 133 2.94 -12.02 -22.41
C GLY B 133 3.21 -11.78 -23.88
N ALA B 134 2.98 -10.54 -24.31
CA ALA B 134 3.22 -10.16 -25.71
C ALA B 134 3.56 -8.67 -25.82
N SER B 135 4.81 -8.39 -26.21
CA SER B 135 5.24 -7.03 -26.49
C SER B 135 5.67 -6.94 -27.95
N VAL B 136 5.25 -5.88 -28.61
CA VAL B 136 5.66 -5.61 -29.97
C VAL B 136 6.56 -4.39 -29.91
N VAL B 137 7.75 -4.50 -30.51
CA VAL B 137 8.78 -3.49 -30.37
C VAL B 137 9.11 -2.84 -31.71
N CYS B 138 9.24 -1.53 -31.67
CA CYS B 138 9.63 -0.77 -32.83
C CYS B 138 10.86 0.09 -32.45
N PHE B 139 11.92 0.02 -33.27
CA PHE B 139 13.05 0.93 -33.17
C PHE B 139 12.99 1.94 -34.31
N LEU B 140 13.09 3.21 -33.98
CA LEU B 140 13.30 4.27 -34.96
C LEU B 140 14.73 4.76 -34.79
N ASN B 141 15.58 4.50 -35.76
CA ASN B 141 17.01 4.72 -35.57
C ASN B 141 17.61 5.82 -36.42
N ASN B 142 18.51 6.57 -35.80
CA ASN B 142 19.35 7.56 -36.48
C ASN B 142 18.58 8.63 -37.25
N PHE B 143 17.76 9.36 -36.52
CA PHE B 143 16.96 10.44 -37.09
C PHE B 143 17.31 11.77 -36.44
N TYR B 144 16.91 12.85 -37.11
CA TYR B 144 17.12 14.21 -36.62
C TYR B 144 16.08 15.11 -37.28
N PRO B 145 15.47 16.02 -36.51
CA PRO B 145 15.67 16.36 -35.10
C PRO B 145 15.05 15.36 -34.13
N LYS B 146 15.22 15.61 -32.84
CA LYS B 146 14.78 14.69 -31.79
C LYS B 146 13.28 14.56 -31.75
N ASP B 147 12.58 15.65 -32.06
CA ASP B 147 11.12 15.67 -32.08
C ASP B 147 10.56 14.82 -33.22
N ILE B 148 10.08 13.64 -32.87
CA ILE B 148 9.42 12.75 -33.81
C ILE B 148 8.21 12.14 -33.11
N ASN B 149 7.18 11.77 -33.88
CA ASN B 149 5.99 11.17 -33.32
C ASN B 149 5.82 9.75 -33.83
N VAL B 150 5.51 8.84 -32.93
CA VAL B 150 5.28 7.44 -33.27
C VAL B 150 3.85 7.05 -32.89
N LYS B 151 3.16 6.35 -33.79
CA LYS B 151 1.85 5.81 -33.46
C LYS B 151 1.74 4.36 -33.90
N TRP B 152 0.98 3.60 -33.13
CA TRP B 152 0.70 2.21 -33.42
C TRP B 152 -0.72 2.08 -33.98
N LYS B 153 -0.90 1.23 -34.99
CA LYS B 153 -2.22 0.89 -35.47
C LYS B 153 -2.36 -0.61 -35.38
N ILE B 154 -3.47 -1.05 -34.80
CA ILE B 154 -3.81 -2.47 -34.75
C ILE B 154 -5.08 -2.68 -35.54
N ASP B 155 -4.99 -3.56 -36.54
CA ASP B 155 -6.03 -3.72 -37.54
C ASP B 155 -6.62 -2.38 -37.95
N GLY B 156 -5.73 -1.47 -38.35
CA GLY B 156 -6.10 -0.17 -38.88
C GLY B 156 -6.41 0.89 -37.85
N SER B 157 -6.50 0.52 -36.57
CA SER B 157 -7.00 1.42 -35.52
C SER B 157 -5.91 1.79 -34.53
N GLU B 158 -5.79 3.08 -34.24
CA GLU B 158 -4.69 3.62 -33.48
C GLU B 158 -4.71 3.33 -31.98
N ARG B 159 -3.73 2.57 -31.52
CA ARG B 159 -3.54 2.29 -30.10
C ARG B 159 -2.66 3.38 -29.49
N GLN B 160 -3.23 4.05 -28.49
CA GLN B 160 -2.69 5.31 -28.00
C GLN B 160 -1.80 5.06 -26.78
N ASN B 161 -2.14 4.03 -25.99
CA ASN B 161 -1.34 3.65 -24.82
C ASN B 161 -1.33 2.16 -24.43
N GLY B 162 -0.70 1.87 -23.28
CA GLY B 162 0.08 0.64 -23.12
C GLY B 162 1.34 0.76 -23.99
N VAL B 163 1.63 1.98 -24.45
CA VAL B 163 2.77 2.28 -25.32
C VAL B 163 3.86 3.03 -24.53
N LEU B 164 5.06 2.50 -24.53
CA LEU B 164 6.20 3.10 -23.84
C LEU B 164 7.23 3.53 -24.88
N ASN B 165 7.54 4.83 -24.89
CA ASN B 165 8.50 5.39 -25.81
C ASN B 165 9.71 5.96 -25.09
N SER B 166 10.92 5.57 -25.52
CA SER B 166 12.16 5.98 -24.87
C SER B 166 13.19 6.45 -25.90
N TRP B 167 13.76 7.62 -25.67
CA TRP B 167 14.77 8.19 -26.57
C TRP B 167 16.19 7.96 -26.05
N THR B 168 17.14 7.76 -26.95
CA THR B 168 18.56 7.80 -26.59
C THR B 168 19.00 9.25 -26.45
N ASP B 169 20.18 9.45 -25.90
CA ASP B 169 20.87 10.73 -25.99
C ASP B 169 21.46 10.85 -27.38
N GLN B 170 21.91 12.05 -27.74
CA GLN B 170 22.41 12.30 -29.07
C GLN B 170 23.66 11.48 -29.33
N ASN B 171 23.74 10.87 -30.51
CA ASN B 171 24.85 10.01 -30.87
C ASN B 171 26.14 10.81 -30.98
N SER B 172 27.21 10.27 -30.41
CA SER B 172 28.46 10.99 -30.28
C SER B 172 29.28 11.03 -31.58
N LYS B 173 28.92 10.24 -32.58
CA LYS B 173 29.60 10.23 -33.87
C LYS B 173 28.82 10.95 -34.98
N ASP B 174 27.53 10.61 -35.16
CA ASP B 174 26.73 11.17 -36.27
C ASP B 174 25.67 12.20 -35.84
N SER B 175 25.55 12.44 -34.54
CA SER B 175 24.65 13.47 -33.99
C SER B 175 23.16 13.25 -34.23
N THR B 176 22.78 12.01 -34.50
CA THR B 176 21.39 11.62 -34.63
C THR B 176 20.84 11.12 -33.31
N TYR B 177 19.53 10.93 -33.26
CA TYR B 177 18.82 10.31 -32.15
C TYR B 177 18.21 9.02 -32.60
N SER B 178 17.90 8.16 -31.62
CA SER B 178 17.17 6.95 -31.87
C SER B 178 16.13 6.80 -30.78
N MET B 179 15.11 5.98 -31.01
CA MET B 179 14.11 5.73 -29.98
C MET B 179 13.47 4.37 -30.13
N SER B 180 12.98 3.83 -29.01
CA SER B 180 12.27 2.57 -28.98
C SER B 180 10.83 2.83 -28.60
N SER B 181 9.92 2.11 -29.24
CA SER B 181 8.52 2.18 -28.91
C SER B 181 8.03 0.78 -28.71
N THR B 182 7.49 0.51 -27.52
CA THR B 182 7.05 -0.82 -27.16
C THR B 182 5.57 -0.82 -26.83
N LEU B 183 4.82 -1.64 -27.56
CA LEU B 183 3.41 -1.85 -27.30
C LEU B 183 3.26 -3.15 -26.54
N THR B 184 2.79 -3.06 -25.30
CA THR B 184 2.61 -4.24 -24.47
C THR B 184 1.11 -4.56 -24.41
N LEU B 185 0.79 -5.85 -24.56
CA LEU B 185 -0.58 -6.34 -24.47
C LEU B 185 -0.54 -7.73 -23.86
N THR B 186 -1.73 -8.29 -23.66
CA THR B 186 -1.96 -9.66 -23.26
C THR B 186 -1.65 -10.59 -24.44
N LYS B 187 -1.22 -11.84 -24.20
CA LYS B 187 -1.09 -12.81 -25.30
C LYS B 187 -2.42 -12.98 -26.02
N ASP B 188 -3.50 -13.11 -25.25
CA ASP B 188 -4.84 -13.29 -25.80
C ASP B 188 -5.24 -12.11 -26.69
N GLU B 189 -4.96 -10.88 -26.26
CA GLU B 189 -5.27 -9.72 -27.09
C GLU B 189 -4.39 -9.70 -28.33
N TYR B 190 -3.12 -10.07 -28.18
CA TYR B 190 -2.22 -10.11 -29.31
C TYR B 190 -2.76 -11.04 -30.40
N GLU B 191 -3.17 -12.23 -29.98
CA GLU B 191 -3.63 -13.24 -30.92
C GLU B 191 -5.05 -12.98 -31.45
N ARG B 192 -5.78 -12.06 -30.83
CA ARG B 192 -7.08 -11.62 -31.35
C ARG B 192 -6.97 -10.71 -32.58
N HIS B 193 -5.79 -10.12 -32.81
CA HIS B 193 -5.64 -9.17 -33.91
C HIS B 193 -4.65 -9.70 -34.96
N ASN B 194 -4.69 -9.11 -36.15
CA ASN B 194 -3.92 -9.60 -37.28
C ASN B 194 -2.78 -8.66 -37.69
N SER B 195 -3.09 -7.39 -37.90
CA SER B 195 -2.16 -6.43 -38.48
C SER B 195 -1.58 -5.49 -37.43
N TYR B 196 -0.24 -5.38 -37.39
CA TYR B 196 0.42 -4.49 -36.44
C TYR B 196 1.32 -3.53 -37.16
N THR B 197 1.18 -2.24 -36.85
CA THR B 197 1.90 -1.20 -37.58
C THR B 197 2.50 -0.18 -36.62
N CYS B 198 3.79 0.07 -36.77
CA CYS B 198 4.45 1.17 -36.08
C CYS B 198 4.76 2.22 -37.13
N GLU B 199 4.41 3.46 -36.82
CA GLU B 199 4.55 4.55 -37.78
C GLU B 199 5.18 5.80 -37.18
N ALA B 200 6.12 6.37 -37.92
CA ALA B 200 6.87 7.56 -37.50
C ALA B 200 6.48 8.78 -38.34
N THR B 201 6.12 9.88 -37.68
CA THR B 201 5.83 11.14 -38.38
C THR B 201 6.69 12.30 -37.87
N HIS B 202 7.13 13.17 -38.79
CA HIS B 202 7.80 14.44 -38.44
C HIS B 202 9.29 14.27 -38.12
N THR B 206 2.42 15.43 -44.17
CA THR B 206 3.55 14.59 -43.76
C THR B 206 3.54 13.24 -44.48
N SER B 207 4.73 12.73 -44.78
CA SER B 207 4.94 11.46 -45.48
C SER B 207 5.42 10.40 -44.48
N PRO B 208 4.51 9.76 -43.72
CA PRO B 208 4.99 8.92 -42.61
C PRO B 208 5.83 7.70 -43.03
N ILE B 209 6.81 7.33 -42.20
CA ILE B 209 7.59 6.12 -42.41
C ILE B 209 6.99 4.99 -41.57
N VAL B 210 6.82 3.83 -42.19
CA VAL B 210 5.97 2.78 -41.65
C VAL B 210 6.68 1.44 -41.70
N LYS B 211 6.46 0.62 -40.67
CA LYS B 211 6.74 -0.80 -40.74
C LYS B 211 5.58 -1.57 -40.13
N SER B 212 5.21 -2.66 -40.81
CA SER B 212 4.03 -3.45 -40.47
C SER B 212 4.27 -4.92 -40.67
N PHE B 213 3.53 -5.74 -39.94
CA PHE B 213 3.49 -7.17 -40.20
C PHE B 213 2.10 -7.71 -39.90
N ASN B 214 1.81 -8.88 -40.46
CA ASN B 214 0.59 -9.61 -40.14
C ASN B 214 0.94 -10.91 -39.43
N ARG B 215 0.06 -11.37 -38.53
CA ARG B 215 0.18 -12.72 -37.95
C ARG B 215 -0.28 -13.73 -39.00
N GLU C 1 -43.60 2.87 -25.80
CA GLU C 1 -44.22 1.73 -26.48
C GLU C 1 -43.37 1.28 -27.68
N VAL C 2 -42.10 1.69 -27.74
CA VAL C 2 -41.24 1.37 -28.87
C VAL C 2 -40.29 0.26 -28.48
N GLN C 3 -40.26 -0.80 -29.28
CA GLN C 3 -39.30 -1.87 -29.06
C GLN C 3 -38.97 -2.56 -30.36
N LEU C 4 -37.68 -2.81 -30.57
CA LEU C 4 -37.21 -3.56 -31.74
C LEU C 4 -36.90 -4.97 -31.26
N VAL C 5 -37.76 -5.89 -31.67
CA VAL C 5 -37.80 -7.25 -31.10
C VAL C 5 -36.93 -8.16 -31.94
N GLU C 6 -35.82 -8.62 -31.37
CA GLU C 6 -34.89 -9.44 -32.09
C GLU C 6 -35.05 -10.90 -31.72
N SER C 7 -34.76 -11.78 -32.67
CA SER C 7 -34.70 -13.23 -32.40
C SER C 7 -33.74 -13.94 -33.32
N GLY C 8 -33.44 -15.18 -32.98
CA GLY C 8 -32.65 -16.06 -33.84
C GLY C 8 -31.24 -16.33 -33.39
N GLY C 9 -30.75 -15.57 -32.40
CA GLY C 9 -29.43 -15.83 -31.87
C GLY C 9 -29.32 -17.23 -31.28
N ASP C 10 -28.15 -17.84 -31.39
CA ASP C 10 -27.96 -19.23 -30.95
C ASP C 10 -26.51 -19.61 -30.99
N LEU C 11 -26.21 -20.80 -30.48
CA LEU C 11 -24.90 -21.43 -30.59
C LEU C 11 -24.85 -22.14 -31.94
N VAL C 12 -23.80 -21.91 -32.71
CA VAL C 12 -23.69 -22.45 -34.07
C VAL C 12 -22.27 -22.94 -34.29
N LYS C 13 -22.12 -24.05 -35.02
CA LYS C 13 -20.79 -24.58 -35.32
C LYS C 13 -20.09 -23.75 -36.40
N PRO C 14 -18.75 -23.69 -36.33
CA PRO C 14 -18.01 -22.95 -37.35
C PRO C 14 -18.36 -23.48 -38.73
N GLY C 15 -18.46 -22.58 -39.70
CA GLY C 15 -18.95 -22.90 -41.04
C GLY C 15 -20.47 -22.98 -41.15
N GLY C 16 -21.18 -22.87 -40.02
CA GLY C 16 -22.64 -22.98 -40.03
C GLY C 16 -23.32 -21.70 -40.49
N SER C 17 -24.66 -21.73 -40.47
CA SER C 17 -25.50 -20.62 -40.92
C SER C 17 -26.54 -20.31 -39.84
N LEU C 18 -27.07 -19.08 -39.88
CA LEU C 18 -28.08 -18.65 -38.92
C LEU C 18 -28.79 -17.40 -39.46
N LYS C 19 -30.08 -17.27 -39.21
CA LYS C 19 -30.87 -16.09 -39.63
C LYS C 19 -31.42 -15.29 -38.42
N LEU C 20 -31.05 -14.01 -38.34
CA LEU C 20 -31.58 -13.13 -37.28
C LEU C 20 -32.73 -12.31 -37.84
N SER C 21 -33.68 -11.99 -36.96
CA SER C 21 -34.88 -11.22 -37.28
C SER C 21 -35.03 -10.07 -36.31
N CYS C 22 -35.60 -8.97 -36.79
CA CYS C 22 -35.80 -7.79 -35.97
C CYS C 22 -37.08 -7.14 -36.42
N ALA C 23 -38.11 -7.18 -35.56
CA ALA C 23 -39.42 -6.63 -35.91
C ALA C 23 -39.75 -5.44 -35.01
N GLY C 24 -40.28 -4.38 -35.62
CA GLY C 24 -40.57 -3.15 -34.91
C GLY C 24 -41.93 -3.19 -34.23
N SER C 25 -41.91 -2.97 -32.92
CA SER C 25 -43.14 -2.86 -32.12
C SER C 25 -43.34 -1.41 -31.71
N GLY C 26 -44.50 -0.86 -32.08
CA GLY C 26 -44.83 0.53 -31.77
C GLY C 26 -43.96 1.52 -32.55
N ILE C 27 -43.38 1.07 -33.67
CA ILE C 27 -42.51 1.92 -34.48
C ILE C 27 -42.54 1.36 -35.89
N THR C 28 -42.52 2.24 -36.90
CA THR C 28 -42.47 1.81 -38.31
C THR C 28 -41.04 1.88 -38.85
N PHE C 29 -40.65 0.85 -39.60
CA PHE C 29 -39.38 0.83 -40.29
C PHE C 29 -39.52 1.44 -41.68
N SER C 30 -40.74 1.40 -42.21
CA SER C 30 -41.00 1.93 -43.55
C SER C 30 -40.63 3.39 -43.56
N GLY C 31 -39.92 3.79 -44.60
CA GLY C 31 -39.38 5.15 -44.72
C GLY C 31 -37.98 5.38 -44.18
N TYR C 32 -37.35 4.36 -43.60
CA TYR C 32 -36.08 4.55 -42.90
C TYR C 32 -35.09 3.47 -43.29
N GLY C 33 -33.83 3.86 -43.37
CA GLY C 33 -32.75 2.88 -43.48
C GLY C 33 -32.58 2.14 -42.18
N MET C 34 -31.85 1.02 -42.24
CA MET C 34 -31.59 0.21 -41.07
C MET C 34 -30.23 -0.41 -41.16
N SER C 35 -29.67 -0.73 -40.01
CA SER C 35 -28.35 -1.33 -39.91
C SER C 35 -28.36 -2.49 -38.90
N TRP C 36 -27.35 -3.34 -39.02
CA TRP C 36 -26.99 -4.29 -37.98
C TRP C 36 -25.62 -3.87 -37.48
N VAL C 37 -25.43 -3.95 -36.16
CA VAL C 37 -24.13 -3.72 -35.56
C VAL C 37 -23.92 -4.77 -34.48
N ARG C 38 -22.68 -5.10 -34.21
CA ARG C 38 -22.41 -6.14 -33.23
C ARG C 38 -21.41 -5.70 -32.20
N GLN C 39 -21.53 -6.28 -31.01
CA GLN C 39 -20.57 -6.08 -29.94
C GLN C 39 -19.91 -7.41 -29.63
N THR C 40 -18.62 -7.49 -29.92
CA THR C 40 -17.84 -8.66 -29.68
C THR C 40 -17.49 -8.75 -28.18
N PRO C 41 -16.96 -9.90 -27.73
CA PRO C 41 -16.71 -10.06 -26.30
C PRO C 41 -15.68 -9.09 -25.66
N ASP C 42 -14.80 -8.48 -26.47
CA ASP C 42 -13.66 -7.59 -26.03
C ASP C 42 -13.81 -6.10 -25.44
N LYS C 43 -14.92 -5.35 -25.44
CA LYS C 43 -16.18 -5.53 -26.14
C LYS C 43 -16.47 -4.23 -26.95
N SER C 44 -15.93 -4.27 -28.15
CA SER C 44 -15.95 -3.18 -29.09
C SER C 44 -17.26 -3.18 -29.89
N LEU C 45 -17.68 -2.04 -30.44
CA LEU C 45 -18.82 -2.01 -31.37
C LEU C 45 -18.31 -2.03 -32.80
N GLU C 46 -18.97 -2.82 -33.63
CA GLU C 46 -18.58 -2.97 -35.01
C GLU C 46 -19.82 -2.90 -35.90
N TRP C 47 -19.80 -2.00 -36.87
CA TRP C 47 -20.90 -1.85 -37.80
C TRP C 47 -20.82 -3.06 -38.74
N VAL C 48 -21.96 -3.68 -39.05
CA VAL C 48 -21.99 -4.90 -39.86
C VAL C 48 -22.53 -4.68 -41.28
N ALA C 49 -23.70 -4.05 -41.38
CA ALA C 49 -24.35 -3.83 -42.68
C ALA C 49 -25.48 -2.83 -42.57
N LEU C 50 -25.85 -2.25 -43.71
CA LEU C 50 -27.07 -1.42 -43.80
C LEU C 50 -27.87 -1.72 -45.04
N ILE C 51 -29.11 -1.25 -45.00
CA ILE C 51 -30.05 -1.41 -46.08
C ILE C 51 -30.98 -0.20 -46.12
N SER C 52 -31.22 0.31 -47.32
CA SER C 52 -32.06 1.45 -47.54
C SER C 52 -33.53 1.12 -47.34
N ASN C 53 -34.32 2.17 -47.18
CA ASN C 53 -35.79 2.09 -47.00
C ASN C 53 -36.49 0.93 -47.73
N GLY C 54 -36.42 0.91 -49.05
CA GLY C 54 -37.14 -0.11 -49.85
C GLY C 54 -36.29 -1.31 -50.20
N GLY C 55 -35.05 -1.32 -49.75
CA GLY C 55 -34.15 -2.44 -50.03
C GLY C 55 -33.37 -2.35 -51.34
N SER C 56 -33.40 -1.23 -52.03
CA SER C 56 -32.65 -1.08 -53.30
C SER C 56 -31.11 -1.02 -53.08
N TYR C 57 -30.65 -0.55 -51.91
CA TYR C 57 -29.23 -0.32 -51.61
C TYR C 57 -28.85 -1.14 -50.38
N ALA C 58 -27.80 -1.94 -50.49
CA ALA C 58 -27.25 -2.65 -49.34
C ALA C 58 -25.73 -2.52 -49.32
N TYR C 59 -25.18 -2.41 -48.13
CA TYR C 59 -23.73 -2.27 -47.96
C TYR C 59 -23.26 -3.11 -46.78
N TYR C 60 -22.10 -3.77 -46.95
CA TYR C 60 -21.55 -4.71 -45.97
C TYR C 60 -20.15 -4.29 -45.49
N SER C 61 -19.85 -4.51 -44.22
CA SER C 61 -18.50 -4.31 -43.72
C SER C 61 -17.53 -5.30 -44.37
N ASP C 62 -16.25 -4.98 -44.36
CA ASP C 62 -15.23 -5.88 -44.94
C ASP C 62 -15.17 -7.23 -44.27
N SER C 63 -15.48 -7.28 -42.97
CA SER C 63 -15.41 -8.54 -42.23
C SER C 63 -16.56 -9.50 -42.57
N VAL C 64 -17.68 -9.02 -43.11
CA VAL C 64 -18.79 -9.92 -43.41
C VAL C 64 -19.18 -10.04 -44.89
N LYS C 65 -18.62 -9.23 -45.77
CA LYS C 65 -18.99 -9.27 -47.18
C LYS C 65 -18.73 -10.66 -47.78
N GLY C 66 -19.68 -11.14 -48.59
CA GLY C 66 -19.61 -12.49 -49.15
C GLY C 66 -20.14 -13.58 -48.25
N ARG C 67 -20.45 -13.24 -47.00
CA ARG C 67 -20.96 -14.25 -46.09
C ARG C 67 -22.33 -13.95 -45.50
N PHE C 68 -22.64 -12.67 -45.31
CA PHE C 68 -23.88 -12.22 -44.67
C PHE C 68 -24.75 -11.52 -45.73
N THR C 69 -26.06 -11.62 -45.54
CA THR C 69 -27.03 -10.94 -46.35
C THR C 69 -28.02 -10.19 -45.48
N ILE C 70 -28.13 -8.88 -45.70
CA ILE C 70 -29.14 -8.07 -45.03
C ILE C 70 -30.32 -7.94 -45.94
N SER C 71 -31.52 -8.06 -45.39
CA SER C 71 -32.75 -7.88 -46.16
C SER C 71 -33.85 -7.34 -45.26
N ARG C 72 -34.97 -6.92 -45.86
CA ARG C 72 -36.10 -6.47 -45.09
C ARG C 72 -37.41 -6.78 -45.77
N ASP C 73 -38.47 -6.71 -44.97
CA ASP C 73 -39.84 -6.87 -45.49
C ASP C 73 -40.71 -5.86 -44.79
N ASN C 74 -40.95 -4.75 -45.47
CA ASN C 74 -41.63 -3.63 -44.82
C ASN C 74 -43.10 -3.92 -44.49
N ALA C 75 -43.73 -4.77 -45.29
CA ALA C 75 -45.10 -5.17 -45.00
C ALA C 75 -45.20 -5.91 -43.66
N LYS C 76 -44.12 -6.60 -43.26
CA LYS C 76 -44.04 -7.29 -41.97
C LYS C 76 -43.25 -6.52 -40.93
N ASN C 77 -42.90 -5.28 -41.26
CA ASN C 77 -42.14 -4.40 -40.41
C ASN C 77 -40.95 -5.13 -39.80
N THR C 78 -40.25 -5.91 -40.62
CA THR C 78 -39.14 -6.74 -40.15
C THR C 78 -37.84 -6.56 -40.97
N LEU C 79 -36.70 -6.63 -40.27
CA LEU C 79 -35.37 -6.62 -40.83
C LEU C 79 -34.71 -7.98 -40.56
N TYR C 80 -33.93 -8.47 -41.51
CA TYR C 80 -33.26 -9.76 -41.36
C TYR C 80 -31.76 -9.67 -41.59
N LEU C 81 -31.02 -10.60 -41.00
CA LEU C 81 -29.63 -10.80 -41.31
C LEU C 81 -29.43 -12.30 -41.49
N GLN C 82 -29.09 -12.72 -42.71
CA GLN C 82 -28.74 -14.13 -42.98
C GLN C 82 -27.24 -14.26 -42.85
N MET C 83 -26.79 -15.16 -42.01
CA MET C 83 -25.37 -15.37 -41.77
C MET C 83 -24.99 -16.75 -42.31
N SER C 84 -23.85 -16.83 -42.97
CA SER C 84 -23.31 -18.09 -43.46
C SER C 84 -21.80 -18.10 -43.30
N SER C 85 -21.18 -19.26 -43.53
CA SER C 85 -19.75 -19.44 -43.32
C SER C 85 -19.27 -18.81 -42.01
N LEU C 86 -20.00 -19.08 -40.94
CA LEU C 86 -19.72 -18.44 -39.66
C LEU C 86 -18.37 -18.86 -39.11
N ARG C 87 -17.68 -17.94 -38.46
CA ARG C 87 -16.40 -18.25 -37.83
C ARG C 87 -16.40 -17.74 -36.40
N SER C 88 -15.37 -18.16 -35.67
CA SER C 88 -15.26 -17.87 -34.26
C SER C 88 -15.43 -16.38 -33.96
N ASP C 89 -14.79 -15.54 -34.76
CA ASP C 89 -14.81 -14.13 -34.48
C ASP C 89 -16.10 -13.41 -34.95
N ASP C 90 -17.11 -14.17 -35.40
CA ASP C 90 -18.46 -13.63 -35.54
C ASP C 90 -19.25 -13.68 -34.22
N THR C 91 -18.66 -14.30 -33.20
CA THR C 91 -19.29 -14.40 -31.89
C THR C 91 -19.47 -13.00 -31.31
N ALA C 92 -20.72 -12.65 -31.01
CA ALA C 92 -21.06 -11.28 -30.65
C ALA C 92 -22.52 -11.16 -30.30
N ILE C 93 -22.87 -10.03 -29.68
CA ILE C 93 -24.26 -9.65 -29.54
C ILE C 93 -24.58 -8.80 -30.75
N TYR C 94 -25.69 -9.11 -31.43
CA TYR C 94 -26.09 -8.44 -32.67
C TYR C 94 -27.28 -7.57 -32.42
N TYR C 95 -27.12 -6.28 -32.69
CA TYR C 95 -28.21 -5.31 -32.54
C TYR C 95 -28.71 -4.89 -33.90
N CYS C 96 -30.01 -4.78 -34.04
CA CYS C 96 -30.56 -4.04 -35.17
C CYS C 96 -30.79 -2.60 -34.72
N ALA C 97 -30.75 -1.66 -35.67
CA ALA C 97 -30.98 -0.25 -35.39
C ALA C 97 -31.63 0.41 -36.56
N ARG C 98 -32.69 1.15 -36.28
CA ARG C 98 -33.31 1.98 -37.30
C ARG C 98 -32.53 3.30 -37.40
N HIS C 99 -32.41 3.82 -38.61
CA HIS C 99 -31.83 5.11 -38.84
C HIS C 99 -32.89 6.19 -38.62
N LYS C 100 -32.46 7.40 -38.26
CA LYS C 100 -33.29 8.59 -38.41
C LYS C 100 -33.61 8.80 -39.90
N GLY C 101 -34.63 9.61 -40.19
CA GLY C 101 -35.07 9.82 -41.57
C GLY C 101 -34.96 11.26 -42.02
N LEU C 102 -33.94 11.98 -41.54
CA LEU C 102 -33.80 13.38 -41.93
C LEU C 102 -33.30 13.53 -43.38
N ARG C 103 -33.80 14.59 -44.02
CA ARG C 103 -33.27 15.06 -45.31
C ARG C 103 -31.86 15.60 -45.17
N GLY C 104 -31.24 15.85 -46.31
CA GLY C 104 -29.94 16.52 -46.36
C GLY C 104 -28.75 15.63 -46.12
N GLY C 105 -28.86 14.35 -46.44
CA GLY C 105 -27.75 13.43 -46.26
C GLY C 105 -28.09 12.21 -45.42
N THR C 106 -27.07 11.60 -44.87
CA THR C 106 -27.22 10.33 -44.13
C THR C 106 -27.59 10.58 -42.66
N ASN C 107 -27.85 9.50 -41.92
CA ASN C 107 -28.51 9.60 -40.62
C ASN C 107 -27.87 8.70 -39.59
N ALA C 108 -28.00 9.11 -38.35
CA ALA C 108 -27.61 8.32 -37.18
C ALA C 108 -28.61 7.21 -36.95
N MET C 109 -28.26 6.30 -36.07
CA MET C 109 -29.14 5.19 -35.67
C MET C 109 -29.89 5.59 -34.38
N ASP C 110 -31.21 5.80 -34.47
CA ASP C 110 -31.99 6.32 -33.33
C ASP C 110 -32.69 5.29 -32.46
N TYR C 111 -33.11 4.16 -33.02
CA TYR C 111 -33.78 3.13 -32.21
C TYR C 111 -33.00 1.87 -32.35
N TRP C 112 -32.74 1.19 -31.24
CA TRP C 112 -31.93 -0.02 -31.22
C TRP C 112 -32.69 -1.18 -30.57
N GLY C 113 -32.54 -2.39 -31.12
CA GLY C 113 -33.04 -3.60 -30.47
C GLY C 113 -32.20 -3.97 -29.25
N GLN C 114 -32.75 -4.85 -28.41
CA GLN C 114 -32.06 -5.27 -27.17
C GLN C 114 -30.81 -6.15 -27.39
N GLY C 115 -30.63 -6.66 -28.61
CA GLY C 115 -29.52 -7.55 -28.89
C GLY C 115 -29.96 -9.01 -28.84
N THR C 116 -29.47 -9.80 -29.78
CA THR C 116 -29.59 -11.25 -29.74
C THR C 116 -28.15 -11.82 -29.81
N SER C 117 -27.87 -12.81 -28.99
CA SER C 117 -26.51 -13.33 -28.83
C SER C 117 -26.21 -14.50 -29.78
N VAL C 118 -25.10 -14.41 -30.50
CA VAL C 118 -24.66 -15.47 -31.41
C VAL C 118 -23.32 -15.97 -30.92
N THR C 119 -23.18 -17.29 -30.80
CA THR C 119 -21.89 -17.88 -30.43
C THR C 119 -21.52 -18.94 -31.48
N VAL C 120 -20.32 -18.80 -32.02
CA VAL C 120 -19.80 -19.70 -33.04
C VAL C 120 -18.72 -20.53 -32.38
N SER C 121 -19.02 -21.81 -32.18
CA SER C 121 -18.13 -22.71 -31.46
C SER C 121 -18.45 -24.19 -31.72
N SER C 122 -17.42 -25.04 -31.59
CA SER C 122 -17.62 -26.48 -31.62
C SER C 122 -18.15 -27.00 -30.28
N ALA C 123 -17.93 -26.25 -29.20
CA ALA C 123 -18.37 -26.66 -27.85
C ALA C 123 -19.88 -26.82 -27.74
N LYS C 124 -20.32 -27.60 -26.76
CA LYS C 124 -21.72 -27.91 -26.59
C LYS C 124 -22.38 -27.09 -25.50
N THR C 125 -23.70 -26.95 -25.57
CA THR C 125 -24.45 -26.30 -24.52
C THR C 125 -24.34 -27.12 -23.23
N THR C 126 -23.87 -26.45 -22.17
CA THR C 126 -23.70 -27.06 -20.85
C THR C 126 -24.41 -26.16 -19.84
N PRO C 127 -25.37 -26.73 -19.08
CA PRO C 127 -26.01 -25.89 -18.08
C PRO C 127 -25.07 -25.57 -16.91
N PRO C 128 -25.41 -24.54 -16.13
CA PRO C 128 -24.56 -24.16 -15.01
C PRO C 128 -24.84 -25.00 -13.77
N SER C 129 -23.82 -25.16 -12.94
CA SER C 129 -24.01 -25.61 -11.57
C SER C 129 -24.01 -24.35 -10.69
N VAL C 130 -24.89 -24.32 -9.69
CA VAL C 130 -25.03 -23.17 -8.82
C VAL C 130 -24.78 -23.58 -7.36
N TYR C 131 -23.86 -22.88 -6.70
CA TYR C 131 -23.49 -23.17 -5.32
C TYR C 131 -23.69 -21.95 -4.44
N PRO C 132 -24.31 -22.15 -3.25
CA PRO C 132 -24.51 -21.05 -2.32
C PRO C 132 -23.22 -20.65 -1.61
N LEU C 133 -23.08 -19.36 -1.32
CA LEU C 133 -21.96 -18.83 -0.55
C LEU C 133 -22.53 -18.13 0.67
N ALA C 134 -22.48 -18.81 1.82
CA ALA C 134 -23.05 -18.32 3.07
C ALA C 134 -22.06 -18.57 4.20
N PRO C 135 -22.04 -17.66 5.20
CA PRO C 135 -21.12 -17.89 6.32
C PRO C 135 -21.59 -19.07 7.17
N GLY C 136 -20.70 -19.55 8.05
CA GLY C 136 -21.00 -20.67 8.91
C GLY C 136 -21.99 -20.28 9.98
N CYS C 137 -22.74 -21.29 10.41
CA CYS C 137 -23.83 -21.17 11.40
C CYS C 137 -23.42 -20.46 12.71
N GLY C 138 -22.22 -20.76 13.20
CA GLY C 138 -21.71 -20.09 14.40
C GLY C 138 -21.14 -18.71 14.16
N ASP C 139 -20.49 -18.54 13.00
CA ASP C 139 -19.67 -17.37 12.70
C ASP C 139 -20.22 -16.02 13.19
N THR C 140 -19.31 -15.22 13.73
CA THR C 140 -19.61 -13.87 14.12
C THR C 140 -19.79 -13.01 12.87
N THR C 141 -20.62 -11.98 12.97
CA THR C 141 -20.87 -11.09 11.85
C THR C 141 -20.88 -9.65 12.30
N GLY C 142 -20.71 -8.74 11.36
CA GLY C 142 -20.78 -7.33 11.62
C GLY C 142 -22.21 -6.85 11.50
N SER C 143 -22.36 -5.59 11.11
CA SER C 143 -23.66 -4.95 10.94
C SER C 143 -24.41 -5.58 9.76
N SER C 144 -23.67 -5.90 8.71
CA SER C 144 -24.23 -6.51 7.51
C SER C 144 -23.54 -7.85 7.24
N VAL C 145 -24.23 -8.70 6.48
CA VAL C 145 -23.70 -10.01 6.10
C VAL C 145 -23.64 -10.08 4.57
N THR C 146 -22.53 -10.58 4.04
CA THR C 146 -22.40 -10.77 2.59
C THR C 146 -22.67 -12.23 2.25
N LEU C 147 -23.51 -12.41 1.23
CA LEU C 147 -23.91 -13.72 0.74
C LEU C 147 -23.68 -13.73 -0.76
N GLY C 148 -23.65 -14.91 -1.37
CA GLY C 148 -23.47 -14.97 -2.81
C GLY C 148 -23.81 -16.29 -3.44
N CYS C 149 -23.72 -16.33 -4.76
CA CYS C 149 -23.91 -17.55 -5.52
C CYS C 149 -22.81 -17.66 -6.54
N LEU C 150 -22.26 -18.86 -6.63
CA LEU C 150 -21.22 -19.18 -7.57
C LEU C 150 -21.85 -19.96 -8.69
N VAL C 151 -21.67 -19.49 -9.93
CA VAL C 151 -22.26 -20.13 -11.10
C VAL C 151 -21.14 -20.64 -11.98
N LYS C 152 -21.10 -21.96 -12.17
CA LYS C 152 -19.93 -22.62 -12.67
C LYS C 152 -20.26 -23.64 -13.77
N GLY C 153 -19.33 -23.79 -14.71
CA GLY C 153 -19.38 -24.85 -15.72
C GLY C 153 -20.45 -24.73 -16.79
N TYR C 154 -20.67 -23.52 -17.32
CA TYR C 154 -21.70 -23.32 -18.35
C TYR C 154 -21.15 -22.80 -19.67
N PHE C 155 -21.90 -23.05 -20.74
CA PHE C 155 -21.58 -22.56 -22.08
C PHE C 155 -22.85 -22.61 -22.92
N PRO C 156 -23.06 -21.63 -23.80
CA PRO C 156 -22.30 -20.41 -24.06
C PRO C 156 -22.57 -19.36 -22.98
N GLU C 157 -22.06 -18.16 -23.20
CA GLU C 157 -22.33 -17.01 -22.37
C GLU C 157 -23.73 -16.66 -22.96
N SER C 158 -24.75 -16.39 -22.15
CA SER C 158 -24.64 -15.88 -20.83
C SER C 158 -25.83 -16.28 -19.97
N VAL C 159 -25.74 -15.75 -18.76
CA VAL C 159 -26.67 -16.06 -17.70
C VAL C 159 -27.05 -14.78 -16.98
N THR C 160 -28.20 -14.82 -16.34
CA THR C 160 -28.66 -13.72 -15.51
C THR C 160 -28.87 -14.22 -14.09
N VAL C 161 -28.36 -13.45 -13.11
CA VAL C 161 -28.59 -13.76 -11.70
C VAL C 161 -29.49 -12.71 -11.05
N THR C 162 -30.52 -13.16 -10.35
CA THR C 162 -31.43 -12.27 -9.66
C THR C 162 -31.56 -12.67 -8.22
N TRP C 163 -31.55 -11.70 -7.33
CA TRP C 163 -31.71 -11.96 -5.91
C TRP C 163 -33.13 -11.63 -5.45
N ASN C 164 -33.65 -12.49 -4.60
CA ASN C 164 -34.93 -12.26 -3.96
C ASN C 164 -34.59 -12.11 -2.49
N SER C 165 -34.60 -10.85 -2.03
CA SER C 165 -34.27 -10.47 -0.68
C SER C 165 -35.06 -9.21 -0.31
N SER C 171 -27.57 -3.39 -3.13
CA SER C 171 -26.19 -3.77 -2.84
C SER C 171 -25.96 -5.17 -3.42
N VAL C 172 -26.44 -5.34 -4.65
CA VAL C 172 -26.10 -6.50 -5.47
C VAL C 172 -24.88 -6.19 -6.30
N HIS C 173 -23.94 -7.12 -6.34
CA HIS C 173 -22.80 -6.99 -7.25
C HIS C 173 -22.74 -8.15 -8.22
N THR C 174 -22.58 -7.79 -9.49
CA THR C 174 -22.55 -8.74 -10.61
C THR C 174 -21.17 -8.75 -11.24
N PHE C 175 -20.52 -9.91 -11.21
CA PHE C 175 -19.15 -10.04 -11.65
C PHE C 175 -19.14 -10.74 -13.01
N PRO C 176 -18.59 -10.10 -14.05
CA PRO C 176 -18.55 -10.70 -15.41
C PRO C 176 -17.94 -12.09 -15.45
N ALA C 177 -18.47 -12.93 -16.34
CA ALA C 177 -18.05 -14.33 -16.46
C ALA C 177 -16.66 -14.44 -17.04
N LEU C 178 -15.94 -15.49 -16.65
CA LEU C 178 -14.63 -15.76 -17.21
C LEU C 178 -14.55 -17.21 -17.65
N LEU C 179 -13.72 -17.45 -18.66
CA LEU C 179 -13.55 -18.76 -19.25
C LEU C 179 -12.52 -19.57 -18.46
N GLN C 180 -12.94 -20.72 -17.93
CA GLN C 180 -12.01 -21.68 -17.31
C GLN C 180 -12.23 -23.06 -17.92
N SER C 181 -11.20 -23.58 -18.60
CA SER C 181 -11.27 -24.87 -19.29
C SER C 181 -12.44 -24.93 -20.28
N GLY C 182 -12.64 -23.83 -21.01
CA GLY C 182 -13.67 -23.76 -22.04
C GLY C 182 -15.10 -23.66 -21.53
N LEU C 183 -15.27 -23.59 -20.21
CA LEU C 183 -16.57 -23.32 -19.62
C LEU C 183 -16.50 -22.01 -18.86
N TYR C 184 -17.66 -21.41 -18.65
CA TYR C 184 -17.73 -20.11 -18.00
C TYR C 184 -18.01 -20.25 -16.51
N THR C 185 -17.40 -19.34 -15.74
CA THR C 185 -17.67 -19.18 -14.31
C THR C 185 -17.95 -17.72 -13.98
N MET C 186 -18.99 -17.47 -13.19
CA MET C 186 -19.26 -16.14 -12.66
C MET C 186 -19.85 -16.26 -11.25
N SER C 187 -19.77 -15.16 -10.50
CA SER C 187 -20.36 -15.08 -9.17
C SER C 187 -21.17 -13.80 -9.04
N SER C 188 -22.04 -13.79 -8.04
CA SER C 188 -22.85 -12.65 -7.68
C SER C 188 -22.91 -12.57 -6.16
N SER C 189 -22.93 -11.35 -5.62
CA SER C 189 -23.02 -11.15 -4.19
C SER C 189 -24.10 -10.15 -3.83
N VAL C 190 -24.60 -10.29 -2.61
CA VAL C 190 -25.59 -9.38 -2.07
C VAL C 190 -25.26 -9.18 -0.61
N THR C 191 -25.48 -7.96 -0.12
CA THR C 191 -25.23 -7.64 1.27
C THR C 191 -26.54 -7.23 1.94
N VAL C 192 -26.83 -7.86 3.08
CA VAL C 192 -28.06 -7.63 3.82
C VAL C 192 -27.73 -7.36 5.29
N PRO C 193 -28.64 -6.66 6.01
CA PRO C 193 -28.38 -6.44 7.44
C PRO C 193 -28.29 -7.73 8.23
N SER C 194 -27.38 -7.76 9.19
CA SER C 194 -27.17 -8.92 10.04
C SER C 194 -28.45 -9.42 10.70
N SER C 195 -29.31 -8.48 11.10
CA SER C 195 -30.53 -8.81 11.83
C SER C 195 -31.54 -9.59 10.98
N THR C 196 -31.47 -9.44 9.67
CA THR C 196 -32.46 -10.03 8.78
C THR C 196 -32.06 -11.39 8.21
N TRP C 197 -30.90 -11.90 8.60
CA TRP C 197 -30.46 -13.18 8.10
C TRP C 197 -29.85 -14.01 9.24
N PRO C 198 -30.13 -15.32 9.28
CA PRO C 198 -30.90 -16.15 8.35
C PRO C 198 -32.42 -16.18 8.56
N SER C 199 -32.95 -15.34 9.45
CA SER C 199 -34.39 -15.36 9.76
C SER C 199 -35.27 -15.09 8.54
N GLU C 200 -34.88 -14.13 7.71
CA GLU C 200 -35.58 -13.87 6.46
C GLU C 200 -34.92 -14.57 5.29
N THR C 201 -35.74 -15.00 4.34
CA THR C 201 -35.30 -15.72 3.17
C THR C 201 -34.48 -14.86 2.21
N VAL C 202 -33.38 -15.44 1.73
CA VAL C 202 -32.61 -14.86 0.63
C VAL C 202 -32.36 -15.97 -0.39
N THR C 203 -32.64 -15.66 -1.64
CA THR C 203 -32.56 -16.63 -2.71
C THR C 203 -31.91 -16.02 -3.93
N CYS C 204 -31.02 -16.76 -4.59
CA CYS C 204 -30.49 -16.32 -5.88
C CYS C 204 -31.11 -17.17 -6.99
N SER C 205 -31.54 -16.51 -8.05
CA SER C 205 -32.19 -17.17 -9.18
C SER C 205 -31.32 -16.98 -10.40
N VAL C 206 -30.93 -18.10 -10.99
CA VAL C 206 -29.94 -18.13 -12.05
C VAL C 206 -30.56 -18.71 -13.32
N ALA C 207 -30.51 -17.93 -14.40
CA ALA C 207 -31.11 -18.34 -15.66
C ALA C 207 -30.06 -18.39 -16.76
N HIS C 208 -30.07 -19.47 -17.53
CA HIS C 208 -29.15 -19.70 -18.63
C HIS C 208 -29.99 -20.14 -19.82
N PRO C 209 -30.52 -19.17 -20.59
CA PRO C 209 -31.46 -19.44 -21.69
C PRO C 209 -31.02 -20.50 -22.72
N ALA C 210 -29.74 -20.56 -23.06
CA ALA C 210 -29.26 -21.54 -24.03
C ALA C 210 -29.60 -22.98 -23.64
N SER C 211 -29.60 -23.29 -22.35
CA SER C 211 -29.95 -24.64 -21.87
C SER C 211 -31.34 -24.71 -21.25
N SER C 212 -32.11 -23.63 -21.37
CA SER C 212 -33.44 -23.53 -20.76
C SER C 212 -33.43 -23.83 -19.26
N THR C 213 -32.32 -23.47 -18.60
CA THR C 213 -32.11 -23.75 -17.19
C THR C 213 -32.52 -22.54 -16.37
N THR C 214 -33.30 -22.76 -15.32
CA THR C 214 -33.51 -21.77 -14.27
C THR C 214 -33.37 -22.41 -12.91
N VAL C 215 -32.40 -21.94 -12.12
CA VAL C 215 -32.08 -22.52 -10.80
C VAL C 215 -32.31 -21.50 -9.69
N ASP C 216 -33.05 -21.89 -8.66
CA ASP C 216 -33.22 -21.09 -7.45
C ASP C 216 -32.48 -21.73 -6.30
N LYS C 217 -31.52 -21.00 -5.73
CA LYS C 217 -30.78 -21.48 -4.55
C LYS C 217 -31.15 -20.65 -3.33
N LYS C 218 -31.65 -21.30 -2.29
CA LYS C 218 -31.93 -20.64 -1.01
C LYS C 218 -30.66 -20.60 -0.19
N LEU C 219 -30.34 -19.44 0.37
CA LEU C 219 -29.11 -19.27 1.14
C LEU C 219 -29.35 -19.56 2.62
N GLU C 220 -28.65 -20.58 3.13
CA GLU C 220 -28.79 -21.00 4.53
C GLU C 220 -27.41 -21.08 5.13
N PRO C 221 -27.30 -20.87 6.46
CA PRO C 221 -25.96 -20.88 7.06
C PRO C 221 -25.27 -22.23 6.90
N SER C 222 -23.97 -22.21 6.68
CA SER C 222 -23.28 -23.45 6.38
C SER C 222 -22.98 -24.24 7.64
N ASP D 1 -11.87 3.71 -46.83
CA ASP D 1 -12.61 3.62 -45.54
C ASP D 1 -12.19 4.76 -44.60
N ILE D 2 -13.18 5.39 -43.97
CA ILE D 2 -12.91 6.45 -43.02
C ILE D 2 -12.62 5.80 -41.68
N VAL D 3 -11.43 6.07 -41.16
CA VAL D 3 -10.98 5.49 -39.89
C VAL D 3 -11.16 6.54 -38.81
N LEU D 4 -11.75 6.13 -37.69
CA LEU D 4 -12.03 7.02 -36.57
C LEU D 4 -11.14 6.69 -35.41
N THR D 5 -10.51 7.71 -34.84
CA THR D 5 -9.63 7.55 -33.72
C THR D 5 -10.12 8.42 -32.57
N GLN D 6 -10.40 7.78 -31.44
CA GLN D 6 -10.92 8.48 -30.29
C GLN D 6 -9.81 8.72 -29.29
N SER D 7 -9.96 9.79 -28.53
CA SER D 7 -8.98 10.13 -27.52
C SER D 7 -9.71 10.83 -26.37
N PRO D 8 -9.30 10.53 -25.13
CA PRO D 8 -8.39 9.46 -24.73
C PRO D 8 -9.13 8.13 -24.71
N ALA D 9 -8.41 7.03 -24.43
CA ALA D 9 -9.06 5.73 -24.31
C ALA D 9 -9.92 5.67 -23.06
N SER D 10 -9.44 6.29 -21.99
CA SER D 10 -10.19 6.33 -20.74
C SER D 10 -10.02 7.70 -20.15
N LEU D 11 -11.06 8.23 -19.54
CA LEU D 11 -10.93 9.51 -18.87
C LEU D 11 -11.67 9.51 -17.56
N ALA D 12 -10.96 9.96 -16.54
CA ALA D 12 -11.47 10.05 -15.19
C ALA D 12 -11.82 11.50 -14.91
N VAL D 13 -12.97 11.72 -14.29
CA VAL D 13 -13.49 13.08 -14.06
C VAL D 13 -14.28 13.10 -12.76
N SER D 14 -14.20 14.19 -12.02
CA SER D 14 -14.94 14.37 -10.77
C SER D 14 -16.38 14.74 -11.04
N LEU D 15 -17.27 14.33 -10.15
CA LEU D 15 -18.69 14.66 -10.28
C LEU D 15 -18.85 16.17 -10.36
N GLY D 16 -19.69 16.61 -11.28
CA GLY D 16 -19.93 18.03 -11.49
C GLY D 16 -19.00 18.69 -12.48
N GLN D 17 -17.92 18.01 -12.87
CA GLN D 17 -16.96 18.58 -13.81
C GLN D 17 -17.35 18.32 -15.24
N ARG D 18 -16.64 18.97 -16.13
CA ARG D 18 -16.82 18.87 -17.56
C ARG D 18 -15.93 17.76 -18.07
N ALA D 19 -16.51 16.83 -18.83
CA ALA D 19 -15.76 15.80 -19.53
C ALA D 19 -15.78 16.07 -21.02
N THR D 20 -14.61 15.96 -21.65
CA THR D 20 -14.48 16.21 -23.08
C THR D 20 -13.80 15.04 -23.75
N ILE D 21 -14.45 14.50 -24.77
CA ILE D 21 -13.98 13.32 -25.50
C ILE D 21 -13.76 13.71 -26.96
N PHE D 22 -12.69 13.20 -27.57
CA PHE D 22 -12.35 13.60 -28.92
C PHE D 22 -12.49 12.47 -29.94
N CYS D 23 -12.82 12.84 -31.17
CA CYS D 23 -12.88 11.88 -32.25
C CYS D 23 -12.27 12.52 -33.49
N ARG D 24 -11.25 11.87 -34.06
CA ARG D 24 -10.61 12.35 -35.27
C ARG D 24 -10.89 11.36 -36.41
N ALA D 25 -11.25 11.90 -37.57
CA ALA D 25 -11.53 11.08 -38.74
C ALA D 25 -10.36 11.21 -39.72
N SER D 26 -10.07 10.13 -40.45
CA SER D 26 -8.96 10.08 -41.39
C SER D 26 -9.21 10.93 -42.63
N GLU D 27 -10.47 11.29 -42.87
CA GLU D 27 -10.83 12.19 -43.95
C GLU D 27 -12.14 12.88 -43.58
N THR D 28 -12.52 13.89 -44.35
CA THR D 28 -13.65 14.73 -43.96
C THR D 28 -14.95 13.91 -43.93
N VAL D 29 -15.77 14.18 -42.92
CA VAL D 29 -17.12 13.60 -42.86
C VAL D 29 -18.20 14.63 -43.17
N ASP D 30 -17.79 15.76 -43.78
CA ASP D 30 -18.73 16.78 -44.18
C ASP D 30 -19.23 16.58 -45.60
N SER D 31 -20.52 16.83 -45.81
CA SER D 31 -21.05 17.01 -47.15
C SER D 31 -22.38 17.72 -47.02
N TYR D 32 -22.82 18.37 -48.09
CA TYR D 32 -24.12 19.09 -48.10
C TYR D 32 -24.26 20.10 -46.97
N GLY D 33 -23.15 20.68 -46.52
CA GLY D 33 -23.17 21.67 -45.43
C GLY D 33 -23.41 21.10 -44.04
N ASN D 34 -23.27 19.79 -43.89
CA ASN D 34 -23.43 19.12 -42.59
C ASN D 34 -22.24 18.24 -42.32
N SER D 35 -22.13 17.81 -41.07
CA SER D 35 -21.07 16.92 -40.63
C SER D 35 -21.70 15.62 -40.13
N PHE D 36 -21.31 14.49 -40.71
CA PHE D 36 -21.99 13.25 -40.46
C PHE D 36 -21.19 12.39 -39.49
N MET D 37 -21.02 12.94 -38.29
CA MET D 37 -20.47 12.24 -37.15
C MET D 37 -21.56 12.18 -36.10
N HIS D 38 -21.71 11.03 -35.47
CA HIS D 38 -22.74 10.77 -34.48
C HIS D 38 -22.09 10.16 -33.26
N TRP D 39 -22.71 10.37 -32.10
CA TRP D 39 -22.15 9.84 -30.87
C TRP D 39 -23.14 8.97 -30.15
N TYR D 40 -22.65 7.88 -29.56
CA TYR D 40 -23.48 6.90 -28.87
C TYR D 40 -22.92 6.63 -27.49
N GLN D 41 -23.82 6.30 -26.58
CA GLN D 41 -23.44 5.86 -25.24
C GLN D 41 -23.76 4.39 -25.10
N GLN D 42 -22.84 3.62 -24.51
CA GLN D 42 -23.12 2.24 -24.18
C GLN D 42 -22.78 1.87 -22.74
N LYS D 43 -23.81 1.49 -21.99
CA LYS D 43 -23.62 1.05 -20.60
C LYS D 43 -23.66 -0.47 -20.57
N PRO D 44 -22.98 -1.10 -19.60
CA PRO D 44 -22.93 -2.56 -19.60
C PRO D 44 -24.32 -3.16 -19.46
N GLY D 45 -24.56 -4.24 -20.20
CA GLY D 45 -25.87 -4.89 -20.26
C GLY D 45 -26.97 -4.12 -20.97
N GLN D 46 -26.61 -3.09 -21.73
CA GLN D 46 -27.60 -2.30 -22.44
C GLN D 46 -27.17 -2.10 -23.88
N PRO D 47 -28.13 -1.91 -24.79
CA PRO D 47 -27.75 -1.53 -26.14
C PRO D 47 -27.22 -0.09 -26.23
N PRO D 48 -26.51 0.24 -27.33
CA PRO D 48 -26.05 1.60 -27.52
C PRO D 48 -27.23 2.52 -27.58
N LYS D 49 -27.01 3.76 -27.20
CA LYS D 49 -28.05 4.76 -27.28
C LYS D 49 -27.50 6.00 -27.98
N LEU D 50 -28.25 6.52 -28.92
CA LEU D 50 -27.88 7.72 -29.63
C LEU D 50 -27.91 8.98 -28.73
N LEU D 51 -26.79 9.71 -28.70
CA LEU D 51 -26.68 10.99 -27.96
C LEU D 51 -26.81 12.22 -28.85
N ILE D 52 -26.01 12.25 -29.90
CA ILE D 52 -25.81 13.42 -30.73
C ILE D 52 -25.80 12.94 -32.16
N TYR D 53 -26.57 13.58 -33.03
CA TYR D 53 -26.54 13.28 -34.43
C TYR D 53 -26.03 14.47 -35.22
N ARG D 54 -25.41 14.16 -36.34
CA ARG D 54 -24.87 15.15 -37.27
C ARG D 54 -24.01 16.18 -36.54
N ALA D 55 -23.09 15.66 -35.72
CA ALA D 55 -22.05 16.42 -35.01
C ALA D 55 -22.53 17.28 -33.82
N SER D 56 -23.64 17.98 -33.97
CA SER D 56 -24.00 19.00 -32.99
C SER D 56 -25.46 19.01 -32.49
N ASN D 57 -26.25 18.02 -32.89
CA ASN D 57 -27.66 17.99 -32.54
C ASN D 57 -27.97 17.00 -31.44
N LEU D 58 -28.48 17.51 -30.33
CA LEU D 58 -28.93 16.65 -29.22
C LEU D 58 -30.13 15.81 -29.63
N GLU D 59 -30.08 14.51 -29.39
CA GLU D 59 -31.20 13.63 -29.72
C GLU D 59 -32.33 13.80 -28.68
N SER D 60 -33.57 13.88 -29.16
CA SER D 60 -34.73 13.99 -28.29
C SER D 60 -34.70 12.91 -27.24
N GLY D 61 -34.93 13.30 -25.99
CA GLY D 61 -34.97 12.35 -24.88
C GLY D 61 -33.66 12.26 -24.12
N ILE D 62 -32.59 12.82 -24.68
CA ILE D 62 -31.28 12.73 -24.05
C ILE D 62 -31.07 13.95 -23.12
N PRO D 63 -30.50 13.72 -21.93
CA PRO D 63 -30.24 14.84 -21.01
C PRO D 63 -29.41 15.97 -21.60
N ALA D 64 -29.71 17.20 -21.16
CA ALA D 64 -29.07 18.41 -21.70
C ALA D 64 -27.56 18.46 -21.45
N ARG D 65 -27.09 17.77 -20.43
CA ARG D 65 -25.65 17.80 -20.13
C ARG D 65 -24.78 17.24 -21.26
N PHE D 66 -25.39 16.55 -22.22
CA PHE D 66 -24.68 16.12 -23.42
C PHE D 66 -24.74 17.17 -24.52
N SER D 67 -23.60 17.42 -25.15
CA SER D 67 -23.53 18.25 -26.35
C SER D 67 -22.35 17.85 -27.20
N GLY D 68 -22.40 18.21 -28.47
CA GLY D 68 -21.31 17.91 -29.39
C GLY D 68 -21.00 19.06 -30.33
N SER D 69 -19.76 19.10 -30.82
CA SER D 69 -19.36 20.08 -31.82
C SER D 69 -18.21 19.58 -32.68
N GLY D 70 -17.98 20.28 -33.78
CA GLY D 70 -16.83 20.05 -34.63
C GLY D 70 -17.22 20.06 -36.08
N SER D 71 -16.23 19.90 -36.94
CA SER D 71 -16.49 19.73 -38.37
C SER D 71 -15.26 19.12 -39.06
N ARG D 72 -15.46 18.72 -40.31
CA ARG D 72 -14.42 18.16 -41.17
C ARG D 72 -13.85 16.87 -40.60
N THR D 73 -12.75 16.95 -39.86
CA THR D 73 -12.12 15.76 -39.29
C THR D 73 -12.04 15.75 -37.75
N ASP D 74 -12.42 16.84 -37.09
CA ASP D 74 -12.25 16.89 -35.63
C ASP D 74 -13.57 17.18 -34.90
N PHE D 75 -13.90 16.32 -33.93
CA PHE D 75 -15.18 16.35 -33.28
C PHE D 75 -15.03 16.14 -31.81
N THR D 76 -15.95 16.73 -31.05
CA THR D 76 -15.88 16.66 -29.63
C THR D 76 -17.25 16.31 -29.07
N LEU D 77 -17.28 15.47 -28.04
CA LEU D 77 -18.47 15.27 -27.22
C LEU D 77 -18.16 15.85 -25.84
N THR D 78 -19.09 16.62 -25.31
CA THR D 78 -18.94 17.19 -23.99
C THR D 78 -20.08 16.74 -23.08
N ILE D 79 -19.71 16.31 -21.88
CA ILE D 79 -20.64 15.94 -20.84
C ILE D 79 -20.41 16.93 -19.71
N ASN D 80 -21.41 17.75 -19.42
CA ASN D 80 -21.21 18.84 -18.45
C ASN D 80 -22.54 19.31 -17.86
N PRO D 81 -22.76 19.10 -16.56
CA PRO D 81 -21.93 18.43 -15.57
C PRO D 81 -22.01 16.90 -15.58
N VAL D 82 -20.87 16.25 -15.39
CA VAL D 82 -20.84 14.80 -15.25
C VAL D 82 -21.58 14.34 -14.00
N GLU D 83 -22.39 13.30 -14.16
CA GLU D 83 -23.08 12.63 -13.07
C GLU D 83 -22.58 11.19 -12.90
N ALA D 84 -22.81 10.61 -11.72
CA ALA D 84 -22.33 9.26 -11.41
C ALA D 84 -22.86 8.26 -12.44
N ASP D 85 -24.07 8.55 -12.90
CA ASP D 85 -24.86 7.84 -13.89
C ASP D 85 -24.24 7.75 -15.30
N ASP D 86 -23.26 8.61 -15.56
CA ASP D 86 -22.67 8.72 -16.89
C ASP D 86 -21.53 7.74 -17.16
N VAL D 87 -21.17 6.93 -16.17
CA VAL D 87 -20.18 5.89 -16.39
C VAL D 87 -20.67 4.96 -17.53
N ALA D 88 -19.81 4.80 -18.53
CA ALA D 88 -20.19 4.19 -19.82
C ALA D 88 -19.03 4.27 -20.77
N THR D 89 -19.16 3.57 -21.90
CA THR D 89 -18.28 3.77 -23.05
C THR D 89 -18.97 4.56 -24.13
N TYR D 90 -18.26 5.54 -24.65
CA TYR D 90 -18.82 6.50 -25.59
C TYR D 90 -18.16 6.29 -26.93
N TYR D 91 -18.96 6.20 -27.98
CA TYR D 91 -18.48 5.97 -29.34
C TYR D 91 -18.89 7.05 -30.33
N CYS D 92 -17.94 7.44 -31.19
CA CYS D 92 -18.25 8.22 -32.37
C CYS D 92 -18.43 7.25 -33.54
N GLN D 93 -19.20 7.67 -34.53
CA GLN D 93 -19.47 6.90 -35.71
C GLN D 93 -19.72 7.87 -36.85
N GLN D 94 -19.20 7.54 -38.04
CA GLN D 94 -19.43 8.39 -39.22
C GLN D 94 -20.31 7.71 -40.22
N SER D 95 -21.11 8.50 -40.94
CA SER D 95 -21.96 8.00 -41.99
C SER D 95 -21.77 8.73 -43.32
N ASN D 96 -20.68 9.48 -43.45
CA ASN D 96 -20.44 10.20 -44.70
C ASN D 96 -20.08 9.24 -45.82
N GLU D 97 -19.45 8.12 -45.49
CA GLU D 97 -19.06 7.13 -46.50
C GLU D 97 -19.30 5.75 -45.96
N ASP D 98 -19.85 4.89 -46.79
CA ASP D 98 -19.98 3.49 -46.45
C ASP D 98 -18.62 2.83 -46.78
N PRO D 99 -18.14 1.90 -45.95
CA PRO D 99 -18.81 1.31 -44.80
C PRO D 99 -18.75 2.28 -43.64
N ARG D 100 -19.80 2.27 -42.85
CA ARG D 100 -19.88 3.17 -41.73
C ARG D 100 -18.99 2.53 -40.68
N THR D 101 -18.34 3.37 -39.90
CA THR D 101 -17.34 2.88 -38.99
C THR D 101 -17.54 3.58 -37.69
N PHE D 102 -17.22 2.87 -36.62
CA PHE D 102 -17.15 3.40 -35.28
C PHE D 102 -15.70 3.68 -34.90
N GLY D 103 -15.51 4.63 -33.99
CA GLY D 103 -14.25 4.74 -33.25
C GLY D 103 -14.09 3.60 -32.26
N GLY D 104 -12.92 3.55 -31.61
CA GLY D 104 -12.62 2.47 -30.66
C GLY D 104 -13.26 2.62 -29.29
N GLY D 105 -13.93 3.74 -29.04
CA GLY D 105 -14.57 3.96 -27.74
C GLY D 105 -13.69 4.69 -26.74
N THR D 106 -14.34 5.42 -25.83
CA THR D 106 -13.72 6.06 -24.68
C THR D 106 -14.53 5.73 -23.45
N LYS D 107 -13.87 5.17 -22.42
CA LYS D 107 -14.53 4.79 -21.18
C LYS D 107 -14.50 5.98 -20.25
N LEU D 108 -15.66 6.35 -19.72
CA LEU D 108 -15.72 7.43 -18.75
C LEU D 108 -15.76 6.82 -17.36
N GLU D 109 -14.89 7.31 -16.48
CA GLU D 109 -14.86 6.87 -15.09
C GLU D 109 -14.99 8.09 -14.19
N ILE D 110 -15.50 7.87 -13.00
CA ILE D 110 -15.64 8.92 -11.99
C ILE D 110 -14.47 8.88 -11.00
N LYS D 111 -13.86 10.04 -10.77
CA LYS D 111 -12.87 10.24 -9.71
C LYS D 111 -13.58 10.48 -8.40
N ARG D 112 -13.09 9.87 -7.33
CA ARG D 112 -13.70 10.08 -6.04
C ARG D 112 -12.69 9.66 -4.98
N ALA D 113 -13.11 9.78 -3.73
CA ALA D 113 -12.25 9.52 -2.60
C ALA D 113 -11.88 8.02 -2.50
N ASP D 114 -10.66 7.75 -2.05
CA ASP D 114 -10.21 6.39 -1.82
C ASP D 114 -11.17 5.69 -0.88
N ALA D 115 -11.32 4.39 -1.07
CA ALA D 115 -12.15 3.58 -0.20
C ALA D 115 -11.56 2.17 -0.14
N ALA D 116 -11.45 1.65 1.07
CA ALA D 116 -10.91 0.31 1.28
C ALA D 116 -12.02 -0.70 1.03
N PRO D 117 -11.67 -1.88 0.51
CA PRO D 117 -12.67 -2.91 0.26
C PRO D 117 -13.22 -3.54 1.53
N THR D 118 -14.46 -4.02 1.46
CA THR D 118 -14.97 -4.93 2.47
C THR D 118 -14.72 -6.30 1.88
N VAL D 119 -14.03 -7.17 2.61
CA VAL D 119 -13.70 -8.49 2.06
C VAL D 119 -14.40 -9.64 2.78
N SER D 120 -14.94 -10.55 1.97
CA SER D 120 -15.65 -11.71 2.46
C SER D 120 -15.04 -12.94 1.81
N ILE D 121 -14.84 -13.99 2.60
CA ILE D 121 -14.23 -15.22 2.09
C ILE D 121 -15.14 -16.41 2.39
N PHE D 122 -15.22 -17.32 1.44
CA PHE D 122 -16.15 -18.45 1.50
C PHE D 122 -15.43 -19.73 1.15
N PRO D 123 -15.41 -20.69 2.09
CA PRO D 123 -14.89 -22.01 1.72
C PRO D 123 -15.82 -22.70 0.72
N PRO D 124 -15.38 -23.80 0.09
CA PRO D 124 -16.25 -24.57 -0.77
C PRO D 124 -17.51 -25.01 -0.06
N SER D 125 -18.65 -24.84 -0.72
CA SER D 125 -19.92 -25.29 -0.18
C SER D 125 -19.92 -26.80 -0.14
N SER D 126 -20.67 -27.38 0.80
CA SER D 126 -20.77 -28.84 0.87
C SER D 126 -21.33 -29.40 -0.43
N GLU D 127 -22.28 -28.68 -1.01
CA GLU D 127 -22.82 -29.06 -2.30
C GLU D 127 -21.73 -29.31 -3.33
N GLN D 128 -20.78 -28.38 -3.43
CA GLN D 128 -19.71 -28.52 -4.42
C GLN D 128 -18.72 -29.61 -4.07
N LEU D 129 -18.40 -29.73 -2.78
CA LEU D 129 -17.59 -30.84 -2.29
C LEU D 129 -18.27 -32.17 -2.58
N THR D 130 -19.56 -32.26 -2.27
CA THR D 130 -20.39 -33.42 -2.61
C THR D 130 -20.28 -33.78 -4.11
N SER D 131 -20.23 -32.75 -4.95
CA SER D 131 -20.12 -32.94 -6.40
C SER D 131 -18.72 -33.39 -6.86
N GLY D 132 -17.69 -32.99 -6.12
CA GLY D 132 -16.31 -33.40 -6.41
C GLY D 132 -15.34 -32.27 -6.71
N GLY D 133 -15.83 -31.03 -6.72
CA GLY D 133 -14.97 -29.87 -6.96
C GLY D 133 -14.82 -29.01 -5.72
N ALA D 134 -13.96 -28.01 -5.80
CA ALA D 134 -13.74 -27.10 -4.68
C ALA D 134 -13.27 -25.73 -5.16
N SER D 135 -14.11 -24.72 -4.97
CA SER D 135 -13.75 -23.34 -5.27
C SER D 135 -13.82 -22.54 -3.99
N VAL D 136 -12.81 -21.71 -3.77
CA VAL D 136 -12.80 -20.80 -2.63
C VAL D 136 -13.00 -19.42 -3.20
N VAL D 137 -13.96 -18.69 -2.66
CA VAL D 137 -14.36 -17.40 -3.24
C VAL D 137 -14.10 -16.25 -2.29
N CYS D 138 -13.55 -15.18 -2.83
CA CYS D 138 -13.32 -13.97 -2.11
C CYS D 138 -13.99 -12.82 -2.84
N PHE D 139 -14.80 -12.04 -2.12
CA PHE D 139 -15.36 -10.79 -2.67
C PHE D 139 -14.65 -9.62 -2.01
N LEU D 140 -14.15 -8.70 -2.84
CA LEU D 140 -13.65 -7.42 -2.38
C LEU D 140 -14.66 -6.37 -2.85
N ASN D 141 -15.41 -5.78 -1.94
CA ASN D 141 -16.55 -4.97 -2.33
C ASN D 141 -16.40 -3.48 -2.03
N ASN D 142 -16.89 -2.67 -2.96
CA ASN D 142 -17.01 -1.24 -2.80
C ASN D 142 -15.72 -0.52 -2.43
N PHE D 143 -14.73 -0.65 -3.29
CA PHE D 143 -13.44 -0.04 -3.10
C PHE D 143 -13.15 0.94 -4.23
N TYR D 144 -12.16 1.80 -3.99
CA TYR D 144 -11.68 2.76 -4.96
C TYR D 144 -10.23 3.14 -4.58
N PRO D 145 -9.31 3.24 -5.56
CA PRO D 145 -9.46 3.10 -7.02
C PRO D 145 -9.58 1.67 -7.50
N LYS D 146 -9.75 1.48 -8.81
CA LYS D 146 -10.02 0.17 -9.41
C LYS D 146 -8.82 -0.74 -9.25
N ASP D 147 -7.63 -0.15 -9.32
CA ASP D 147 -6.38 -0.88 -9.18
C ASP D 147 -6.21 -1.40 -7.79
N ILE D 148 -6.48 -2.68 -7.63
CA ILE D 148 -6.23 -3.36 -6.39
C ILE D 148 -5.62 -4.70 -6.74
N ASN D 149 -4.80 -5.21 -5.85
CA ASN D 149 -4.15 -6.50 -6.04
C ASN D 149 -4.65 -7.49 -5.03
N VAL D 150 -5.01 -8.67 -5.50
CA VAL D 150 -5.49 -9.73 -4.65
C VAL D 150 -4.52 -10.89 -4.79
N LYS D 151 -4.13 -11.47 -3.67
CA LYS D 151 -3.33 -12.67 -3.71
C LYS D 151 -3.89 -13.69 -2.75
N TRP D 152 -3.77 -14.94 -3.15
CA TRP D 152 -4.18 -16.06 -2.33
C TRP D 152 -2.94 -16.66 -1.72
N LYS D 153 -3.03 -17.05 -0.46
CA LYS D 153 -1.97 -17.83 0.17
C LYS D 153 -2.59 -19.10 0.67
N ILE D 154 -1.94 -20.22 0.35
CA ILE D 154 -2.34 -21.52 0.86
C ILE D 154 -1.22 -22.04 1.71
N ASP D 155 -1.54 -22.34 2.96
CA ASP D 155 -0.53 -22.64 3.97
C ASP D 155 0.68 -21.74 3.85
N GLY D 156 0.41 -20.43 3.85
CA GLY D 156 1.44 -19.41 3.86
C GLY D 156 2.04 -19.06 2.51
N SER D 157 1.71 -19.84 1.48
CA SER D 157 2.41 -19.78 0.21
C SER D 157 1.48 -19.30 -0.89
N GLU D 158 1.96 -18.35 -1.69
CA GLU D 158 1.15 -17.65 -2.65
C GLU D 158 0.78 -18.48 -3.92
N ARG D 159 -0.53 -18.71 -4.08
CA ARG D 159 -1.07 -19.39 -5.27
C ARG D 159 -1.50 -18.39 -6.33
N GLN D 160 -1.06 -18.61 -7.57
CA GLN D 160 -1.58 -17.86 -8.73
C GLN D 160 -2.16 -18.73 -9.83
N ASN D 161 -2.05 -20.03 -9.65
CA ASN D 161 -2.22 -20.93 -10.78
C ASN D 161 -3.62 -21.08 -11.34
N GLY D 162 -4.61 -21.22 -10.46
CA GLY D 162 -6.00 -21.34 -10.91
C GLY D 162 -6.94 -20.28 -10.34
N VAL D 163 -6.52 -19.03 -10.45
CA VAL D 163 -7.21 -17.88 -9.87
C VAL D 163 -7.89 -17.03 -10.95
N LEU D 164 -9.19 -16.81 -10.78
CA LEU D 164 -9.97 -15.98 -11.71
C LEU D 164 -10.43 -14.75 -10.97
N ASN D 165 -10.04 -13.60 -11.49
CA ASN D 165 -10.41 -12.33 -10.91
C ASN D 165 -11.26 -11.55 -11.88
N SER D 166 -12.41 -11.09 -11.41
CA SER D 166 -13.37 -10.39 -12.27
C SER D 166 -13.84 -9.12 -11.57
N TRP D 167 -13.72 -8.00 -12.28
CA TRP D 167 -14.13 -6.70 -11.74
C TRP D 167 -15.50 -6.34 -12.27
N THR D 168 -16.31 -5.69 -11.45
CA THR D 168 -17.52 -5.08 -11.93
C THR D 168 -17.13 -3.82 -12.69
N ASP D 169 -18.07 -3.27 -13.44
CA ASP D 169 -17.92 -1.93 -13.96
C ASP D 169 -18.13 -0.99 -12.77
N GLN D 170 -17.77 0.26 -12.92
CA GLN D 170 -17.91 1.23 -11.84
C GLN D 170 -19.38 1.40 -11.49
N ASN D 171 -19.66 1.42 -10.19
CA ASN D 171 -21.04 1.52 -9.71
C ASN D 171 -21.65 2.85 -10.11
N SER D 172 -22.86 2.82 -10.65
CA SER D 172 -23.49 4.00 -11.22
C SER D 172 -24.02 4.98 -10.16
N LYS D 173 -24.06 4.55 -8.89
CA LYS D 173 -24.52 5.40 -7.78
C LYS D 173 -23.38 5.91 -6.89
N ASP D 174 -22.54 5.00 -6.34
CA ASP D 174 -21.47 5.38 -5.39
C ASP D 174 -20.07 5.43 -6.00
N SER D 175 -19.94 5.06 -7.26
CA SER D 175 -18.70 5.16 -8.02
C SER D 175 -17.55 4.28 -7.51
N THR D 176 -17.88 3.24 -6.73
CA THR D 176 -16.90 2.26 -6.29
C THR D 176 -16.84 1.11 -7.27
N TYR D 177 -15.81 0.30 -7.10
CA TYR D 177 -15.66 -0.96 -7.82
C TYR D 177 -15.80 -2.11 -6.83
N SER D 178 -16.13 -3.27 -7.35
CA SER D 178 -16.08 -4.51 -6.58
C SER D 178 -15.40 -5.55 -7.44
N MET D 179 -14.92 -6.61 -6.81
CA MET D 179 -14.34 -7.70 -7.59
C MET D 179 -14.47 -9.02 -6.86
N SER D 180 -14.50 -10.09 -7.65
CA SER D 180 -14.54 -11.44 -7.12
C SER D 180 -13.23 -12.10 -7.47
N SER D 181 -12.70 -12.88 -6.54
CA SER D 181 -11.53 -13.68 -6.80
C SER D 181 -11.85 -15.09 -6.40
N THR D 182 -11.72 -15.99 -7.36
CA THR D 182 -12.09 -17.37 -7.15
C THR D 182 -10.89 -18.27 -7.41
N LEU D 183 -10.54 -19.04 -6.39
CA LEU D 183 -9.49 -20.02 -6.48
C LEU D 183 -10.15 -21.38 -6.67
N THR D 184 -9.92 -21.99 -7.83
CA THR D 184 -10.48 -23.29 -8.12
C THR D 184 -9.39 -24.35 -7.99
N LEU D 185 -9.73 -25.45 -7.33
CA LEU D 185 -8.83 -26.59 -7.16
C LEU D 185 -9.68 -27.84 -7.19
N THR D 186 -9.04 -29.00 -7.15
CA THR D 186 -9.81 -30.24 -6.95
C THR D 186 -10.15 -30.42 -5.48
N LYS D 187 -11.12 -31.28 -5.20
CA LYS D 187 -11.48 -31.58 -3.82
C LYS D 187 -10.27 -32.13 -3.03
N ASP D 188 -9.55 -33.05 -3.65
CA ASP D 188 -8.40 -33.69 -3.01
C ASP D 188 -7.34 -32.68 -2.66
N GLU D 189 -7.05 -31.74 -3.56
CA GLU D 189 -6.04 -30.70 -3.27
C GLU D 189 -6.54 -29.78 -2.17
N TYR D 190 -7.83 -29.46 -2.21
CA TYR D 190 -8.43 -28.61 -1.18
C TYR D 190 -8.22 -29.22 0.20
N GLU D 191 -8.51 -30.50 0.32
CA GLU D 191 -8.45 -31.19 1.59
C GLU D 191 -7.01 -31.52 2.03
N ARG D 192 -6.05 -31.41 1.12
CA ARG D 192 -4.64 -31.56 1.47
C ARG D 192 -4.04 -30.35 2.20
N HIS D 193 -4.72 -29.20 2.13
CA HIS D 193 -4.18 -28.00 2.75
C HIS D 193 -5.09 -27.54 3.89
N ASN D 194 -4.54 -26.70 4.76
CA ASN D 194 -5.26 -26.26 5.95
C ASN D 194 -5.72 -24.79 5.92
N SER D 195 -4.79 -23.89 5.61
CA SER D 195 -5.02 -22.46 5.78
C SER D 195 -5.25 -21.77 4.42
N TYR D 196 -6.34 -21.01 4.33
CA TYR D 196 -6.68 -20.31 3.09
C TYR D 196 -6.88 -18.83 3.33
N THR D 197 -6.17 -18.02 2.56
CA THR D 197 -6.15 -16.60 2.79
C THR D 197 -6.33 -15.84 1.48
N CYS D 198 -7.28 -14.90 1.49
CA CYS D 198 -7.43 -13.96 0.42
C CYS D 198 -6.94 -12.62 0.97
N GLU D 199 -6.03 -11.97 0.24
CA GLU D 199 -5.37 -10.72 0.68
C GLU D 199 -5.49 -9.63 -0.37
N ALA D 200 -5.95 -8.46 0.03
CA ALA D 200 -6.09 -7.31 -0.87
C ALA D 200 -5.04 -6.27 -0.56
N THR D 201 -4.27 -5.83 -1.56
CA THR D 201 -3.31 -4.75 -1.39
C THR D 201 -3.57 -3.58 -2.35
N HIS D 202 -3.44 -2.36 -1.82
CA HIS D 202 -3.50 -1.13 -2.59
C HIS D 202 -2.07 -0.63 -2.73
N SER D 207 -0.44 -1.95 5.00
CA SER D 207 -1.47 -2.74 5.69
C SER D 207 -2.47 -3.40 4.72
N PRO D 208 -2.10 -4.59 4.19
CA PRO D 208 -3.06 -5.37 3.40
C PRO D 208 -4.31 -5.73 4.19
N ILE D 209 -5.45 -5.79 3.52
CA ILE D 209 -6.69 -6.26 4.14
C ILE D 209 -6.81 -7.75 3.86
N VAL D 210 -7.10 -8.52 4.90
CA VAL D 210 -6.96 -9.97 4.90
C VAL D 210 -8.19 -10.65 5.44
N LYS D 211 -8.59 -11.75 4.81
CA LYS D 211 -9.56 -12.67 5.37
C LYS D 211 -9.03 -14.07 5.15
N SER D 212 -9.12 -14.89 6.19
CA SER D 212 -8.55 -16.23 6.21
C SER D 212 -9.44 -17.18 6.98
N PHE D 213 -9.33 -18.47 6.67
CA PHE D 213 -9.96 -19.51 7.45
C PHE D 213 -9.09 -20.77 7.42
N ASN D 214 -9.33 -21.65 8.40
CA ASN D 214 -8.70 -22.97 8.43
C ASN D 214 -9.76 -24.04 8.24
N ARG D 215 -9.38 -25.16 7.63
CA ARG D 215 -10.24 -26.35 7.64
C ARG D 215 -10.24 -26.98 9.03
N GLU E 1 21.86 -6.23 40.23
CA GLU E 1 21.68 -7.30 41.23
C GLU E 1 20.97 -6.77 42.47
N VAL E 2 20.23 -5.65 42.35
CA VAL E 2 19.55 -5.07 43.51
C VAL E 2 18.09 -5.44 43.53
N GLN E 3 17.61 -5.97 44.66
CA GLN E 3 16.20 -6.25 44.82
C GLN E 3 15.82 -6.20 46.28
N LEU E 4 14.67 -5.59 46.58
CA LEU E 4 14.14 -5.57 47.93
C LEU E 4 13.00 -6.57 47.97
N VAL E 5 13.22 -7.65 48.72
CA VAL E 5 12.34 -8.82 48.72
C VAL E 5 11.34 -8.73 49.85
N GLU E 6 10.08 -8.57 49.48
CA GLU E 6 9.03 -8.42 50.45
C GLU E 6 8.26 -9.71 50.59
N SER E 7 7.76 -9.96 51.78
CA SER E 7 6.88 -11.09 52.05
C SER E 7 5.93 -10.79 53.18
N GLY E 8 4.92 -11.65 53.31
CA GLY E 8 4.00 -11.61 54.45
C GLY E 8 2.60 -11.13 54.14
N GLY E 9 2.39 -10.56 52.95
CA GLY E 9 1.07 -10.09 52.56
C GLY E 9 0.10 -11.24 52.54
N ASP E 10 -1.15 -10.98 52.90
CA ASP E 10 -2.17 -12.04 52.99
C ASP E 10 -3.54 -11.44 53.22
N LEU E 11 -4.56 -12.31 53.16
CA LEU E 11 -5.92 -11.96 53.53
C LEU E 11 -6.02 -12.10 55.05
N VAL E 12 -6.57 -11.08 55.70
CA VAL E 12 -6.65 -11.04 57.15
C VAL E 12 -8.01 -10.50 57.58
N LYS E 13 -8.55 -11.06 58.66
CA LYS E 13 -9.85 -10.60 59.18
C LYS E 13 -9.72 -9.23 59.86
N PRO E 14 -10.76 -8.39 59.76
CA PRO E 14 -10.74 -7.10 60.46
C PRO E 14 -10.42 -7.31 61.94
N GLY E 15 -9.62 -6.41 62.50
CA GLY E 15 -9.10 -6.56 63.86
C GLY E 15 -7.90 -7.47 63.98
N GLY E 16 -7.53 -8.15 62.88
CA GLY E 16 -6.43 -9.09 62.91
C GLY E 16 -5.08 -8.41 62.88
N SER E 17 -4.03 -9.22 62.83
CA SER E 17 -2.65 -8.76 62.81
C SER E 17 -1.89 -9.45 61.68
N LEU E 18 -0.78 -8.83 61.27
CA LEU E 18 0.04 -9.37 60.21
C LEU E 18 1.41 -8.71 60.24
N LYS E 19 2.46 -9.46 59.93
CA LYS E 19 3.83 -8.91 59.88
C LYS E 19 4.41 -8.98 58.47
N LEU E 20 4.82 -7.83 57.93
CA LEU E 20 5.50 -7.78 56.63
C LEU E 20 7.01 -7.68 56.84
N SER E 21 7.75 -8.24 55.90
CA SER E 21 9.21 -8.28 55.93
C SER E 21 9.72 -7.73 54.61
N CYS E 22 10.90 -7.13 54.66
CA CYS E 22 11.54 -6.63 53.46
C CYS E 22 13.03 -6.79 53.63
N ALA E 23 13.65 -7.67 52.83
CA ALA E 23 15.08 -7.97 52.96
C ALA E 23 15.83 -7.57 51.70
N GLY E 24 16.98 -6.94 51.89
CA GLY E 24 17.73 -6.37 50.79
C GLY E 24 18.64 -7.40 50.15
N SER E 25 18.44 -7.63 48.85
CA SER E 25 19.31 -8.47 48.07
C SER E 25 20.21 -7.61 47.19
N GLY E 26 21.52 -7.78 47.37
CA GLY E 26 22.50 -7.04 46.59
C GLY E 26 22.56 -5.57 46.95
N ILE E 27 22.08 -5.23 48.14
CA ILE E 27 22.03 -3.84 48.60
C ILE E 27 22.02 -3.86 50.12
N THR E 28 22.71 -2.88 50.75
CA THR E 28 22.75 -2.79 52.21
C THR E 28 21.79 -1.72 52.70
N PHE E 29 21.06 -2.05 53.77
CA PHE E 29 20.17 -1.09 54.42
C PHE E 29 20.92 -0.33 55.52
N SER E 30 21.99 -0.94 56.01
CA SER E 30 22.80 -0.32 57.05
C SER E 30 23.35 1.01 56.54
N GLY E 31 23.21 2.05 57.35
CA GLY E 31 23.56 3.42 56.97
C GLY E 31 22.44 4.30 56.41
N TYR E 32 21.25 3.74 56.25
CA TYR E 32 20.16 4.41 55.54
C TYR E 32 18.88 4.31 56.30
N GLY E 33 18.10 5.39 56.26
CA GLY E 33 16.73 5.36 56.72
C GLY E 33 15.91 4.52 55.76
N MET E 34 14.72 4.12 56.20
CA MET E 34 13.81 3.33 55.40
C MET E 34 12.36 3.72 55.70
N SER E 35 11.48 3.46 54.74
CA SER E 35 10.07 3.77 54.85
C SER E 35 9.21 2.63 54.32
N TRP E 36 7.95 2.64 54.73
CA TRP E 36 6.90 1.83 54.11
C TRP E 36 5.96 2.85 53.48
N VAL E 37 5.47 2.53 52.29
CA VAL E 37 4.40 3.28 51.65
C VAL E 37 3.41 2.30 51.05
N ARG E 38 2.16 2.71 50.93
CA ARG E 38 1.17 1.79 50.39
C ARG E 38 0.38 2.42 49.28
N GLN E 39 -0.10 1.56 48.38
CA GLN E 39 -1.01 1.97 47.32
C GLN E 39 -2.35 1.30 47.51
N THR E 40 -3.36 2.10 47.81
CA THR E 40 -4.70 1.60 48.03
C THR E 40 -5.36 1.29 46.70
N PRO E 41 -6.52 0.60 46.72
CA PRO E 41 -7.11 0.17 45.45
C PRO E 41 -7.50 1.30 44.48
N ASP E 42 -7.66 2.53 44.97
CA ASP E 42 -7.91 3.66 44.10
C ASP E 42 -6.64 4.13 43.41
N LYS E 43 -5.51 3.55 43.77
CA LYS E 43 -4.22 3.79 43.12
C LYS E 43 -3.49 5.02 43.65
N SER E 44 -3.92 5.56 44.78
CA SER E 44 -3.20 6.67 45.39
C SER E 44 -2.02 6.13 46.22
N LEU E 45 -0.94 6.90 46.33
CA LEU E 45 0.19 6.51 47.17
C LEU E 45 0.09 7.21 48.49
N GLU E 46 0.36 6.46 49.57
CA GLU E 46 0.25 6.97 50.91
C GLU E 46 1.47 6.54 51.71
N TRP E 47 2.17 7.51 52.29
CA TRP E 47 3.34 7.23 53.11
C TRP E 47 2.81 6.63 54.40
N VAL E 48 3.45 5.57 54.90
CA VAL E 48 2.99 4.88 56.11
C VAL E 48 3.85 5.15 57.35
N ALA E 49 5.16 4.95 57.22
CA ALA E 49 6.08 5.06 58.33
C ALA E 49 7.54 5.12 57.87
N LEU E 50 8.39 5.67 58.73
CA LEU E 50 9.84 5.60 58.54
C LEU E 50 10.57 5.23 59.78
N ILE E 51 11.81 4.81 59.57
CA ILE E 51 12.72 4.45 60.64
C ILE E 51 14.14 4.84 60.25
N SER E 52 14.87 5.44 61.20
CA SER E 52 16.24 5.87 61.01
C SER E 52 17.21 4.66 60.96
N ASN E 53 18.39 4.92 60.46
CA ASN E 53 19.48 3.92 60.28
C ASN E 53 19.56 2.84 61.36
N GLY E 54 19.81 3.23 62.61
CA GLY E 54 19.97 2.30 63.70
C GLY E 54 18.70 2.03 64.49
N GLY E 55 17.59 2.62 64.06
CA GLY E 55 16.31 2.41 64.71
C GLY E 55 16.01 3.30 65.92
N SER E 56 16.79 4.34 66.15
CA SER E 56 16.51 5.27 67.27
C SER E 56 15.23 6.07 67.08
N TYR E 57 14.90 6.40 65.83
CA TYR E 57 13.83 7.34 65.46
C TYR E 57 12.82 6.62 64.57
N ALA E 58 11.54 6.68 64.95
CA ALA E 58 10.47 6.14 64.12
C ALA E 58 9.34 7.16 64.06
N TYR E 59 8.70 7.26 62.89
CA TYR E 59 7.58 8.18 62.68
C TYR E 59 6.50 7.49 61.88
N TYR E 60 5.24 7.70 62.27
CA TYR E 60 4.07 7.01 61.72
C TYR E 60 3.06 8.03 61.15
N SER E 61 2.41 7.68 60.04
CA SER E 61 1.34 8.49 59.50
C SER E 61 0.16 8.52 60.47
N ASP E 62 -0.71 9.51 60.32
CA ASP E 62 -1.92 9.61 61.17
C ASP E 62 -2.85 8.42 61.03
N SER E 63 -2.90 7.81 59.85
CA SER E 63 -3.82 6.71 59.64
C SER E 63 -3.38 5.41 60.29
N VAL E 64 -2.08 5.27 60.60
CA VAL E 64 -1.61 4.03 61.20
C VAL E 64 -1.03 4.12 62.63
N LYS E 65 -0.83 5.33 63.14
CA LYS E 65 -0.27 5.49 64.48
C LYS E 65 -1.10 4.72 65.52
N GLY E 66 -0.41 4.02 66.43
CA GLY E 66 -1.09 3.24 67.48
C GLY E 66 -1.48 1.84 67.04
N ARG E 67 -1.28 1.52 65.76
CA ARG E 67 -1.64 0.21 65.27
C ARG E 67 -0.51 -0.54 64.61
N PHE E 68 0.42 0.20 63.99
CA PHE E 68 1.50 -0.39 63.21
C PHE E 68 2.82 -0.09 63.91
N THR E 69 3.77 -1.02 63.75
CA THR E 69 5.12 -0.86 64.27
C THR E 69 6.13 -1.12 63.17
N ILE E 70 6.97 -0.13 62.91
CA ILE E 70 8.10 -0.29 62.01
C ILE E 70 9.33 -0.64 62.83
N SER E 71 10.09 -1.61 62.36
CA SER E 71 11.35 -1.97 63.04
C SER E 71 12.31 -2.50 61.99
N ARG E 72 13.56 -2.67 62.40
CA ARG E 72 14.55 -3.23 61.51
C ARG E 72 15.60 -4.04 62.25
N ASP E 73 16.31 -4.86 61.49
CA ASP E 73 17.41 -5.65 62.02
C ASP E 73 18.53 -5.58 60.98
N ASN E 74 19.48 -4.68 61.20
CA ASN E 74 20.51 -4.44 60.19
C ASN E 74 21.46 -5.62 59.99
N ALA E 75 21.68 -6.40 61.04
CA ALA E 75 22.50 -7.60 60.90
C ALA E 75 21.86 -8.61 59.93
N LYS E 76 20.53 -8.64 59.84
CA LYS E 76 19.82 -9.49 58.87
C LYS E 76 19.37 -8.73 57.62
N ASN E 77 19.82 -7.50 57.50
CA ASN E 77 19.51 -6.65 56.39
C ASN E 77 18.01 -6.67 56.08
N THR E 78 17.20 -6.54 57.13
CA THR E 78 15.74 -6.66 56.98
C THR E 78 14.97 -5.53 57.70
N LEU E 79 13.87 -5.10 57.07
CA LEU E 79 12.95 -4.13 57.60
C LEU E 79 11.61 -4.83 57.83
N TYR E 80 10.92 -4.47 58.89
CA TYR E 80 9.63 -5.09 59.21
C TYR E 80 8.55 -4.07 59.39
N LEU E 81 7.31 -4.50 59.19
CA LEU E 81 6.16 -3.73 59.54
C LEU E 81 5.17 -4.66 60.24
N GLN E 82 4.94 -4.42 61.53
CA GLN E 82 3.97 -5.21 62.30
C GLN E 82 2.66 -4.44 62.25
N MET E 83 1.61 -5.12 61.79
CA MET E 83 0.31 -4.50 61.65
C MET E 83 -0.64 -5.16 62.65
N SER E 84 -1.45 -4.35 63.32
CA SER E 84 -2.47 -4.85 64.24
C SER E 84 -3.73 -4.00 64.11
N SER E 85 -4.80 -4.44 64.76
CA SER E 85 -6.09 -3.76 64.67
C SER E 85 -6.43 -3.38 63.24
N LEU E 86 -6.22 -4.33 62.32
CA LEU E 86 -6.38 -4.04 60.91
C LEU E 86 -7.82 -3.74 60.55
N ARG E 87 -8.01 -2.81 59.62
CA ARG E 87 -9.34 -2.48 59.17
C ARG E 87 -9.41 -2.52 57.66
N SER E 88 -10.63 -2.41 57.14
CA SER E 88 -10.89 -2.51 55.73
C SER E 88 -10.01 -1.58 54.90
N ASP E 89 -9.86 -0.34 55.36
CA ASP E 89 -9.12 0.62 54.56
C ASP E 89 -7.60 0.53 54.72
N ASP E 90 -7.09 -0.49 55.41
CA ASP E 90 -5.67 -0.84 55.34
C ASP E 90 -5.38 -1.72 54.11
N THR E 91 -6.42 -2.14 53.41
CA THR E 91 -6.25 -2.97 52.22
C THR E 91 -5.45 -2.18 51.17
N ALA E 92 -4.33 -2.74 50.74
CA ALA E 92 -3.39 -2.03 49.90
C ALA E 92 -2.22 -2.90 49.50
N ILE E 93 -1.46 -2.44 48.51
CA ILE E 93 -0.16 -3.00 48.24
C ILE E 93 0.83 -2.20 49.06
N TYR E 94 1.68 -2.89 49.82
CA TYR E 94 2.66 -2.27 50.71
C TYR E 94 4.06 -2.39 50.12
N TYR E 95 4.71 -1.25 49.93
CA TYR E 95 6.09 -1.21 49.45
C TYR E 95 7.03 -0.82 50.55
N CYS E 96 8.18 -1.48 50.65
CA CYS E 96 9.29 -0.93 51.41
C CYS E 96 10.19 -0.14 50.48
N ALA E 97 10.90 0.85 51.03
CA ALA E 97 11.80 1.68 50.25
C ALA E 97 12.95 2.10 51.11
N ARG E 98 14.15 1.96 50.59
CA ARG E 98 15.31 2.53 51.22
C ARG E 98 15.43 4.02 50.86
N HIS E 99 15.92 4.80 51.80
CA HIS E 99 16.20 6.21 51.58
C HIS E 99 17.62 6.32 51.02
N LYS E 100 17.86 7.37 50.25
CA LYS E 100 19.22 7.81 49.97
C LYS E 100 19.90 8.20 51.28
N GLY E 101 21.22 8.29 51.28
CA GLY E 101 21.96 8.57 52.52
C GLY E 101 22.73 9.87 52.48
N LEU E 102 22.25 10.86 51.74
CA LEU E 102 23.00 12.11 51.64
C LEU E 102 22.96 12.91 52.94
N ARG E 103 24.09 13.59 53.20
CA ARG E 103 24.20 14.59 54.25
C ARG E 103 23.37 15.83 53.89
N GLY E 104 23.27 16.74 54.87
CA GLY E 104 22.63 18.03 54.66
C GLY E 104 21.10 18.01 54.68
N GLY E 105 20.52 17.09 55.45
CA GLY E 105 19.08 17.02 55.56
C GLY E 105 18.50 15.64 55.22
N THR E 106 17.22 15.61 54.90
CA THR E 106 16.48 14.37 54.64
C THR E 106 16.65 13.91 53.17
N ASN E 107 16.11 12.74 52.85
CA ASN E 107 16.40 12.07 51.61
C ASN E 107 15.17 11.49 50.93
N ALA E 108 15.26 11.36 49.60
CA ALA E 108 14.28 10.64 48.82
C ALA E 108 14.39 9.13 49.04
N MET E 109 13.43 8.39 48.50
CA MET E 109 13.40 6.91 48.53
C MET E 109 13.92 6.33 47.22
N ASP E 110 15.13 5.75 47.23
CA ASP E 110 15.82 5.41 46.00
C ASP E 110 15.62 3.99 45.52
N TYR E 111 15.44 3.04 46.45
CA TYR E 111 15.23 1.64 46.06
C TYR E 111 13.94 1.18 46.66
N TRP E 112 13.11 0.53 45.86
CA TRP E 112 11.78 0.11 46.29
C TRP E 112 11.58 -1.38 46.10
N GLY E 113 10.90 -2.03 47.04
CA GLY E 113 10.47 -3.43 46.86
C GLY E 113 9.30 -3.57 45.88
N GLN E 114 9.05 -4.79 45.42
CA GLN E 114 7.99 -5.08 44.42
C GLN E 114 6.58 -4.95 44.95
N GLY E 115 6.39 -4.87 46.25
CA GLY E 115 5.07 -4.77 46.81
C GLY E 115 4.55 -6.13 47.28
N THR E 116 3.94 -6.14 48.45
CA THR E 116 3.23 -7.33 48.94
C THR E 116 1.80 -6.89 49.26
N SER E 117 0.83 -7.71 48.85
CA SER E 117 -0.57 -7.32 48.90
C SER E 117 -1.24 -7.75 50.23
N VAL E 118 -1.91 -6.83 50.88
CA VAL E 118 -2.64 -7.10 52.11
C VAL E 118 -4.11 -6.82 51.87
N THR E 119 -4.98 -7.77 52.22
CA THR E 119 -6.42 -7.56 52.14
C THR E 119 -7.05 -7.82 53.52
N VAL E 120 -7.84 -6.86 53.98
CA VAL E 120 -8.52 -6.95 55.25
C VAL E 120 -10.01 -7.15 54.98
N SER E 121 -10.52 -8.34 55.30
CA SER E 121 -11.89 -8.72 54.97
C SER E 121 -12.37 -9.95 55.74
N SER E 122 -13.68 -10.03 55.92
CA SER E 122 -14.31 -11.24 56.47
C SER E 122 -14.43 -12.35 55.43
N ALA E 123 -14.45 -11.98 54.15
CA ALA E 123 -14.62 -12.96 53.07
C ALA E 123 -13.50 -14.00 53.05
N LYS E 124 -13.78 -15.15 52.44
CA LYS E 124 -12.82 -16.24 52.38
C LYS E 124 -12.07 -16.34 51.06
N THR E 125 -10.90 -16.95 51.11
CA THR E 125 -10.09 -17.21 49.94
C THR E 125 -10.83 -18.18 49.00
N THR E 126 -11.03 -17.74 47.78
CA THR E 126 -11.72 -18.49 46.74
C THR E 126 -10.82 -18.51 45.52
N PRO E 127 -10.46 -19.72 45.05
CA PRO E 127 -9.60 -19.74 43.88
C PRO E 127 -10.39 -19.32 42.64
N PRO E 128 -9.69 -18.95 41.57
CA PRO E 128 -10.36 -18.50 40.35
C PRO E 128 -10.77 -19.68 39.50
N SER E 129 -11.83 -19.48 38.71
CA SER E 129 -12.13 -20.35 37.59
C SER E 129 -11.59 -19.67 36.35
N VAL E 130 -11.00 -20.44 35.44
CA VAL E 130 -10.39 -19.91 34.24
C VAL E 130 -11.02 -20.52 33.00
N TYR E 131 -11.48 -19.66 32.09
CA TYR E 131 -12.16 -20.11 30.87
C TYR E 131 -11.46 -19.55 29.65
N PRO E 132 -11.27 -20.40 28.63
CA PRO E 132 -10.62 -19.95 27.42
C PRO E 132 -11.56 -19.11 26.55
N LEU E 133 -11.00 -18.15 25.84
CA LEU E 133 -11.74 -17.34 24.87
C LEU E 133 -11.05 -17.49 23.53
N ALA E 134 -11.63 -18.33 22.66
CA ALA E 134 -11.05 -18.66 21.37
C ALA E 134 -12.16 -18.63 20.32
N PRO E 135 -11.84 -18.19 19.09
CA PRO E 135 -12.87 -18.22 18.06
C PRO E 135 -13.24 -19.65 17.68
N GLY E 136 -14.34 -19.82 16.94
CA GLY E 136 -14.70 -21.14 16.41
C GLY E 136 -13.70 -21.53 15.35
N CYS E 137 -13.26 -22.78 15.15
CA CYS E 137 -12.42 -22.87 13.98
C CYS E 137 -13.26 -23.18 12.78
N GLY E 138 -12.67 -22.89 11.63
CA GLY E 138 -13.43 -22.61 10.45
C GLY E 138 -13.76 -21.14 10.42
N ASP E 139 -14.19 -20.57 11.55
CA ASP E 139 -14.46 -19.13 11.70
C ASP E 139 -13.45 -18.28 10.94
N THR E 140 -13.94 -17.26 10.27
CA THR E 140 -13.09 -16.39 9.47
C THR E 140 -12.27 -15.48 10.37
N THR E 141 -11.06 -15.15 9.93
CA THR E 141 -10.16 -14.31 10.71
C THR E 141 -9.46 -13.33 9.79
N GLY E 142 -8.90 -12.29 10.39
CA GLY E 142 -8.06 -11.35 9.67
C GLY E 142 -6.61 -11.80 9.68
N SER E 143 -5.72 -10.83 9.66
CA SER E 143 -4.27 -11.03 9.66
C SER E 143 -3.82 -11.63 11.01
N SER E 144 -4.45 -11.15 12.07
CA SER E 144 -4.16 -11.62 13.41
C SER E 144 -5.43 -12.22 14.05
N VAL E 145 -5.23 -13.02 15.08
CA VAL E 145 -6.33 -13.62 15.82
C VAL E 145 -6.21 -13.21 17.29
N THR E 146 -7.34 -12.80 17.88
CA THR E 146 -7.36 -12.42 19.29
C THR E 146 -7.88 -13.58 20.11
N LEU E 147 -7.16 -13.88 21.18
CA LEU E 147 -7.48 -14.95 22.11
C LEU E 147 -7.48 -14.37 23.51
N GLY E 148 -8.08 -15.06 24.46
CA GLY E 148 -8.04 -14.56 25.83
C GLY E 148 -8.39 -15.58 26.86
N CYS E 149 -8.29 -15.15 28.11
CA CYS E 149 -8.70 -15.97 29.25
C CYS E 149 -9.53 -15.12 30.18
N LEU E 150 -10.63 -15.71 30.63
CA LEU E 150 -11.54 -15.06 31.55
C LEU E 150 -11.27 -15.68 32.89
N VAL E 151 -10.98 -14.84 33.88
CA VAL E 151 -10.65 -15.31 35.21
C VAL E 151 -11.72 -14.80 36.14
N LYS E 152 -12.44 -15.73 36.77
CA LYS E 152 -13.71 -15.43 37.38
C LYS E 152 -13.82 -16.07 38.77
N GLY E 153 -14.51 -15.37 39.66
CA GLY E 153 -14.90 -15.91 40.97
C GLY E 153 -13.79 -16.10 41.99
N TYR E 154 -12.86 -15.13 42.07
CA TYR E 154 -11.75 -15.24 43.02
C TYR E 154 -11.71 -14.11 44.04
N PHE E 155 -11.06 -14.41 45.16
CA PHE E 155 -10.85 -13.44 46.23
C PHE E 155 -9.70 -13.95 47.10
N PRO E 156 -8.83 -13.04 47.57
CA PRO E 156 -8.76 -11.60 47.34
C PRO E 156 -8.16 -11.28 45.97
N GLU E 157 -7.96 -10.01 45.71
CA GLU E 157 -7.66 -9.51 44.37
C GLU E 157 -6.41 -9.98 43.64
N SER E 158 -5.29 -10.21 44.30
CA SER E 158 -4.05 -10.29 43.52
C SER E 158 -3.98 -11.57 42.64
N VAL E 159 -4.13 -11.44 41.31
CA VAL E 159 -3.85 -12.53 40.37
C VAL E 159 -2.95 -12.04 39.26
N THR E 160 -2.13 -12.94 38.71
CA THR E 160 -1.25 -12.62 37.60
C THR E 160 -1.52 -13.58 36.44
N VAL E 161 -1.67 -13.03 35.24
CA VAL E 161 -1.87 -13.82 34.04
C VAL E 161 -0.63 -13.69 33.16
N THR E 162 -0.09 -14.82 32.73
CA THR E 162 1.05 -14.82 31.83
C THR E 162 0.76 -15.72 30.62
N TRP E 163 1.13 -15.25 29.45
CA TRP E 163 0.89 -15.98 28.24
C TRP E 163 2.15 -16.71 27.79
N ASN E 164 2.00 -17.96 27.36
CA ASN E 164 3.09 -18.68 26.71
C ASN E 164 2.67 -18.79 25.27
N SER E 165 3.30 -18.02 24.41
CA SER E 165 3.06 -18.09 22.97
C SER E 165 4.36 -18.32 22.21
N GLY E 166 5.43 -18.65 22.92
CA GLY E 166 6.70 -18.94 22.26
C GLY E 166 7.27 -17.75 21.53
N SER E 167 7.30 -17.83 20.20
CA SER E 167 8.05 -16.88 19.36
C SER E 167 7.18 -15.79 18.75
N LEU E 168 5.88 -16.02 18.76
CA LEU E 168 4.95 -15.25 17.93
C LEU E 168 4.88 -13.84 18.47
N SER E 169 4.57 -12.89 17.59
CA SER E 169 4.54 -11.47 18.00
C SER E 169 3.30 -11.17 18.83
N SER E 170 3.33 -11.59 20.09
CA SER E 170 2.21 -11.39 21.02
C SER E 170 2.07 -9.94 21.50
N SER E 171 0.86 -9.41 21.44
CA SER E 171 0.49 -8.18 22.13
C SER E 171 -0.46 -8.53 23.25
N VAL E 172 -0.04 -8.37 24.50
CA VAL E 172 -0.86 -8.73 25.67
C VAL E 172 -1.60 -7.53 26.23
N HIS E 173 -2.90 -7.67 26.49
CA HIS E 173 -3.67 -6.65 27.16
C HIS E 173 -4.20 -7.18 28.48
N THR E 174 -3.98 -6.39 29.54
CA THR E 174 -4.35 -6.72 30.90
C THR E 174 -5.44 -5.79 31.35
N PHE E 175 -6.60 -6.35 31.68
CA PHE E 175 -7.76 -5.56 32.04
C PHE E 175 -7.93 -5.69 33.57
N PRO E 176 -7.89 -4.57 34.29
CA PRO E 176 -8.04 -4.58 35.75
C PRO E 176 -9.28 -5.33 36.25
N ALA E 177 -9.16 -5.99 37.39
CA ALA E 177 -10.24 -6.80 37.95
C ALA E 177 -11.38 -5.94 38.44
N LEU E 178 -12.59 -6.47 38.40
CA LEU E 178 -13.74 -5.80 38.98
C LEU E 178 -14.51 -6.74 39.90
N LEU E 179 -15.18 -6.14 40.89
CA LEU E 179 -15.91 -6.89 41.89
C LEU E 179 -17.33 -7.18 41.40
N GLN E 180 -17.67 -8.46 41.31
CA GLN E 180 -19.06 -8.89 41.02
C GLN E 180 -19.54 -9.89 42.08
N SER E 181 -20.56 -9.51 42.85
CA SER E 181 -21.07 -10.33 43.96
C SER E 181 -19.97 -10.69 44.96
N GLY E 182 -19.10 -9.74 45.27
CA GLY E 182 -18.03 -9.93 46.25
C GLY E 182 -16.88 -10.80 45.81
N LEU E 183 -16.90 -11.26 44.55
CA LEU E 183 -15.78 -11.96 43.96
C LEU E 183 -15.26 -11.16 42.80
N TYR E 184 -14.01 -11.41 42.44
CA TYR E 184 -13.37 -10.64 41.38
C TYR E 184 -13.47 -11.35 40.05
N THR E 185 -13.58 -10.55 39.00
CA THR E 185 -13.49 -11.02 37.62
C THR E 185 -12.52 -10.15 36.80
N MET E 186 -11.63 -10.77 36.05
CA MET E 186 -10.78 -10.06 35.11
C MET E 186 -10.58 -10.91 33.86
N SER E 187 -10.14 -10.24 32.80
CA SER E 187 -9.78 -10.93 31.57
C SER E 187 -8.44 -10.43 31.07
N SER E 188 -7.84 -11.23 30.20
CA SER E 188 -6.60 -10.93 29.57
C SER E 188 -6.73 -11.36 28.14
N SER E 189 -6.12 -10.61 27.23
CA SER E 189 -6.12 -10.96 25.82
C SER E 189 -4.72 -10.92 25.23
N VAL E 190 -4.53 -11.71 24.18
CA VAL E 190 -3.30 -11.72 23.44
C VAL E 190 -3.67 -11.84 21.97
N THR E 191 -2.89 -11.19 21.12
CA THR E 191 -3.10 -11.20 19.69
C THR E 191 -1.89 -11.84 19.03
N VAL E 192 -2.16 -12.82 18.18
CA VAL E 192 -1.11 -13.56 17.46
C VAL E 192 -1.44 -13.58 15.97
N PRO E 193 -0.43 -13.74 15.11
CA PRO E 193 -0.73 -13.88 13.67
C PRO E 193 -1.63 -15.06 13.35
N SER E 194 -2.55 -14.86 12.40
CA SER E 194 -3.50 -15.89 11.98
C SER E 194 -2.80 -17.19 11.58
N SER E 195 -1.64 -17.07 10.93
CA SER E 195 -0.92 -18.24 10.42
C SER E 195 -0.38 -19.16 11.53
N THR E 196 -0.17 -18.62 12.73
CA THR E 196 0.46 -19.37 13.81
C THR E 196 -0.52 -20.03 14.77
N TRP E 197 -1.82 -19.88 14.52
CA TRP E 197 -2.81 -20.46 15.41
C TRP E 197 -3.92 -21.09 14.57
N PRO E 198 -4.42 -22.28 14.98
CA PRO E 198 -4.11 -23.07 16.17
C PRO E 198 -2.89 -24.00 16.07
N SER E 199 -2.13 -23.94 14.97
CA SER E 199 -0.99 -24.85 14.77
C SER E 199 0.05 -24.77 15.89
N GLU E 200 0.38 -23.55 16.33
CA GLU E 200 1.32 -23.36 17.44
C GLU E 200 0.54 -23.16 18.75
N THR E 201 1.10 -23.68 19.83
CA THR E 201 0.44 -23.66 21.14
C THR E 201 0.38 -22.25 21.73
N VAL E 202 -0.78 -21.93 22.30
CA VAL E 202 -0.94 -20.72 23.11
C VAL E 202 -1.62 -21.12 24.41
N THR E 203 -1.03 -20.67 25.52
CA THR E 203 -1.48 -21.04 26.83
C THR E 203 -1.49 -19.82 27.74
N CYS E 204 -2.56 -19.67 28.53
CA CYS E 204 -2.55 -18.64 29.57
C CYS E 204 -2.37 -19.30 30.91
N SER E 205 -1.50 -18.70 31.71
CA SER E 205 -1.14 -19.22 32.98
C SER E 205 -1.56 -18.22 34.04
N VAL E 206 -2.43 -18.69 34.93
CA VAL E 206 -3.08 -17.82 35.88
C VAL E 206 -2.70 -18.22 37.29
N ALA E 207 -2.15 -17.27 38.04
CA ALA E 207 -1.68 -17.53 39.38
C ALA E 207 -2.41 -16.65 40.37
N HIS E 208 -2.85 -17.25 41.44
CA HIS E 208 -3.57 -16.58 42.49
C HIS E 208 -2.93 -17.04 43.79
N PRO E 209 -1.84 -16.35 44.22
CA PRO E 209 -1.03 -16.74 45.38
C PRO E 209 -1.80 -17.01 46.67
N ALA E 210 -2.85 -16.23 46.93
CA ALA E 210 -3.64 -16.42 48.14
C ALA E 210 -4.20 -17.85 48.30
N SER E 211 -4.56 -18.49 47.18
CA SER E 211 -5.06 -19.87 47.21
C SER E 211 -4.03 -20.89 46.74
N SER E 212 -2.79 -20.45 46.52
CA SER E 212 -1.71 -21.28 45.97
C SER E 212 -2.12 -21.97 44.65
N THR E 213 -2.97 -21.29 43.88
CA THR E 213 -3.54 -21.81 42.64
C THR E 213 -2.68 -21.35 41.49
N THR E 214 -2.32 -22.29 40.62
CA THR E 214 -1.77 -21.94 39.33
C THR E 214 -2.47 -22.77 38.28
N VAL E 215 -3.15 -22.10 37.35
CA VAL E 215 -3.92 -22.77 36.30
C VAL E 215 -3.37 -22.46 34.92
N ASP E 216 -3.11 -23.49 34.14
CA ASP E 216 -2.71 -23.34 32.75
C ASP E 216 -3.84 -23.78 31.84
N LYS E 217 -4.34 -22.86 31.02
CA LYS E 217 -5.38 -23.16 30.04
C LYS E 217 -4.81 -23.11 28.64
N LYS E 218 -4.92 -24.21 27.92
CA LYS E 218 -4.49 -24.26 26.52
C LYS E 218 -5.62 -23.75 25.64
N LEU E 219 -5.32 -22.85 24.72
CA LEU E 219 -6.34 -22.25 23.86
C LEU E 219 -6.51 -23.08 22.60
N GLU E 220 -7.72 -23.60 22.40
CA GLU E 220 -8.05 -24.40 21.23
C GLU E 220 -9.31 -23.85 20.59
N PRO E 221 -9.46 -24.02 19.28
CA PRO E 221 -10.65 -23.45 18.63
C PRO E 221 -11.96 -24.05 19.11
N SER E 222 -13.00 -23.23 19.05
CA SER E 222 -14.40 -23.64 19.26
C SER E 222 -14.69 -23.61 20.75
N ASP F 1 1.00 19.48 59.24
CA ASP F 1 1.28 18.55 58.09
C ASP F 1 1.36 19.33 56.78
N ILE F 2 2.39 19.04 55.99
CA ILE F 2 2.58 19.72 54.70
C ILE F 2 1.71 18.99 53.67
N VAL F 3 0.79 19.73 53.07
CA VAL F 3 -0.15 19.20 52.11
C VAL F 3 0.35 19.55 50.73
N LEU F 4 0.38 18.56 49.83
CA LEU F 4 0.88 18.74 48.48
C LEU F 4 -0.25 18.64 47.51
N THR F 5 -0.31 19.59 46.58
CA THR F 5 -1.33 19.64 45.56
C THR F 5 -0.67 19.66 44.21
N GLN F 6 -0.99 18.67 43.38
CA GLN F 6 -0.40 18.56 42.06
C GLN F 6 -1.37 19.10 41.02
N SER F 7 -0.81 19.56 39.91
CA SER F 7 -1.59 20.07 38.81
C SER F 7 -0.85 19.80 37.52
N PRO F 8 -1.60 19.44 36.46
CA PRO F 8 -3.01 19.09 36.45
C PRO F 8 -3.18 17.64 36.91
N ALA F 9 -4.41 17.17 37.03
CA ALA F 9 -4.66 15.77 37.40
C ALA F 9 -4.25 14.83 36.28
N SER F 10 -4.48 15.26 35.04
CA SER F 10 -4.10 14.51 33.88
C SER F 10 -3.55 15.47 32.87
N LEU F 11 -2.50 15.08 32.16
CA LEU F 11 -2.05 15.93 31.07
C LEU F 11 -1.72 15.11 29.86
N ALA F 12 -2.27 15.58 28.74
CA ALA F 12 -2.09 14.94 27.46
C ALA F 12 -1.07 15.74 26.67
N VAL F 13 -0.13 15.05 26.04
CA VAL F 13 0.98 15.69 25.34
C VAL F 13 1.33 14.84 24.12
N SER F 14 1.72 15.49 23.04
CA SER F 14 2.17 14.80 21.84
C SER F 14 3.58 14.30 21.98
N LEU F 15 3.89 13.21 21.29
CA LEU F 15 5.25 12.67 21.30
C LEU F 15 6.23 13.73 20.84
N GLY F 16 7.36 13.82 21.52
CA GLY F 16 8.39 14.79 21.21
C GLY F 16 8.21 16.12 21.91
N GLN F 17 7.04 16.40 22.48
CA GLN F 17 6.81 17.68 23.12
C GLN F 17 7.35 17.69 24.54
N ARG F 18 7.33 18.88 25.14
CA ARG F 18 7.71 19.13 26.53
C ARG F 18 6.47 18.98 27.41
N ALA F 19 6.56 18.15 28.44
CA ALA F 19 5.50 18.03 29.44
C ALA F 19 5.94 18.63 30.76
N THR F 20 5.07 19.41 31.37
CA THR F 20 5.39 20.08 32.63
C THR F 20 4.30 19.82 33.66
N ILE F 21 4.72 19.33 34.82
CA ILE F 21 3.81 18.95 35.91
C ILE F 21 4.14 19.79 37.13
N PHE F 22 3.11 20.20 37.87
CA PHE F 22 3.32 21.12 38.99
C PHE F 22 2.99 20.53 40.33
N CYS F 23 3.72 20.97 41.35
CA CYS F 23 3.45 20.54 42.71
C CYS F 23 3.57 21.74 43.63
N ARG F 24 2.50 22.02 44.36
CA ARG F 24 2.48 23.12 45.30
C ARG F 24 2.37 22.58 46.73
N ALA F 25 3.20 23.08 47.63
CA ALA F 25 3.20 22.68 49.02
C ALA F 25 2.54 23.76 49.86
N SER F 26 1.84 23.35 50.92
CA SER F 26 1.07 24.26 51.77
C SER F 26 1.99 25.14 52.60
N GLU F 27 3.25 24.72 52.75
CA GLU F 27 4.28 25.50 53.44
C GLU F 27 5.65 25.13 52.90
N THR F 28 6.67 25.89 53.26
CA THR F 28 7.98 25.72 52.61
C THR F 28 8.58 24.35 52.90
N VAL F 29 9.22 23.76 51.89
CA VAL F 29 9.94 22.51 52.07
C VAL F 29 11.44 22.73 51.99
N ASP F 30 11.86 23.98 52.11
CA ASP F 30 13.28 24.31 52.14
C ASP F 30 13.84 24.27 53.54
N SER F 31 15.05 23.76 53.68
CA SER F 31 15.86 23.97 54.87
C SER F 31 17.31 23.67 54.52
N TYR F 32 18.24 24.21 55.31
CA TYR F 32 19.69 24.00 55.10
C TYR F 32 20.16 24.36 53.69
N GLY F 33 19.49 25.30 53.02
CA GLY F 33 19.84 25.68 51.65
C GLY F 33 19.48 24.66 50.57
N ASN F 34 18.59 23.73 50.90
CA ASN F 34 18.09 22.74 49.95
C ASN F 34 16.57 22.71 50.00
N SER F 35 15.99 22.11 48.96
CA SER F 35 14.54 21.96 48.87
C SER F 35 14.22 20.48 48.88
N PHE F 36 13.40 20.05 49.84
CA PHE F 36 13.20 18.62 50.04
C PHE F 36 11.87 18.17 49.43
N MET F 37 11.82 18.32 48.10
CA MET F 37 10.75 17.78 47.28
C MET F 37 11.37 16.77 46.32
N HIS F 38 10.71 15.64 46.17
CA HIS F 38 11.21 14.52 45.37
C HIS F 38 10.11 14.09 44.43
N TRP F 39 10.48 13.52 43.29
CA TRP F 39 9.50 13.10 42.31
C TRP F 39 9.64 11.63 41.99
N TYR F 40 8.52 10.94 41.81
CA TYR F 40 8.50 9.51 41.51
C TYR F 40 7.63 9.22 40.32
N GLN F 41 8.00 8.20 39.57
CA GLN F 41 7.19 7.69 38.46
C GLN F 41 6.57 6.36 38.88
N GLN F 42 5.28 6.16 38.62
CA GLN F 42 4.64 4.85 38.83
C GLN F 42 3.89 4.35 37.60
N LYS F 43 4.37 3.25 37.02
CA LYS F 43 3.71 2.60 35.88
C LYS F 43 2.91 1.43 36.40
N PRO F 44 1.82 1.06 35.71
CA PRO F 44 0.95 0.00 36.24
C PRO F 44 1.71 -1.30 36.35
N GLY F 45 1.44 -2.04 37.41
CA GLY F 45 2.13 -3.28 37.69
C GLY F 45 3.59 -3.13 38.09
N GLN F 46 4.02 -1.92 38.45
CA GLN F 46 5.40 -1.71 38.87
C GLN F 46 5.43 -0.89 40.15
N PRO F 47 6.48 -1.03 40.96
CA PRO F 47 6.63 -0.13 42.09
C PRO F 47 7.00 1.29 41.63
N PRO F 48 6.76 2.29 42.49
CA PRO F 48 7.26 3.65 42.22
C PRO F 48 8.76 3.65 42.02
N LYS F 49 9.24 4.58 41.19
CA LYS F 49 10.62 4.72 40.92
C LYS F 49 11.03 6.17 41.08
N LEU F 50 12.15 6.39 41.79
CA LEU F 50 12.66 7.73 42.00
C LEU F 50 13.20 8.38 40.72
N LEU F 51 12.69 9.56 40.39
CA LEU F 51 13.19 10.36 39.26
C LEU F 51 14.15 11.49 39.65
N ILE F 52 13.70 12.31 40.58
CA ILE F 52 14.40 13.54 40.96
C ILE F 52 14.41 13.60 42.48
N TYR F 53 15.58 13.88 43.07
CA TYR F 53 15.67 14.09 44.51
C TYR F 53 16.09 15.52 44.79
N ARG F 54 15.63 16.00 45.94
CA ARG F 54 15.92 17.32 46.44
C ARG F 54 15.68 18.38 45.37
N ALA F 55 14.48 18.32 44.78
CA ALA F 55 13.93 19.30 43.81
C ALA F 55 14.54 19.29 42.41
N SER F 56 15.86 19.16 42.31
CA SER F 56 16.53 19.42 41.05
C SER F 56 17.60 18.42 40.61
N ASN F 57 17.78 17.34 41.35
CA ASN F 57 18.83 16.39 41.05
C ASN F 57 18.30 15.13 40.41
N LEU F 58 18.75 14.87 39.18
CA LEU F 58 18.42 13.63 38.48
C LEU F 58 18.99 12.40 39.19
N GLU F 59 18.17 11.39 39.43
CA GLU F 59 18.65 10.17 40.07
C GLU F 59 19.46 9.33 39.07
N SER F 60 20.58 8.82 39.52
CA SER F 60 21.39 7.94 38.69
C SER F 60 20.56 6.82 38.10
N GLY F 61 20.73 6.57 36.80
CA GLY F 61 19.97 5.51 36.12
C GLY F 61 18.74 6.02 35.38
N ILE F 62 18.33 7.26 35.67
CA ILE F 62 17.08 7.77 35.08
C ILE F 62 17.39 8.54 33.77
N PRO F 63 16.55 8.36 32.74
CA PRO F 63 16.80 9.02 31.46
C PRO F 63 16.90 10.55 31.58
N ALA F 64 17.74 11.12 30.74
CA ALA F 64 18.05 12.56 30.81
C ALA F 64 16.83 13.43 30.49
N ARG F 65 15.85 12.90 29.78
CA ARG F 65 14.67 13.70 29.46
C ARG F 65 13.87 14.12 30.68
N PHE F 66 14.17 13.55 31.84
CA PHE F 66 13.59 14.05 33.09
C PHE F 66 14.45 15.14 33.74
N SER F 67 13.80 16.17 34.25
CA SER F 67 14.46 17.19 35.08
C SER F 67 13.44 17.86 36.00
N GLY F 68 13.92 18.49 37.05
CA GLY F 68 13.06 19.15 38.02
C GLY F 68 13.64 20.47 38.51
N SER F 69 12.78 21.38 38.94
CA SER F 69 13.21 22.65 39.51
C SER F 69 12.18 23.22 40.46
N GLY F 70 12.59 24.22 41.23
CA GLY F 70 11.70 24.99 42.07
C GLY F 70 12.30 25.22 43.44
N SER F 71 11.56 25.93 44.29
CA SER F 71 11.95 26.09 45.67
C SER F 71 10.76 26.55 46.49
N ARG F 72 10.95 26.53 47.80
CA ARG F 72 9.96 26.97 48.78
C ARG F 72 8.67 26.17 48.70
N THR F 73 7.67 26.67 47.97
CA THR F 73 6.40 25.99 47.85
C THR F 73 6.02 25.57 46.42
N ASP F 74 6.80 25.97 45.41
CA ASP F 74 6.43 25.66 44.03
C ASP F 74 7.51 24.87 43.28
N PHE F 75 7.10 23.75 42.68
CA PHE F 75 8.04 22.80 42.10
C PHE F 75 7.50 22.30 40.78
N THR F 76 8.41 21.95 39.90
CA THR F 76 8.04 21.50 38.58
C THR F 76 8.84 20.26 38.22
N LEU F 77 8.20 19.32 37.54
CA LEU F 77 8.89 18.21 36.89
C LEU F 77 8.69 18.39 35.39
N THR F 78 9.76 18.25 34.63
CA THR F 78 9.69 18.41 33.19
C THR F 78 10.17 17.12 32.52
N ILE F 79 9.40 16.69 31.51
CA ILE F 79 9.75 15.55 30.67
C ILE F 79 9.90 16.09 29.27
N ASN F 80 11.09 16.01 28.71
CA ASN F 80 11.35 16.65 27.43
C ASN F 80 12.54 16.03 26.72
N PRO F 81 12.34 15.37 25.57
CA PRO F 81 11.08 15.08 24.86
C PRO F 81 10.29 13.90 25.40
N VAL F 82 8.97 14.05 25.46
CA VAL F 82 8.11 12.96 25.89
C VAL F 82 8.20 11.80 24.91
N GLU F 83 8.28 10.58 25.46
CA GLU F 83 8.22 9.34 24.68
C GLU F 83 6.97 8.54 25.04
N ALA F 84 6.60 7.61 24.16
CA ALA F 84 5.39 6.78 24.35
C ALA F 84 5.45 6.00 25.67
N ASP F 85 6.66 5.57 26.05
CA ASP F 85 6.80 4.79 27.31
C ASP F 85 6.84 5.64 28.58
N ASP F 86 6.61 6.95 28.48
CA ASP F 86 6.48 7.79 29.66
C ASP F 86 5.08 7.83 30.24
N VAL F 87 4.13 7.12 29.63
CA VAL F 87 2.81 7.00 30.22
C VAL F 87 2.91 6.33 31.60
N ALA F 88 2.34 7.01 32.57
CA ALA F 88 2.57 6.73 33.99
C ALA F 88 1.86 7.76 34.82
N THR F 89 1.78 7.49 36.13
CA THR F 89 1.43 8.51 37.10
C THR F 89 2.66 9.01 37.84
N TYR F 90 2.77 10.33 37.98
CA TYR F 90 3.93 11.01 38.55
C TYR F 90 3.52 11.65 39.86
N TYR F 91 4.33 11.44 40.91
CA TYR F 91 4.09 11.95 42.24
C TYR F 91 5.21 12.80 42.76
N CYS F 92 4.84 13.92 43.39
CA CYS F 92 5.76 14.66 44.24
C CYS F 92 5.57 14.19 45.68
N GLN F 93 6.65 14.34 46.47
CA GLN F 93 6.66 13.94 47.86
C GLN F 93 7.63 14.85 48.60
N GLN F 94 7.24 15.31 49.79
CA GLN F 94 8.12 16.16 50.59
C GLN F 94 8.66 15.42 51.80
N SER F 95 9.90 15.76 52.18
CA SER F 95 10.51 15.19 53.37
C SER F 95 11.04 16.24 54.33
N ASN F 96 10.61 17.48 54.16
CA ASN F 96 11.07 18.54 55.06
C ASN F 96 10.50 18.37 56.45
N GLU F 97 9.31 17.81 56.57
CA GLU F 97 8.79 17.50 57.91
C GLU F 97 8.02 16.20 57.87
N ASP F 98 8.11 15.50 58.98
CA ASP F 98 7.35 14.29 59.18
C ASP F 98 6.00 14.69 59.76
N PRO F 99 4.91 14.03 59.32
CA PRO F 99 4.85 12.91 58.44
C PRO F 99 5.11 13.33 57.00
N ARG F 100 5.78 12.45 56.26
CA ARG F 100 6.11 12.74 54.88
C ARG F 100 4.82 12.49 54.09
N THR F 101 4.64 13.24 53.03
CA THR F 101 3.36 13.24 52.34
C THR F 101 3.63 13.26 50.87
N PHE F 102 2.73 12.62 50.13
CA PHE F 102 2.70 12.65 48.69
C PHE F 102 1.63 13.60 48.20
N GLY F 103 1.82 14.13 47.00
CA GLY F 103 0.73 14.74 46.24
C GLY F 103 -0.21 13.69 45.67
N GLY F 104 -1.30 14.14 45.04
CA GLY F 104 -2.34 13.23 44.55
C GLY F 104 -2.01 12.51 43.26
N GLY F 105 -0.91 12.88 42.62
CA GLY F 105 -0.53 12.25 41.36
C GLY F 105 -1.05 12.99 40.13
N THR F 106 -0.28 12.87 39.05
CA THR F 106 -0.63 13.40 37.75
C THR F 106 -0.39 12.31 36.72
N LYS F 107 -1.43 11.98 35.98
CA LYS F 107 -1.34 10.96 34.96
C LYS F 107 -0.90 11.58 33.66
N LEU F 108 0.12 11.01 33.04
CA LEU F 108 0.59 11.50 31.74
C LEU F 108 -0.01 10.63 30.65
N GLU F 109 -0.62 11.26 29.66
CA GLU F 109 -1.24 10.54 28.55
C GLU F 109 -0.64 11.10 27.26
N ILE F 110 -0.57 10.26 26.25
CA ILE F 110 -0.08 10.67 24.94
C ILE F 110 -1.24 11.05 24.02
N LYS F 111 -1.14 12.21 23.37
CA LYS F 111 -2.05 12.63 22.29
C LYS F 111 -1.61 11.98 21.00
N ARG F 112 -2.58 11.48 20.24
CA ARG F 112 -2.30 10.60 19.14
C ARG F 112 -3.44 10.69 18.12
N ALA F 113 -3.25 10.19 16.91
CA ALA F 113 -4.33 10.14 15.90
C ALA F 113 -5.45 9.18 16.31
N ASP F 114 -6.69 9.54 15.95
CA ASP F 114 -7.85 8.70 16.21
C ASP F 114 -7.66 7.33 15.59
N ALA F 115 -8.22 6.31 16.24
CA ALA F 115 -8.14 4.94 15.76
C ALA F 115 -9.40 4.20 16.20
N ALA F 116 -9.99 3.47 15.27
CA ALA F 116 -11.18 2.69 15.54
C ALA F 116 -10.78 1.36 16.17
N PRO F 117 -11.62 0.81 17.07
CA PRO F 117 -11.29 -0.45 17.71
C PRO F 117 -11.41 -1.64 16.77
N THR F 118 -10.65 -2.69 17.06
CA THR F 118 -10.91 -4.00 16.49
C THR F 118 -11.73 -4.72 17.53
N VAL F 119 -12.88 -5.25 17.14
CA VAL F 119 -13.77 -5.89 18.09
C VAL F 119 -13.84 -7.41 17.93
N SER F 120 -13.75 -8.12 19.05
CA SER F 120 -13.90 -9.57 19.08
C SER F 120 -14.96 -9.94 20.09
N ILE F 121 -15.82 -10.90 19.74
CA ILE F 121 -16.88 -11.33 20.64
C ILE F 121 -16.78 -12.83 20.84
N PHE F 122 -17.06 -13.26 22.06
CA PHE F 122 -16.90 -14.66 22.44
C PHE F 122 -18.14 -15.11 23.19
N PRO F 123 -18.82 -16.14 22.67
CA PRO F 123 -19.88 -16.75 23.47
C PRO F 123 -19.30 -17.48 24.69
N PRO F 124 -20.14 -17.88 25.64
CA PRO F 124 -19.68 -18.68 26.76
C PRO F 124 -18.98 -19.95 26.32
N SER F 125 -17.84 -20.25 26.92
CA SER F 125 -17.13 -21.50 26.64
C SER F 125 -17.96 -22.68 27.16
N SER F 126 -17.80 -23.84 26.54
CA SER F 126 -18.53 -25.06 27.00
C SER F 126 -18.17 -25.35 28.44
N GLU F 127 -16.90 -25.14 28.78
CA GLU F 127 -16.44 -25.32 30.14
C GLU F 127 -17.29 -24.58 31.13
N GLN F 128 -17.56 -23.31 30.83
CA GLN F 128 -18.33 -22.49 31.76
C GLN F 128 -19.81 -22.91 31.79
N LEU F 129 -20.35 -23.23 30.62
CA LEU F 129 -21.73 -23.74 30.51
C LEU F 129 -21.84 -25.04 31.30
N THR F 130 -20.87 -25.93 31.10
CA THR F 130 -20.75 -27.17 31.88
C THR F 130 -20.78 -26.91 33.39
N SER F 131 -20.12 -25.84 33.81
CA SER F 131 -20.05 -25.46 35.22
C SER F 131 -21.36 -24.86 35.74
N GLY F 132 -22.12 -24.21 34.86
CA GLY F 132 -23.43 -23.65 35.23
C GLY F 132 -23.55 -22.14 35.06
N GLY F 133 -22.49 -21.47 34.63
CA GLY F 133 -22.52 -20.01 34.42
C GLY F 133 -22.42 -19.68 32.95
N ALA F 134 -22.57 -18.40 32.62
CA ALA F 134 -22.45 -17.94 31.24
C ALA F 134 -22.02 -16.48 31.18
N SER F 135 -20.82 -16.24 30.65
CA SER F 135 -20.35 -14.89 30.41
C SER F 135 -20.10 -14.73 28.93
N VAL F 136 -20.54 -13.60 28.38
CA VAL F 136 -20.26 -13.26 27.00
C VAL F 136 -19.26 -12.13 27.04
N VAL F 137 -18.18 -12.26 26.29
CA VAL F 137 -17.07 -11.32 26.37
C VAL F 137 -16.85 -10.60 25.05
N CYS F 138 -16.64 -9.31 25.15
CA CYS F 138 -16.27 -8.51 24.01
C CYS F 138 -14.95 -7.76 24.32
N PHE F 139 -13.97 -7.86 23.42
CA PHE F 139 -12.78 -7.04 23.48
C PHE F 139 -12.86 -5.97 22.40
N LEU F 140 -12.64 -4.72 22.80
CA LEU F 140 -12.45 -3.63 21.87
C LEU F 140 -10.98 -3.24 21.96
N ASN F 141 -10.22 -3.51 20.90
CA ASN F 141 -8.77 -3.39 21.00
C ASN F 141 -8.16 -2.28 20.18
N ASN F 142 -7.15 -1.64 20.78
CA ASN F 142 -6.29 -0.66 20.12
C ASN F 142 -7.04 0.49 19.47
N PHE F 143 -7.77 1.22 20.29
CA PHE F 143 -8.52 2.37 19.85
C PHE F 143 -8.03 3.64 20.53
N TYR F 144 -8.40 4.78 19.95
CA TYR F 144 -8.08 6.08 20.50
C TYR F 144 -9.10 7.09 19.95
N PRO F 145 -9.63 7.99 20.80
CA PRO F 145 -9.33 8.25 22.22
C PRO F 145 -9.94 7.24 23.18
N LYS F 146 -9.67 7.41 24.48
CA LYS F 146 -10.06 6.46 25.50
C LYS F 146 -11.56 6.38 25.64
N ASP F 147 -12.22 7.52 25.44
CA ASP F 147 -13.67 7.63 25.52
C ASP F 147 -14.35 6.89 24.40
N ILE F 148 -14.88 5.73 24.74
CA ILE F 148 -15.67 4.95 23.83
C ILE F 148 -16.85 4.39 24.63
N ASN F 149 -17.95 4.15 23.94
CA ASN F 149 -19.14 3.60 24.56
C ASN F 149 -19.44 2.22 24.00
N VAL F 150 -19.72 1.28 24.90
CA VAL F 150 -20.06 -0.08 24.50
C VAL F 150 -21.46 -0.40 25.01
N LYS F 151 -22.28 -0.99 24.15
CA LYS F 151 -23.60 -1.46 24.58
C LYS F 151 -23.87 -2.85 24.07
N TRP F 152 -24.60 -3.61 24.88
CA TRP F 152 -24.99 -4.94 24.56
C TRP F 152 -26.46 -4.92 24.15
N LYS F 153 -26.80 -5.68 23.12
CA LYS F 153 -28.20 -5.91 22.77
C LYS F 153 -28.46 -7.40 22.75
N ILE F 154 -29.51 -7.81 23.43
CA ILE F 154 -29.97 -9.18 23.43
C ILE F 154 -31.43 -9.17 22.92
N ASP F 155 -31.71 -9.79 21.77
CA ASP F 155 -33.09 -10.03 21.30
C ASP F 155 -34.01 -8.81 21.51
N GLY F 156 -33.61 -7.70 20.91
CA GLY F 156 -34.44 -6.51 20.91
C GLY F 156 -34.43 -5.67 22.17
N SER F 157 -33.58 -6.01 23.14
CA SER F 157 -33.35 -5.14 24.32
C SER F 157 -31.85 -4.83 24.59
N GLU F 158 -31.52 -3.56 24.73
CA GLU F 158 -30.21 -3.11 25.22
C GLU F 158 -30.03 -3.45 26.70
N ARG F 159 -29.08 -4.33 26.99
CA ARG F 159 -28.78 -4.76 28.37
C ARG F 159 -27.72 -3.86 28.99
N GLN F 160 -27.98 -3.35 30.18
CA GLN F 160 -26.95 -2.64 30.97
C GLN F 160 -26.92 -3.11 32.42
N ASN F 161 -27.53 -4.26 32.70
CA ASN F 161 -27.50 -4.89 33.99
C ASN F 161 -26.42 -5.96 33.90
N GLY F 162 -25.49 -6.02 34.84
CA GLY F 162 -24.52 -7.12 34.90
C GLY F 162 -23.41 -7.02 33.85
N VAL F 163 -23.13 -5.81 33.40
CA VAL F 163 -22.07 -5.53 32.41
C VAL F 163 -20.86 -4.91 33.10
N LEU F 164 -19.69 -5.53 32.93
CA LEU F 164 -18.44 -5.06 33.53
C LEU F 164 -17.49 -4.63 32.44
N ASN F 165 -17.13 -3.35 32.48
CA ASN F 165 -16.28 -2.77 31.48
C ASN F 165 -14.98 -2.31 32.13
N SER F 166 -13.86 -2.75 31.55
CA SER F 166 -12.54 -2.50 32.11
C SER F 166 -11.58 -2.04 31.03
N TRP F 167 -10.92 -0.91 31.28
CA TRP F 167 -9.98 -0.34 30.30
C TRP F 167 -8.55 -0.69 30.69
N THR F 168 -7.70 -0.91 29.70
CA THR F 168 -6.27 -1.01 29.94
C THR F 168 -5.75 0.40 30.16
N ASP F 169 -4.56 0.49 30.71
CA ASP F 169 -3.85 1.74 30.70
C ASP F 169 -3.40 1.97 29.27
N GLN F 170 -2.97 3.17 28.97
CA GLN F 170 -2.52 3.50 27.62
C GLN F 170 -1.30 2.66 27.26
N ASN F 171 -1.30 2.11 26.05
CA ASN F 171 -0.24 1.24 25.60
C ASN F 171 1.08 2.00 25.47
N SER F 172 2.14 1.41 25.99
CA SER F 172 3.43 2.10 26.10
C SER F 172 4.18 2.20 24.77
N LYS F 173 3.74 1.47 23.74
CA LYS F 173 4.36 1.51 22.43
C LYS F 173 3.55 2.30 21.39
N ASP F 174 2.25 1.99 21.24
CA ASP F 174 1.41 2.63 20.19
C ASP F 174 0.40 3.67 20.70
N SER F 175 0.35 3.85 22.03
CA SER F 175 -0.46 4.87 22.67
C SER F 175 -1.98 4.70 22.49
N THR F 176 -2.42 3.47 22.16
CA THR F 176 -3.84 3.16 22.08
C THR F 176 -4.33 2.62 23.39
N TYR F 177 -5.65 2.51 23.49
CA TYR F 177 -6.33 1.89 24.62
C TYR F 177 -7.05 0.62 24.13
N SER F 178 -7.33 -0.28 25.05
CA SER F 178 -8.16 -1.44 24.80
C SER F 178 -9.11 -1.58 25.95
N MET F 179 -10.20 -2.29 25.75
CA MET F 179 -11.13 -2.53 26.83
C MET F 179 -11.87 -3.82 26.66
N SER F 180 -12.27 -4.40 27.78
CA SER F 180 -13.05 -5.63 27.79
C SER F 180 -14.41 -5.29 28.32
N SER F 181 -15.42 -5.89 27.72
CA SER F 181 -16.78 -5.76 28.20
C SER F 181 -17.34 -7.15 28.36
N THR F 182 -17.75 -7.46 29.58
CA THR F 182 -18.23 -8.79 29.92
C THR F 182 -19.65 -8.71 30.42
N LEU F 183 -20.53 -9.43 29.74
CA LEU F 183 -21.91 -9.57 30.15
C LEU F 183 -22.05 -10.91 30.85
N THR F 184 -22.35 -10.87 32.14
CA THR F 184 -22.54 -12.08 32.90
C THR F 184 -24.03 -12.31 33.14
N LEU F 185 -24.44 -13.56 32.98
CA LEU F 185 -25.83 -13.94 33.15
C LEU F 185 -25.80 -15.41 33.61
N THR F 186 -26.93 -15.95 34.04
CA THR F 186 -26.96 -17.37 34.38
C THR F 186 -27.10 -18.18 33.08
N LYS F 187 -26.78 -19.46 33.17
CA LYS F 187 -26.88 -20.34 32.01
C LYS F 187 -28.30 -20.35 31.44
N ASP F 188 -29.27 -20.42 32.33
CA ASP F 188 -30.68 -20.45 31.94
C ASP F 188 -31.09 -19.21 31.16
N GLU F 189 -30.67 -18.02 31.60
CA GLU F 189 -31.00 -16.81 30.85
C GLU F 189 -30.27 -16.81 29.53
N TYR F 190 -29.01 -17.27 29.54
CA TYR F 190 -28.23 -17.29 28.31
C TYR F 190 -28.96 -18.12 27.24
N GLU F 191 -29.41 -19.30 27.65
CA GLU F 191 -30.04 -20.26 26.74
C GLU F 191 -31.47 -19.84 26.35
N ARG F 192 -32.06 -18.91 27.10
CA ARG F 192 -33.38 -18.35 26.76
C ARG F 192 -33.33 -17.38 25.56
N HIS F 193 -32.14 -16.87 25.23
CA HIS F 193 -32.04 -15.87 24.17
C HIS F 193 -31.20 -16.36 23.00
N ASN F 194 -31.36 -15.69 21.87
CA ASN F 194 -30.77 -16.13 20.63
C ASN F 194 -29.64 -15.21 20.14
N SER F 195 -29.91 -13.92 20.03
CA SER F 195 -29.01 -13.00 19.35
C SER F 195 -28.23 -12.13 20.35
N TYR F 196 -26.90 -12.12 20.24
CA TYR F 196 -26.06 -11.36 21.18
C TYR F 196 -25.18 -10.42 20.41
N THR F 197 -25.22 -9.15 20.79
CA THR F 197 -24.50 -8.13 20.06
C THR F 197 -23.73 -7.22 21.01
N CYS F 198 -22.44 -7.08 20.73
CA CYS F 198 -21.63 -6.07 21.41
C CYS F 198 -21.42 -4.96 20.39
N GLU F 199 -21.65 -3.71 20.80
CA GLU F 199 -21.35 -2.61 19.90
C GLU F 199 -20.64 -1.41 20.52
N ALA F 200 -19.72 -0.87 19.74
CA ALA F 200 -18.86 0.22 20.14
C ALA F 200 -19.26 1.50 19.41
N THR F 201 -19.50 2.56 20.16
CA THR F 201 -19.75 3.87 19.54
C THR F 201 -18.67 4.85 19.99
N HIS F 202 -18.08 5.51 18.98
CA HIS F 202 -16.73 6.05 19.02
C HIS F 202 -16.71 7.57 19.12
N SER F 207 -21.78 5.34 12.32
CA SER F 207 -21.43 3.94 12.06
C SER F 207 -20.78 3.25 13.26
N PRO F 208 -21.62 2.78 14.21
CA PRO F 208 -21.10 1.95 15.29
C PRO F 208 -20.41 0.70 14.76
N ILE F 209 -19.37 0.25 15.47
CA ILE F 209 -18.72 -1.01 15.13
C ILE F 209 -19.35 -2.10 15.97
N VAL F 210 -19.70 -3.20 15.30
CA VAL F 210 -20.59 -4.19 15.87
C VAL F 210 -20.01 -5.59 15.63
N LYS F 211 -20.16 -6.46 16.61
CA LYS F 211 -19.95 -7.89 16.46
C LYS F 211 -21.10 -8.61 17.15
N SER F 212 -21.63 -9.62 16.47
CA SER F 212 -22.82 -10.33 16.90
C SER F 212 -22.70 -11.80 16.58
N PHE F 213 -23.42 -12.62 17.35
CA PHE F 213 -23.59 -14.03 17.02
C PHE F 213 -24.98 -14.49 17.43
N ASN F 214 -25.42 -15.60 16.83
CA ASN F 214 -26.64 -16.28 17.26
C ASN F 214 -26.25 -17.59 17.92
N ARG F 215 -26.99 -18.00 18.94
CA ARG F 215 -26.69 -19.23 19.65
C ARG F 215 -26.68 -20.51 18.81
N ASN F 216 -25.58 -21.26 18.96
CA ASN F 216 -25.36 -22.53 18.27
C ASN F 216 -24.22 -23.33 18.93
C1 GN1 G . 44.62 18.56 7.30
OP1 GN1 G . 44.82 15.71 9.56
P GN1 G . 44.37 16.07 8.30
OP2 GN1 G . 43.04 15.82 8.06
OP3 GN1 G . 45.26 15.93 7.23
C2 GN1 G . 45.49 19.76 7.78
C3 GN1 G . 44.74 20.64 8.75
C4 GN1 G . 43.41 21.05 8.10
C5 GN1 G . 42.65 19.84 7.50
C6 GN1 G . 41.50 20.32 6.62
C8 GN1 G . 49.07 18.86 8.44
O1 GN1 G . 44.34 17.62 8.37
O3 GN1 G . 45.51 21.79 9.07
O4 GN1 G . 42.61 21.67 9.06
O5 GN1 G . 43.44 19.03 6.70
N2 GN1 G . 46.71 19.26 8.38
C7 GN1 G . 47.87 19.45 7.76
O6 GN1 G . 41.98 21.20 5.62
O7 GN1 G . 48.00 20.08 6.73
O7 GN4 G . 44.08 23.60 4.61
C7 GN4 G . 43.00 24.12 4.76
C8 GN4 G . 42.90 25.43 5.49
N2 GN4 G . 41.88 23.65 4.29
C2 GN4 G . 41.79 22.36 3.62
C1 GN4 G . 41.10 21.41 4.58
O5 GN4 G . 40.71 20.19 3.98
C5 GN4 G . 40.07 20.20 2.72
C6 GN4 G . 40.02 18.83 1.99
O6 GN4 G . 40.04 17.83 2.81
C3 GN4 G . 41.05 22.50 2.32
C4 GN4 G . 40.77 21.09 1.74
O4 GN4 G . 40.02 21.14 0.55
P45 GN4 G . 40.55 20.64 -0.76
O47 GN4 G . 40.75 19.27 -0.67
O46 GN4 G . 39.48 20.98 -1.58
O48 GN4 G . 41.73 21.39 -0.94
O3 GN4 G . 41.78 23.26 1.42
C1 GN1 H . -33.96 4.69 -51.97
OP1 GN1 H . -35.88 2.09 -53.22
P GN1 H . -35.37 2.51 -52.07
OP2 GN1 H . -34.54 1.67 -51.42
OP3 GN1 H . -36.20 3.27 -51.32
C2 GN1 H . -33.96 5.93 -52.88
C3 GN1 H . -32.89 5.89 -53.95
C4 GN1 H . -31.54 5.68 -53.22
C5 GN1 H . -31.59 4.56 -52.11
C6 GN1 H . -30.38 4.66 -51.22
C8 GN1 H . -35.65 8.12 -52.22
O1 GN1 H . -34.42 3.52 -52.60
O3 GN1 H . -32.92 7.07 -54.77
O4 GN1 H . -30.54 5.38 -54.12
O5 GN1 H . -32.72 4.63 -51.35
N2 GN1 H . -35.27 6.13 -53.48
C7 GN1 H . -36.07 7.13 -53.21
O6 GN1 H . -30.49 5.77 -50.44
O7 GN1 H . -37.14 7.29 -53.75
O7 GN4 H . -30.69 9.16 -50.64
C7 GN4 H . -29.50 9.01 -50.69
C8 GN4 H . -28.66 9.84 -51.66
N2 GN4 H . -28.86 8.15 -49.96
C2 GN4 H . -29.54 7.34 -49.01
C1 GN4 H . -29.57 5.86 -49.45
O5 GN4 H . -29.91 5.01 -48.44
C5 GN4 H . -29.20 5.12 -47.26
C6 GN4 H . -29.59 4.07 -46.25
O6 GN4 H . -30.87 4.23 -45.81
C3 GN4 H . -28.87 7.55 -47.69
C4 GN4 H . -29.38 6.54 -46.69
O4 GN4 H . -28.75 6.70 -45.47
P45 GN4 H . -29.46 7.07 -44.24
O47 GN4 H . -29.94 8.30 -44.49
O46 GN4 H . -30.44 6.13 -43.96
O48 GN4 H . -28.46 7.05 -43.34
O3 GN4 H . -29.07 8.88 -47.22
C1 GN1 I . 20.49 8.50 63.97
OP1 GN1 I . 19.02 5.77 64.61
P GN1 I . 20.36 6.02 64.84
OP2 GN1 I . 21.20 5.90 63.74
OP3 GN1 I . 20.84 5.59 66.08
C2 GN1 I . 21.31 9.72 64.45
C3 GN1 I . 20.57 10.58 65.46
C4 GN1 I . 19.25 11.00 64.84
C5 GN1 I . 18.47 9.82 64.24
C6 GN1 I . 17.35 10.36 63.37
C8 GN1 I . 24.97 9.04 65.00
O1 GN1 I . 20.35 7.51 65.03
O3 GN1 I . 21.31 11.73 65.79
O4 GN1 I . 18.49 11.65 65.79
O5 GN1 I . 19.26 8.93 63.45
N2 GN1 I . 22.59 9.29 64.98
C7 GN1 I . 23.71 9.60 64.38
O6 GN1 I . 17.89 11.02 62.25
O7 GN1 I . 23.78 10.26 63.36
O7 GN4 I . 19.90 13.52 61.48
C7 GN4 I . 18.81 14.04 61.56
C8 GN4 I . 18.66 15.32 62.33
N2 GN4 I . 17.73 13.56 61.01
C2 GN4 I . 17.74 12.28 60.31
C1 GN4 I . 17.06 11.26 61.24
O5 GN4 I . 16.74 10.03 60.62
C5 GN4 I . 15.96 10.21 59.44
C6 GN4 I . 15.42 8.87 58.90
O6 GN4 I . 16.42 8.12 58.33
C3 GN4 I . 17.07 12.40 58.91
C4 GN4 I . 16.73 11.02 58.37
O4 GN4 I . 16.02 11.17 57.17
P45 GN4 I . 16.51 10.66 55.84
O47 GN4 I . 17.71 11.34 55.66
O46 GN4 I . 16.67 9.25 56.00
O48 GN4 I . 15.47 11.08 55.00
O3 GN4 I . 17.89 13.06 58.01
CL CL J . -27.65 -7.71 -50.86
CL CL K . 0.80 10.54 51.89
#